data_3B8O
#
_entry.id   3B8O
#
_cell.length_a   107.438
_cell.length_b   108.299
_cell.length_c   122.569
_cell.angle_alpha   90.000
_cell.angle_beta   102.150
_cell.angle_gamma   90.000
#
_symmetry.space_group_name_H-M   'P 1 21 1'
#
loop_
_entity.id
_entity.type
_entity.pdbx_description
1 polymer 'Lipopolysaccharide biosynthesis protein wzzE'
2 water water
#
_entity_poly.entity_id   1
_entity_poly.type   'polypeptide(L)'
_entity_poly.pdbx_seq_one_letter_code
;EWSSTAITDRPTVN(MSE)LGGYYSQQQFLRNLDVRSN(MSE)ASADQPSV(MSE)DEAYKEFV(MSE)QLASWDTRREF
WLQTDYYKQR(MSE)VGNSKADAALLDE(MSE)INNIQFIPGDFTRAVNDSVKLIAETAPDANNLLRQYVAFASQRAASH
LNDELKGAWAARTIQ(MSE)KAQVKRQEEVAKAIYDRR(MSE)NSIEQALKIAEQHNISRSATDVPAEELPDSE(MSE)F
LLGRP(MSE)LQARLENLQAVGPAFDLDYDQNRA(MSE)LNTLNVGPTLDPRFQTYRYLRTPEEPVKRD
;
_entity_poly.pdbx_strand_id   A,B,C,D,E,F,G,H
#
# COMPACT_ATOMS: atom_id res chain seq x y z
N GLU A 1 34.72 15.40 -37.29
CA GLU A 1 34.17 14.84 -38.54
C GLU A 1 33.85 13.30 -38.55
N TRP A 2 34.28 12.54 -37.52
CA TRP A 2 33.94 11.12 -37.43
C TRP A 2 33.43 10.80 -36.05
N SER A 3 32.37 10.01 -35.93
CA SER A 3 31.81 9.73 -34.60
C SER A 3 31.48 8.28 -34.33
N SER A 4 31.78 7.89 -33.11
CA SER A 4 31.55 6.58 -32.60
C SER A 4 30.39 6.60 -31.61
N THR A 5 29.74 5.45 -31.46
CA THR A 5 28.58 5.31 -30.58
C THR A 5 28.71 4.09 -29.68
N ALA A 6 28.27 4.26 -28.44
CA ALA A 6 28.13 3.14 -27.52
C ALA A 6 26.78 3.17 -26.81
N ILE A 7 26.36 2.01 -26.34
CA ILE A 7 25.10 1.84 -25.66
C ILE A 7 25.37 0.94 -24.48
N THR A 8 24.99 1.41 -23.30
CA THR A 8 25.36 0.74 -22.06
C THR A 8 24.13 0.39 -21.33
N ASP A 9 24.27 -0.55 -20.41
CA ASP A 9 23.24 -0.79 -19.41
C ASP A 9 23.99 -1.26 -18.17
N ARG A 10 23.25 -1.42 -17.08
CA ARG A 10 23.75 -1.78 -15.75
C ARG A 10 24.53 -3.05 -15.76
N PRO A 11 25.54 -3.18 -14.88
CA PRO A 11 26.41 -4.36 -14.81
C PRO A 11 25.68 -5.56 -14.23
N THR A 12 26.37 -6.69 -14.13
CA THR A 12 25.82 -7.86 -13.49
C THR A 12 26.64 -8.13 -12.25
N VAL A 13 26.22 -9.14 -11.50
CA VAL A 13 26.88 -9.48 -10.24
C VAL A 13 28.37 -9.78 -10.42
N ASN A 14 28.72 -10.54 -11.44
CA ASN A 14 30.11 -10.94 -11.64
C ASN A 14 30.97 -9.80 -12.06
N LEU A 16 30.76 -6.97 -11.00
CA LEU A 16 31.02 -6.21 -9.77
C LEU A 16 32.09 -6.76 -8.80
N GLY A 17 32.42 -8.05 -8.93
CA GLY A 17 33.49 -8.66 -8.11
C GLY A 17 33.29 -8.43 -6.62
N GLY A 18 34.38 -8.46 -5.86
CA GLY A 18 34.30 -8.33 -4.38
C GLY A 18 33.44 -7.18 -3.81
N TYR A 19 33.13 -6.20 -4.65
CA TYR A 19 32.32 -5.08 -4.19
C TYR A 19 30.92 -5.52 -3.87
N TYR A 20 30.34 -6.38 -4.71
CA TYR A 20 28.96 -6.81 -4.45
C TYR A 20 28.77 -7.36 -3.04
N SER A 21 29.56 -8.37 -2.68
CA SER A 21 29.39 -9.09 -1.42
C SER A 21 29.79 -8.29 -0.17
N GLN A 22 30.56 -7.21 -0.36
CA GLN A 22 30.89 -6.31 0.72
C GLN A 22 29.73 -5.37 0.98
N GLN A 23 29.08 -4.96 -0.09
CA GLN A 23 27.97 -4.02 -0.05
C GLN A 23 26.72 -4.64 0.56
N GLN A 24 26.42 -5.88 0.21
CA GLN A 24 25.33 -6.66 0.81
C GLN A 24 25.62 -6.96 2.28
N PHE A 25 26.88 -7.19 2.59
CA PHE A 25 27.28 -7.41 3.96
C PHE A 25 26.91 -6.19 4.82
N LEU A 26 27.18 -4.98 4.34
CA LEU A 26 26.83 -3.80 5.12
C LEU A 26 25.35 -3.47 5.10
N ARG A 27 24.63 -3.94 4.10
CA ARG A 27 23.17 -3.76 4.06
C ARG A 27 22.51 -4.71 5.03
N ASN A 28 23.14 -5.85 5.30
CA ASN A 28 22.59 -6.82 6.24
C ASN A 28 22.90 -6.47 7.70
N LEU A 29 23.42 -5.26 7.91
CA LEU A 29 23.69 -4.75 9.24
C LEU A 29 22.81 -3.54 9.55
N ASP A 30 22.46 -2.77 8.52
CA ASP A 30 21.59 -1.59 8.69
C ASP A 30 20.09 -1.94 8.79
N VAL A 31 19.80 -3.07 9.44
CA VAL A 31 18.43 -3.57 9.53
C VAL A 31 18.12 -4.14 10.92
N PRO A 41 16.37 -0.73 -4.14
CA PRO A 41 17.11 -0.76 -5.44
C PRO A 41 18.36 -1.60 -5.31
N SER A 42 18.65 -2.43 -6.31
CA SER A 42 19.80 -3.33 -6.29
C SER A 42 21.16 -2.62 -6.16
N VAL A 43 22.20 -3.40 -5.89
CA VAL A 43 23.55 -2.89 -5.86
C VAL A 43 23.97 -2.56 -7.27
N ASP A 45 22.05 -1.55 -9.79
CA ASP A 45 21.37 -0.35 -10.23
C ASP A 45 22.08 0.89 -9.72
N GLU A 46 22.57 0.81 -8.48
CA GLU A 46 23.26 1.94 -7.87
C GLU A 46 24.69 2.09 -8.41
N ALA A 47 25.30 0.98 -8.85
CA ALA A 47 26.60 1.04 -9.57
C ALA A 47 26.47 1.80 -10.89
N TYR A 48 25.46 1.39 -11.64
CA TYR A 48 25.22 1.88 -12.96
C TYR A 48 24.83 3.34 -12.89
N LYS A 49 24.07 3.71 -11.86
CA LYS A 49 23.71 5.10 -11.69
C LYS A 49 24.98 5.99 -11.52
N GLU A 50 25.94 5.56 -10.72
CA GLU A 50 27.20 6.27 -10.65
C GLU A 50 27.96 6.29 -11.99
N PHE A 51 27.88 5.19 -12.75
CA PHE A 51 28.55 5.11 -14.05
C PHE A 51 28.01 6.16 -15.02
N VAL A 52 26.70 6.13 -15.23
CA VAL A 52 25.97 7.09 -16.03
C VAL A 52 26.32 8.55 -15.63
N GLN A 54 29.10 9.58 -13.98
CA GLN A 54 30.50 9.78 -14.40
C GLN A 54 30.60 10.00 -15.91
N LEU A 55 29.86 9.21 -16.66
CA LEU A 55 29.82 9.28 -18.12
C LEU A 55 29.36 10.64 -18.59
N ALA A 56 28.27 11.16 -18.01
CA ALA A 56 27.74 12.45 -18.47
C ALA A 56 28.59 13.62 -17.98
N SER A 57 29.43 13.36 -16.98
CA SER A 57 30.00 14.47 -16.22
C SER A 57 30.96 15.32 -17.09
N TRP A 58 30.86 16.62 -16.90
CA TRP A 58 31.77 17.57 -17.53
C TRP A 58 33.18 17.41 -17.01
N ASP A 59 33.33 17.31 -15.69
CA ASP A 59 34.62 17.05 -15.04
C ASP A 59 35.27 15.77 -15.64
N THR A 60 34.53 14.68 -15.71
CA THR A 60 35.04 13.43 -16.26
C THR A 60 35.55 13.66 -17.68
N ARG A 61 34.80 14.41 -18.47
CA ARG A 61 35.22 14.67 -19.83
C ARG A 61 36.47 15.53 -19.91
N ARG A 62 36.52 16.58 -19.08
CA ARG A 62 37.69 17.44 -19.00
C ARG A 62 38.90 16.63 -18.65
N GLU A 63 38.77 15.75 -17.66
CA GLU A 63 39.91 15.03 -17.15
C GLU A 63 40.34 13.93 -18.10
N PHE A 64 39.38 13.28 -18.77
CA PHE A 64 39.73 12.31 -19.80
C PHE A 64 40.63 12.93 -20.91
N TRP A 65 40.19 14.04 -21.50
CA TRP A 65 40.93 14.64 -22.59
C TRP A 65 42.36 15.04 -22.17
N LEU A 66 42.48 15.66 -20.99
CA LEU A 66 43.77 16.12 -20.48
C LEU A 66 44.81 14.99 -20.35
N GLN A 67 44.33 13.75 -20.32
CA GLN A 67 45.19 12.58 -20.04
C GLN A 67 45.43 11.82 -21.37
N THR A 68 44.99 12.41 -22.44
CA THR A 68 44.94 11.76 -23.73
C THR A 68 46.13 12.27 -24.59
N ASP A 69 46.84 11.35 -25.23
CA ASP A 69 47.86 11.71 -26.23
C ASP A 69 47.23 12.48 -27.38
N TYR A 70 46.04 12.07 -27.79
CA TYR A 70 45.19 12.81 -28.73
C TYR A 70 45.17 14.33 -28.49
N TYR A 71 44.64 14.77 -27.34
CA TYR A 71 44.59 16.17 -26.95
C TYR A 71 46.01 16.72 -26.82
N LYS A 72 46.89 15.97 -26.17
CA LYS A 72 48.25 16.51 -25.95
C LYS A 72 49.01 16.88 -27.24
N GLN A 73 48.86 16.09 -28.30
CA GLN A 73 49.60 16.32 -29.55
C GLN A 73 49.01 17.50 -30.28
N ARG A 74 47.80 17.94 -29.88
CA ARG A 74 47.11 19.06 -30.53
C ARG A 74 47.30 20.39 -29.75
N VAL A 76 49.45 23.51 -28.65
CA VAL A 76 50.48 24.36 -29.29
C VAL A 76 51.32 25.16 -28.26
N GLY A 77 50.97 25.06 -26.97
CA GLY A 77 51.71 25.76 -25.93
C GLY A 77 51.26 27.20 -25.74
N ASN A 78 50.22 27.57 -26.46
CA ASN A 78 49.51 28.80 -26.19
C ASN A 78 48.43 28.40 -25.19
N SER A 79 48.34 29.10 -24.08
CA SER A 79 47.49 28.60 -22.98
C SER A 79 46.01 28.82 -23.25
N LYS A 80 45.69 30.00 -23.76
CA LYS A 80 44.33 30.37 -24.13
C LYS A 80 43.80 29.44 -25.23
N ALA A 81 44.61 29.20 -26.26
CA ALA A 81 44.19 28.33 -27.31
C ALA A 81 44.11 26.85 -26.86
N ASP A 82 45.08 26.37 -26.09
CA ASP A 82 45.00 25.03 -25.51
C ASP A 82 43.76 24.84 -24.63
N ALA A 83 43.36 25.89 -23.90
CA ALA A 83 42.10 25.78 -23.12
C ALA A 83 40.81 25.74 -23.99
N ALA A 84 40.80 26.52 -25.07
CA ALA A 84 39.66 26.56 -25.98
C ALA A 84 39.49 25.22 -26.74
N LEU A 85 40.60 24.61 -27.09
CA LEU A 85 40.59 23.29 -27.72
C LEU A 85 40.09 22.21 -26.74
N LEU A 86 40.48 22.33 -25.49
CA LEU A 86 39.98 21.46 -24.42
C LEU A 86 38.44 21.53 -24.31
N ASP A 87 37.91 22.74 -24.37
CA ASP A 87 36.47 22.94 -24.30
C ASP A 87 35.77 22.33 -25.50
N GLU A 88 36.28 22.58 -26.70
CA GLU A 88 35.68 22.06 -27.92
C GLU A 88 35.62 20.50 -27.84
N ILE A 90 35.61 18.73 -24.91
CA ILE A 90 34.59 18.37 -23.94
C ILE A 90 33.22 18.29 -24.63
N ASN A 91 32.91 19.26 -25.49
CA ASN A 91 31.63 19.22 -26.20
C ASN A 91 31.56 18.19 -27.32
N ASN A 92 32.67 17.50 -27.58
CA ASN A 92 32.63 16.42 -28.56
C ASN A 92 32.24 15.07 -28.01
N ILE A 93 31.95 15.00 -26.72
CA ILE A 93 31.44 13.77 -26.12
C ILE A 93 30.04 14.13 -25.68
N GLN A 94 29.04 13.44 -26.23
CA GLN A 94 27.62 13.74 -26.05
C GLN A 94 26.95 12.53 -25.42
N PHE A 95 26.43 12.71 -24.20
CA PHE A 95 25.71 11.64 -23.51
C PHE A 95 24.25 11.88 -23.75
N ILE A 96 23.49 10.79 -23.91
CA ILE A 96 22.07 10.85 -24.22
C ILE A 96 21.30 9.93 -23.29
N PRO A 97 20.55 10.49 -22.33
CA PRO A 97 19.88 9.52 -21.47
C PRO A 97 18.82 8.72 -22.21
N GLY A 98 18.69 7.45 -21.82
CA GLY A 98 17.53 6.66 -22.22
C GLY A 98 16.20 7.08 -21.59
N ASP A 99 15.13 6.40 -22.02
CA ASP A 99 13.80 6.58 -21.48
C ASP A 99 13.10 5.23 -21.55
N PHE A 100 12.80 4.66 -20.37
CA PHE A 100 12.27 3.28 -20.35
C PHE A 100 10.81 3.11 -20.73
N THR A 101 10.06 4.22 -20.79
CA THR A 101 8.69 4.23 -21.33
C THR A 101 8.78 3.79 -22.79
N ARG A 102 9.75 4.38 -23.48
CA ARG A 102 10.09 4.11 -24.87
C ARG A 102 11.01 2.87 -25.12
N ALA A 103 11.69 2.40 -24.06
CA ALA A 103 12.68 1.30 -24.10
C ALA A 103 13.96 1.68 -24.84
N VAL A 104 14.31 2.96 -24.75
CA VAL A 104 15.61 3.48 -25.20
C VAL A 104 16.62 3.43 -24.05
N ASN A 105 17.75 2.76 -24.31
CA ASN A 105 18.87 2.73 -23.39
C ASN A 105 19.77 3.96 -23.49
N ASP A 106 20.52 4.23 -22.43
CA ASP A 106 21.56 5.28 -22.46
C ASP A 106 22.58 5.02 -23.60
N SER A 107 23.06 6.10 -24.20
CA SER A 107 24.03 6.02 -25.26
C SER A 107 24.85 7.27 -25.32
N VAL A 108 26.13 7.08 -25.61
CA VAL A 108 27.11 8.12 -25.60
C VAL A 108 27.75 8.12 -26.97
N LYS A 109 28.04 9.32 -27.48
CA LYS A 109 28.70 9.55 -28.76
C LYS A 109 30.03 10.29 -28.56
N LEU A 110 31.02 10.05 -29.40
CA LEU A 110 32.26 10.80 -29.32
C LEU A 110 32.76 11.17 -30.70
N ILE A 111 33.09 12.46 -30.92
CA ILE A 111 33.59 12.97 -32.21
C ILE A 111 35.12 13.18 -32.19
N ALA A 112 35.80 12.74 -33.25
CA ALA A 112 37.21 12.97 -33.42
C ALA A 112 37.58 13.14 -34.93
N GLU A 113 38.85 13.42 -35.21
CA GLU A 113 39.29 13.73 -36.56
C GLU A 113 39.44 12.53 -37.48
N THR A 114 39.59 11.35 -36.94
CA THR A 114 39.57 10.15 -37.75
C THR A 114 38.69 9.08 -37.13
N ALA A 115 38.32 8.13 -37.97
CA ALA A 115 37.53 6.98 -37.58
C ALA A 115 38.21 6.12 -36.52
N PRO A 116 39.47 5.68 -36.76
CA PRO A 116 40.11 4.95 -35.67
C PRO A 116 40.17 5.73 -34.35
N ASP A 117 40.49 7.03 -34.39
CA ASP A 117 40.45 7.77 -33.14
C ASP A 117 39.07 7.75 -32.47
N ALA A 118 38.01 7.90 -33.25
CA ALA A 118 36.67 8.01 -32.62
C ALA A 118 36.37 6.74 -31.87
N ASN A 119 36.68 5.61 -32.48
CA ASN A 119 36.50 4.30 -31.85
C ASN A 119 37.30 4.08 -30.57
N ASN A 120 38.64 4.11 -30.64
CA ASN A 120 39.52 3.92 -29.48
C ASN A 120 39.27 4.91 -28.36
N LEU A 121 39.02 6.16 -28.72
CA LEU A 121 38.79 7.20 -27.71
C LEU A 121 37.49 6.97 -26.98
N LEU A 122 36.43 6.60 -27.69
CA LEU A 122 35.20 6.19 -27.02
C LEU A 122 35.41 4.99 -26.09
N ARG A 123 36.19 3.99 -26.51
CA ARG A 123 36.42 2.84 -25.62
C ARG A 123 37.17 3.26 -24.40
N GLN A 124 38.19 4.12 -24.57
CA GLN A 124 38.98 4.60 -23.42
C GLN A 124 38.12 5.43 -22.48
N TYR A 125 37.27 6.27 -23.04
CA TYR A 125 36.47 7.18 -22.23
C TYR A 125 35.43 6.42 -21.39
N VAL A 126 34.77 5.46 -22.03
CA VAL A 126 33.94 4.54 -21.27
C VAL A 126 34.71 3.86 -20.13
N ALA A 127 35.89 3.34 -20.41
CA ALA A 127 36.65 2.64 -19.37
C ALA A 127 37.06 3.61 -18.24
N PHE A 128 37.43 4.83 -18.64
CA PHE A 128 37.82 5.90 -17.75
C PHE A 128 36.70 6.29 -16.77
N ALA A 129 35.49 6.49 -17.32
CA ALA A 129 34.28 6.76 -16.54
C ALA A 129 33.94 5.63 -15.58
N SER A 130 33.96 4.38 -16.06
CA SER A 130 33.76 3.20 -15.20
C SER A 130 34.75 3.13 -14.02
N GLN A 131 36.03 3.37 -14.32
CA GLN A 131 37.03 3.33 -13.28
C GLN A 131 36.77 4.42 -12.26
N ARG A 132 36.32 5.59 -12.73
CA ARG A 132 36.02 6.67 -11.78
C ARG A 132 34.82 6.31 -10.93
N ALA A 133 33.86 5.60 -11.52
CA ALA A 133 32.67 5.17 -10.81
C ALA A 133 33.00 4.14 -9.72
N ALA A 134 33.81 3.15 -10.09
CA ALA A 134 34.24 2.14 -9.14
C ALA A 134 34.95 2.82 -7.98
N SER A 135 35.89 3.73 -8.26
CA SER A 135 36.65 4.38 -7.17
C SER A 135 35.71 5.07 -6.23
N HIS A 136 34.76 5.81 -6.78
CA HIS A 136 33.76 6.45 -5.99
C HIS A 136 32.96 5.44 -5.17
N LEU A 137 32.54 4.34 -5.79
CA LEU A 137 31.76 3.33 -5.07
C LEU A 137 32.56 2.70 -3.90
N ASN A 138 33.82 2.34 -4.15
CA ASN A 138 34.73 1.94 -3.09
C ASN A 138 34.88 2.99 -1.99
N ASP A 139 35.00 4.26 -2.38
CA ASP A 139 35.10 5.34 -1.41
C ASP A 139 33.88 5.39 -0.48
N GLU A 140 32.69 5.31 -1.07
CA GLU A 140 31.46 5.25 -0.31
C GLU A 140 31.51 4.10 0.68
N LEU A 141 31.86 2.91 0.18
CA LEU A 141 31.90 1.68 0.95
C LEU A 141 32.86 1.81 2.10
N LYS A 142 34.10 2.18 1.78
CA LYS A 142 35.13 2.44 2.77
C LYS A 142 34.52 3.28 3.90
N GLY A 143 33.89 4.38 3.54
CA GLY A 143 33.46 5.37 4.52
C GLY A 143 32.22 4.98 5.29
N ALA A 144 31.37 4.15 4.68
CA ALA A 144 30.18 3.62 5.36
C ALA A 144 30.53 2.46 6.31
N TRP A 145 31.47 1.63 5.86
CA TRP A 145 31.99 0.54 6.64
C TRP A 145 32.60 1.13 7.90
N ALA A 146 33.46 2.15 7.75
CA ALA A 146 34.10 2.82 8.90
C ALA A 146 33.10 3.42 9.88
N ALA A 147 32.03 4.01 9.36
CA ALA A 147 30.97 4.56 10.17
C ALA A 147 30.37 3.44 10.99
N ARG A 148 29.99 2.36 10.31
CA ARG A 148 29.32 1.24 10.96
C ARG A 148 30.22 0.63 12.03
N THR A 149 31.53 0.63 11.77
CA THR A 149 32.51 0.04 12.68
C THR A 149 32.59 0.82 14.01
N ILE A 150 32.62 2.14 13.91
CA ILE A 150 32.57 2.98 15.11
C ILE A 150 31.23 2.80 15.81
N GLN A 151 30.16 2.66 15.02
CA GLN A 151 28.82 2.46 15.57
C GLN A 151 28.80 1.21 16.42
N LYS A 153 31.41 -0.32 17.59
CA LYS A 153 32.41 -0.17 18.63
C LYS A 153 31.79 0.45 19.88
N ALA A 154 30.90 1.42 19.68
CA ALA A 154 30.27 2.10 20.80
C ALA A 154 29.13 1.26 21.38
N GLN A 155 28.50 0.44 20.54
CA GLN A 155 27.41 -0.39 21.01
C GLN A 155 27.94 -1.46 21.96
N VAL A 156 29.08 -2.05 21.63
CA VAL A 156 29.73 -3.04 22.49
C VAL A 156 30.21 -2.42 23.82
N LYS A 157 30.78 -1.23 23.76
CA LYS A 157 31.21 -0.46 24.93
C LYS A 157 30.05 -0.24 25.90
N ARG A 158 28.94 0.28 25.39
CA ARG A 158 27.73 0.44 26.19
C ARG A 158 27.31 -0.90 26.71
N GLN A 159 27.41 -1.94 25.88
CA GLN A 159 27.06 -3.27 26.34
C GLN A 159 27.88 -3.72 27.57
N GLU A 160 29.17 -3.35 27.60
CA GLU A 160 30.08 -3.64 28.69
C GLU A 160 29.76 -2.85 29.96
N GLU A 161 29.26 -1.61 29.79
CA GLU A 161 28.92 -0.77 30.92
C GLU A 161 27.65 -1.24 31.60
N VAL A 162 26.69 -1.72 30.82
CA VAL A 162 25.47 -2.30 31.37
C VAL A 162 25.80 -3.51 32.25
N ALA A 163 26.59 -4.42 31.72
CA ALA A 163 26.99 -5.61 32.45
C ALA A 163 27.73 -5.29 33.73
N LYS A 164 28.55 -4.25 33.69
CA LYS A 164 29.31 -3.81 34.85
C LYS A 164 28.42 -3.16 35.94
N ALA A 165 27.35 -2.49 35.51
CA ALA A 165 26.40 -1.94 36.46
C ALA A 165 25.61 -3.05 37.15
N ILE A 166 25.18 -4.03 36.36
CA ILE A 166 24.43 -5.17 36.89
C ILE A 166 25.29 -5.97 37.90
N TYR A 167 26.57 -6.11 37.57
CA TYR A 167 27.57 -6.81 38.40
C TYR A 167 27.82 -6.10 39.75
N ASP A 168 28.02 -4.79 39.72
CA ASP A 168 28.22 -4.01 40.94
C ASP A 168 27.04 -4.12 41.89
N ARG A 169 25.84 -4.07 41.32
CA ARG A 169 24.59 -4.20 42.06
C ARG A 169 24.50 -5.58 42.76
N ARG A 170 24.82 -6.65 42.03
CA ARG A 170 24.83 -8.01 42.58
C ARG A 170 25.95 -8.15 43.62
N ASN A 172 27.05 -5.58 45.55
CA ASN A 172 26.68 -4.93 46.79
C ASN A 172 25.66 -5.83 47.50
N SER A 173 24.75 -6.43 46.73
CA SER A 173 23.62 -7.18 47.32
C SER A 173 24.11 -8.43 48.06
N ILE A 174 25.26 -8.94 47.68
CA ILE A 174 25.81 -10.12 48.35
C ILE A 174 26.65 -9.76 49.59
N GLU A 175 27.31 -8.59 49.56
CA GLU A 175 27.98 -8.08 50.74
C GLU A 175 27.01 -7.96 51.92
N GLN A 176 25.81 -7.40 51.62
CA GLN A 176 24.86 -7.08 52.72
C GLN A 176 23.89 -8.22 53.08
N GLN A 212 30.11 -18.37 52.41
CA GLN A 212 30.46 -17.06 51.83
C GLN A 212 31.05 -17.17 50.41
N ALA A 213 30.72 -18.29 49.74
CA ALA A 213 31.36 -18.68 48.49
C ALA A 213 30.88 -17.88 47.31
N ARG A 214 29.59 -17.56 47.33
CA ARG A 214 28.95 -16.83 46.23
C ARG A 214 29.67 -15.50 45.96
N LEU A 215 30.18 -14.87 47.02
CA LEU A 215 30.98 -13.64 46.88
C LEU A 215 32.23 -13.91 46.08
N GLU A 216 33.01 -14.89 46.53
CA GLU A 216 34.27 -15.25 45.89
C GLU A 216 34.05 -15.74 44.46
N ASN A 217 32.93 -16.42 44.23
CA ASN A 217 32.56 -16.90 42.91
C ASN A 217 32.28 -15.76 41.96
N LEU A 218 31.59 -14.74 42.47
CA LEU A 218 31.25 -13.57 41.68
C LEU A 218 32.48 -12.68 41.53
N GLN A 219 33.21 -12.49 42.62
CA GLN A 219 34.42 -11.66 42.64
C GLN A 219 35.46 -12.08 41.60
N ALA A 220 35.28 -13.27 41.01
CA ALA A 220 36.28 -13.87 40.12
C ALA A 220 35.82 -14.15 38.68
N VAL A 221 34.50 -14.24 38.48
CA VAL A 221 33.89 -14.51 37.16
C VAL A 221 33.68 -13.25 36.28
N GLY A 222 33.62 -12.08 36.92
CA GLY A 222 33.36 -10.85 36.19
C GLY A 222 31.90 -10.73 35.75
N PRO A 223 31.56 -9.65 35.04
CA PRO A 223 30.16 -9.44 34.66
C PRO A 223 29.70 -10.47 33.62
N ALA A 224 28.43 -10.86 33.67
CA ALA A 224 27.88 -11.88 32.77
C ALA A 224 27.42 -11.30 31.46
N PHE A 225 27.65 -12.06 30.40
CA PHE A 225 27.42 -11.54 29.05
C PHE A 225 26.40 -12.34 28.27
N ASP A 226 25.47 -11.63 27.63
CA ASP A 226 24.45 -12.29 26.82
C ASP A 226 24.99 -12.71 25.44
N LEU A 227 24.28 -13.63 24.79
CA LEU A 227 24.61 -14.10 23.46
C LEU A 227 24.82 -12.93 22.49
N ASP A 228 23.99 -11.89 22.64
CA ASP A 228 24.08 -10.69 21.81
C ASP A 228 25.42 -9.96 21.89
N TYR A 229 26.06 -10.00 23.05
CA TYR A 229 27.36 -9.39 23.24
C TYR A 229 28.41 -10.14 22.42
N ASP A 230 28.41 -11.46 22.56
CA ASP A 230 29.40 -12.26 21.91
C ASP A 230 29.20 -12.17 20.39
N GLN A 231 27.96 -12.22 19.93
CA GLN A 231 27.71 -12.07 18.49
C GLN A 231 28.18 -10.73 17.93
N ASN A 232 28.02 -9.66 18.70
CA ASN A 232 28.45 -8.33 18.25
C ASN A 232 29.97 -8.22 18.19
N ARG A 233 30.62 -8.85 19.15
CA ARG A 233 32.07 -8.92 19.29
C ARG A 233 32.69 -9.63 18.10
N ALA A 234 32.13 -10.78 17.76
CA ALA A 234 32.52 -11.51 16.56
C ALA A 234 32.23 -10.71 15.28
N LEU A 236 32.28 -7.39 15.33
CA LEU A 236 33.27 -6.33 15.40
C LEU A 236 34.59 -6.81 14.82
N ASN A 237 34.98 -8.06 15.13
CA ASN A 237 36.20 -8.64 14.58
C ASN A 237 36.25 -8.44 13.07
N THR A 238 35.23 -8.96 12.38
CA THR A 238 35.23 -8.97 10.92
C THR A 238 35.20 -7.57 10.32
N LEU A 239 34.47 -6.67 10.98
CA LEU A 239 34.46 -5.26 10.63
C LEU A 239 35.87 -4.65 10.74
N ASN A 240 36.56 -4.94 11.85
CA ASN A 240 37.93 -4.49 12.09
C ASN A 240 38.91 -4.90 11.02
N VAL A 241 38.70 -6.09 10.45
CA VAL A 241 39.52 -6.56 9.33
C VAL A 241 39.40 -5.52 8.21
N GLY A 242 38.22 -4.93 8.08
CA GLY A 242 38.02 -3.90 7.07
C GLY A 242 37.75 -4.54 5.74
N PRO A 243 37.20 -3.78 4.80
CA PRO A 243 36.73 -4.36 3.54
C PRO A 243 37.88 -4.66 2.55
N THR A 244 37.62 -5.54 1.58
CA THR A 244 38.58 -5.78 0.50
C THR A 244 38.35 -4.76 -0.60
N LEU A 245 39.35 -3.92 -0.79
CA LEU A 245 39.28 -2.89 -1.81
C LEU A 245 39.68 -3.49 -3.16
N ASP A 246 38.67 -3.77 -3.98
CA ASP A 246 38.88 -4.24 -5.33
C ASP A 246 38.74 -3.01 -6.24
N PRO A 247 39.83 -2.55 -6.89
CA PRO A 247 39.67 -1.42 -7.83
C PRO A 247 39.43 -1.92 -9.28
N ARG A 248 39.04 -3.18 -9.40
CA ARG A 248 39.04 -3.88 -10.67
C ARG A 248 37.73 -3.80 -11.41
N PHE A 249 36.71 -3.17 -10.81
CA PHE A 249 35.39 -3.59 -11.22
C PHE A 249 34.65 -2.72 -12.21
N GLN A 250 33.92 -3.41 -13.09
CA GLN A 250 33.16 -2.77 -14.15
C GLN A 250 31.82 -2.41 -13.60
N THR A 251 31.24 -1.37 -14.16
CA THR A 251 30.21 -0.62 -13.50
C THR A 251 29.07 -0.36 -14.51
N TYR A 252 29.21 -1.02 -15.65
CA TYR A 252 28.31 -0.94 -16.78
C TYR A 252 28.48 -2.24 -17.60
N ARG A 253 27.56 -2.49 -18.54
CA ARG A 253 27.87 -3.37 -19.67
C ARG A 253 27.48 -2.76 -20.99
N TYR A 254 28.18 -3.15 -22.04
CA TYR A 254 27.89 -2.68 -23.41
C TYR A 254 26.71 -3.37 -24.04
N LEU A 255 25.78 -2.65 -24.65
CA LEU A 255 24.85 -3.33 -25.55
C LEU A 255 25.36 -3.09 -26.96
N ARG A 256 26.03 -1.95 -27.13
CA ARG A 256 26.72 -1.65 -28.35
C ARG A 256 28.09 -1.07 -28.07
N THR A 257 29.11 -1.78 -28.55
CA THR A 257 30.48 -1.42 -28.33
C THR A 257 30.84 -0.43 -29.45
N PRO A 258 31.71 0.54 -29.13
CA PRO A 258 32.23 1.42 -30.15
C PRO A 258 32.90 0.63 -31.25
N GLU A 259 32.61 0.97 -32.49
CA GLU A 259 33.38 0.47 -33.61
C GLU A 259 33.79 1.66 -34.47
N GLU A 260 34.62 1.41 -35.49
CA GLU A 260 35.02 2.47 -36.42
C GLU A 260 33.81 2.95 -37.22
N PRO A 261 33.57 4.26 -37.24
CA PRO A 261 32.52 4.75 -38.14
C PRO A 261 32.84 4.45 -39.62
N VAL A 262 31.81 4.24 -40.41
CA VAL A 262 32.00 3.84 -41.79
C VAL A 262 31.99 5.08 -42.69
N LYS A 263 31.20 6.08 -42.33
CA LYS A 263 31.28 7.37 -43.04
C LYS A 263 31.44 8.54 -42.06
N ARG A 264 32.05 9.63 -42.54
CA ARG A 264 32.16 10.90 -41.80
C ARG A 264 30.80 11.41 -41.35
N ASP A 265 30.81 12.39 -40.45
CA ASP A 265 29.58 13.10 -40.08
C ASP A 265 29.13 14.11 -41.15
N GLU B 1 28.78 39.62 -18.73
CA GLU B 1 29.52 39.32 -19.98
C GLU B 1 30.24 37.94 -20.00
N TRP B 2 30.55 37.36 -18.85
CA TRP B 2 31.19 36.05 -18.82
C TRP B 2 30.53 35.25 -17.73
N SER B 3 30.40 33.94 -17.91
CA SER B 3 29.80 33.13 -16.85
C SER B 3 30.52 31.79 -16.65
N SER B 4 30.36 31.27 -15.42
CA SER B 4 30.75 29.92 -15.07
C SER B 4 29.49 29.17 -14.70
N THR B 5 29.56 27.85 -14.82
CA THR B 5 28.44 26.99 -14.51
C THR B 5 28.96 25.90 -13.64
N ALA B 6 28.21 25.58 -12.58
CA ALA B 6 28.50 24.38 -11.82
C ALA B 6 27.29 23.46 -11.85
N ILE B 7 27.56 22.16 -11.75
CA ILE B 7 26.52 21.18 -11.68
C ILE B 7 26.85 20.36 -10.44
N THR B 8 25.86 20.15 -9.56
CA THR B 8 26.14 19.50 -8.29
C THR B 8 25.26 18.27 -8.05
N ASP B 9 25.62 17.54 -7.00
CA ASP B 9 24.87 16.39 -6.50
C ASP B 9 25.20 16.24 -5.01
N ARG B 10 24.56 15.25 -4.37
CA ARG B 10 24.73 14.92 -2.97
C ARG B 10 26.16 14.60 -2.58
N PRO B 11 26.56 14.95 -1.36
CA PRO B 11 27.93 14.63 -0.96
C PRO B 11 28.03 13.13 -0.61
N THR B 12 29.24 12.61 -0.65
CA THR B 12 29.53 11.24 -0.23
C THR B 12 29.54 11.17 1.28
N VAL B 13 29.49 9.95 1.81
CA VAL B 13 29.53 9.70 3.27
C VAL B 13 30.80 10.25 3.89
N ASN B 14 31.93 10.07 3.20
CA ASN B 14 33.25 10.54 3.63
C ASN B 14 33.32 12.04 3.84
N LEU B 16 30.99 14.02 4.74
CA LEU B 16 30.14 14.47 5.86
C LEU B 16 30.87 14.26 7.17
N GLY B 17 31.97 13.52 7.16
CA GLY B 17 32.80 13.37 8.33
C GLY B 17 32.01 13.01 9.57
N GLY B 18 32.36 13.63 10.70
CA GLY B 18 31.71 13.35 11.99
C GLY B 18 30.20 13.50 11.99
N TYR B 19 29.67 14.32 11.08
CA TYR B 19 28.24 14.59 11.00
C TYR B 19 27.40 13.34 10.69
N TYR B 20 27.97 12.42 9.94
CA TYR B 20 27.14 11.34 9.40
C TYR B 20 26.70 10.31 10.46
N SER B 21 27.62 9.85 11.28
CA SER B 21 27.31 8.78 12.22
C SER B 21 26.61 9.28 13.48
N GLN B 22 26.60 10.60 13.69
CA GLN B 22 25.86 11.12 14.82
C GLN B 22 24.40 11.34 14.43
N GLN B 23 24.18 11.77 13.20
CA GLN B 23 22.83 11.88 12.66
C GLN B 23 22.17 10.51 12.50
N GLN B 24 22.95 9.49 12.15
CA GLN B 24 22.46 8.09 12.10
C GLN B 24 22.24 7.54 13.50
N PHE B 25 23.10 7.93 14.43
CA PHE B 25 22.97 7.52 15.82
C PHE B 25 21.61 8.00 16.30
N LEU B 26 21.31 9.28 16.09
CA LEU B 26 20.06 9.86 16.53
C LEU B 26 18.83 9.25 15.86
N ARG B 27 18.97 8.87 14.60
CA ARG B 27 17.87 8.31 13.84
C ARG B 27 17.50 6.94 14.40
N ASN B 28 18.52 6.10 14.63
CA ASN B 28 18.31 4.76 15.14
C ASN B 28 17.97 4.76 16.63
N LEU B 29 17.50 5.91 17.10
CA LEU B 29 16.89 6.10 18.41
C LEU B 29 15.49 6.70 18.27
N ASP B 30 15.25 7.44 17.19
CA ASP B 30 13.94 8.04 16.96
C ASP B 30 12.91 6.96 16.58
N VAL B 31 13.27 6.11 15.60
CA VAL B 31 12.39 4.99 15.18
C VAL B 31 12.68 3.69 15.97
N PRO B 41 14.80 8.82 3.12
CA PRO B 41 15.68 9.88 2.61
C PRO B 41 16.95 9.94 3.43
N SER B 42 18.06 9.58 2.81
CA SER B 42 19.29 9.38 3.54
C SER B 42 19.85 10.69 4.15
N VAL B 43 20.84 10.57 5.02
CA VAL B 43 21.46 11.75 5.57
C VAL B 43 22.07 12.58 4.44
N ASP B 45 21.18 12.91 1.34
CA ASP B 45 20.08 13.62 0.69
C ASP B 45 19.65 14.81 1.55
N GLU B 46 19.33 14.56 2.81
CA GLU B 46 18.91 15.66 3.69
C GLU B 46 19.93 16.80 3.72
N ALA B 47 21.20 16.45 3.78
CA ALA B 47 22.29 17.43 3.75
C ALA B 47 22.25 18.20 2.44
N TYR B 48 22.11 17.46 1.33
CA TYR B 48 22.06 18.10 0.02
C TYR B 48 20.87 19.07 -0.12
N LYS B 49 19.73 18.69 0.43
CA LYS B 49 18.54 19.47 0.39
C LYS B 49 18.76 20.86 1.05
N GLU B 50 19.47 20.89 2.17
CA GLU B 50 19.86 22.16 2.75
C GLU B 50 20.79 22.97 1.83
N PHE B 51 21.75 22.28 1.22
CA PHE B 51 22.68 22.97 0.29
C PHE B 51 21.95 23.60 -0.87
N VAL B 52 21.05 22.86 -1.47
CA VAL B 52 20.34 23.27 -2.66
C VAL B 52 19.48 24.51 -2.30
N GLN B 54 20.20 26.65 0.19
CA GLN B 54 21.12 27.75 0.35
C GLN B 54 21.55 28.37 -0.99
N LEU B 55 21.81 27.51 -1.96
CA LEU B 55 22.30 27.93 -3.27
C LEU B 55 21.29 28.82 -4.02
N ALA B 56 20.00 28.49 -3.90
CA ALA B 56 18.91 29.20 -4.62
C ALA B 56 18.43 30.45 -3.88
N SER B 57 18.72 30.51 -2.58
CA SER B 57 18.18 31.53 -1.73
C SER B 57 18.65 32.93 -2.16
N TRP B 58 17.67 33.83 -2.32
CA TRP B 58 17.93 35.22 -2.54
C TRP B 58 18.82 35.79 -1.40
N ASP B 59 18.48 35.50 -0.14
CA ASP B 59 19.32 35.94 0.99
C ASP B 59 20.74 35.42 0.85
N THR B 60 20.90 34.17 0.42
CA THR B 60 22.25 33.64 0.38
C THR B 60 23.02 34.40 -0.67
N ARG B 61 22.38 34.67 -1.80
CA ARG B 61 23.06 35.44 -2.84
C ARG B 61 23.37 36.88 -2.38
N ARG B 62 22.43 37.54 -1.74
CA ARG B 62 22.68 38.89 -1.23
C ARG B 62 23.87 38.91 -0.22
N GLU B 63 23.86 38.03 0.78
CA GLU B 63 24.92 38.02 1.79
C GLU B 63 26.29 37.70 1.18
N PHE B 64 26.29 36.85 0.17
CA PHE B 64 27.52 36.55 -0.51
C PHE B 64 28.19 37.78 -1.17
N TRP B 65 27.42 38.52 -1.99
CA TRP B 65 27.92 39.67 -2.72
C TRP B 65 28.43 40.81 -1.83
N LEU B 66 27.67 41.10 -0.78
CA LEU B 66 28.04 42.05 0.25
C LEU B 66 29.35 41.74 0.95
N GLN B 67 29.80 40.49 0.96
CA GLN B 67 31.06 40.19 1.64
C GLN B 67 32.18 39.98 0.62
N THR B 68 31.89 40.36 -0.61
CA THR B 68 32.82 40.24 -1.72
C THR B 68 33.55 41.57 -2.05
N ASP B 69 34.82 41.44 -2.38
CA ASP B 69 35.62 42.58 -2.85
C ASP B 69 35.14 43.02 -4.20
N TYR B 70 34.78 42.04 -5.00
CA TYR B 70 34.26 42.28 -6.30
C TYR B 70 33.11 43.30 -6.26
N TYR B 71 32.17 43.10 -5.34
CA TYR B 71 31.06 44.01 -5.17
C TYR B 71 31.62 45.27 -4.54
N LYS B 72 32.28 45.16 -3.38
CA LYS B 72 32.70 46.35 -2.63
C LYS B 72 33.43 47.36 -3.51
N GLN B 73 34.22 46.87 -4.47
CA GLN B 73 35.02 47.74 -5.32
C GLN B 73 34.19 48.39 -6.37
N ARG B 74 32.95 47.97 -6.52
CA ARG B 74 32.12 48.47 -7.60
C ARG B 74 31.09 49.49 -7.12
N VAL B 76 29.80 53.05 -5.72
CA VAL B 76 30.13 54.44 -6.04
C VAL B 76 29.71 55.41 -4.94
N GLY B 77 29.13 54.91 -3.86
CA GLY B 77 28.78 55.75 -2.73
C GLY B 77 27.41 56.38 -2.90
N ASN B 78 26.68 55.94 -3.93
CA ASN B 78 25.29 56.38 -4.16
C ASN B 78 24.38 55.28 -3.64
N SER B 79 23.70 55.56 -2.55
CA SER B 79 22.84 54.57 -1.87
C SER B 79 21.99 53.78 -2.88
N LYS B 80 21.45 54.50 -3.84
CA LYS B 80 20.49 53.92 -4.74
C LYS B 80 21.11 53.16 -5.91
N ALA B 81 22.20 53.69 -6.48
CA ALA B 81 22.94 52.92 -7.50
C ALA B 81 23.61 51.69 -6.88
N ASP B 82 24.01 51.82 -5.62
CA ASP B 82 24.64 50.69 -4.92
C ASP B 82 23.66 49.54 -4.61
N ALA B 83 22.42 49.88 -4.24
CA ALA B 83 21.35 48.89 -4.05
C ALA B 83 20.97 48.22 -5.38
N ALA B 84 20.95 49.00 -6.47
CA ALA B 84 20.64 48.40 -7.76
C ALA B 84 21.74 47.48 -8.25
N LEU B 85 22.99 47.87 -8.00
CA LEU B 85 24.12 47.02 -8.34
C LEU B 85 23.98 45.72 -7.59
N LEU B 86 23.70 45.82 -6.31
CA LEU B 86 23.53 44.64 -5.49
C LEU B 86 22.43 43.71 -6.08
N ASP B 87 21.33 44.29 -6.53
CA ASP B 87 20.19 43.52 -7.04
C ASP B 87 20.56 42.83 -8.35
N GLU B 88 21.35 43.50 -9.17
CA GLU B 88 21.80 42.97 -10.44
C GLU B 88 22.65 41.74 -10.17
N ILE B 90 22.65 39.74 -7.61
CA ILE B 90 21.88 38.65 -7.07
C ILE B 90 21.25 37.94 -8.28
N ASN B 91 20.78 38.75 -9.23
CA ASN B 91 20.16 38.19 -10.41
C ASN B 91 21.14 37.56 -11.39
N ASN B 92 22.43 37.77 -11.17
CA ASN B 92 23.45 37.16 -11.97
C ASN B 92 23.90 35.81 -11.46
N ILE B 93 23.36 35.34 -10.35
CA ILE B 93 23.60 33.95 -9.89
C ILE B 93 22.27 33.20 -10.16
N GLN B 94 22.26 32.25 -11.08
CA GLN B 94 21.00 31.58 -11.45
C GLN B 94 21.03 30.08 -11.13
N PHE B 95 20.08 29.63 -10.33
CA PHE B 95 20.00 28.23 -9.96
C PHE B 95 18.86 27.60 -10.72
N ILE B 96 19.12 26.42 -11.29
CA ILE B 96 18.14 25.65 -12.04
C ILE B 96 18.04 24.24 -11.42
N PRO B 97 16.90 23.95 -10.80
CA PRO B 97 16.64 22.61 -10.23
C PRO B 97 16.68 21.60 -11.36
N GLY B 98 17.39 20.49 -11.14
CA GLY B 98 17.36 19.41 -12.08
C GLY B 98 15.93 18.92 -12.13
N ASP B 99 15.62 18.14 -13.17
CA ASP B 99 14.51 17.23 -13.13
C ASP B 99 15.13 15.90 -13.52
N PHE B 100 14.87 14.87 -12.74
CA PHE B 100 15.68 13.68 -12.87
C PHE B 100 15.05 12.64 -13.82
N THR B 101 13.87 13.00 -14.34
CA THR B 101 13.21 12.26 -15.43
C THR B 101 14.06 12.21 -16.69
N ARG B 102 14.79 13.30 -16.96
CA ARG B 102 15.58 13.45 -18.20
C ARG B 102 17.09 13.52 -17.99
N ALA B 103 17.57 12.96 -16.87
CA ALA B 103 19.00 13.01 -16.48
C ALA B 103 19.59 14.41 -16.42
N VAL B 104 18.75 15.39 -16.12
CA VAL B 104 19.19 16.76 -15.95
C VAL B 104 19.45 16.96 -14.46
N ASN B 105 20.70 17.23 -14.12
CA ASN B 105 21.11 17.44 -12.76
C ASN B 105 20.95 18.89 -12.36
N ASP B 106 21.12 19.20 -11.06
CA ASP B 106 21.04 20.57 -10.53
C ASP B 106 22.22 21.42 -10.98
N SER B 107 21.97 22.68 -11.33
CA SER B 107 23.04 23.55 -11.76
C SER B 107 22.86 24.97 -11.32
N VAL B 108 23.99 25.63 -11.11
CA VAL B 108 24.07 27.05 -10.78
C VAL B 108 24.97 27.71 -11.81
N LYS B 109 24.59 28.91 -12.22
CA LYS B 109 25.40 29.69 -13.13
C LYS B 109 25.65 31.06 -12.49
N LEU B 110 26.81 31.64 -12.81
CA LEU B 110 27.17 32.94 -12.32
C LEU B 110 27.79 33.78 -13.43
N ILE B 111 27.25 35.00 -13.59
CA ILE B 111 27.67 36.00 -14.57
C ILE B 111 28.52 37.10 -13.92
N ALA B 112 29.63 37.46 -14.55
CA ALA B 112 30.50 38.55 -14.08
C ALA B 112 31.24 39.23 -15.26
N GLU B 113 32.13 40.20 -14.99
CA GLU B 113 32.73 41.02 -16.05
C GLU B 113 34.01 40.48 -16.68
N THR B 114 34.65 39.51 -16.02
CA THR B 114 35.77 38.87 -16.63
C THR B 114 35.60 37.40 -16.44
N ALA B 115 36.44 36.64 -17.16
CA ALA B 115 36.41 35.20 -17.11
C ALA B 115 36.95 34.64 -15.79
N PRO B 116 38.11 35.16 -15.30
CA PRO B 116 38.61 34.64 -14.03
C PRO B 116 37.68 34.97 -12.89
N ASP B 117 37.07 36.15 -12.95
CA ASP B 117 36.03 36.48 -11.96
C ASP B 117 34.86 35.50 -11.97
N ALA B 118 34.40 35.09 -13.16
CA ALA B 118 33.25 34.17 -13.20
C ALA B 118 33.59 32.84 -12.55
N ASN B 119 34.83 32.39 -12.72
CA ASN B 119 35.27 31.12 -12.19
C ASN B 119 35.47 31.19 -10.67
N ASN B 120 36.30 32.16 -10.26
CA ASN B 120 36.61 32.37 -8.85
C ASN B 120 35.34 32.64 -8.01
N LEU B 121 34.46 33.51 -8.52
CA LEU B 121 33.27 33.85 -7.74
C LEU B 121 32.28 32.70 -7.58
N LEU B 122 32.11 31.87 -8.60
CA LEU B 122 31.17 30.74 -8.50
C LEU B 122 31.70 29.66 -7.58
N ARG B 123 32.99 29.38 -7.62
CA ARG B 123 33.64 28.46 -6.68
C ARG B 123 33.47 28.99 -5.26
N GLN B 124 33.65 30.29 -5.07
CA GLN B 124 33.52 30.91 -3.76
C GLN B 124 32.08 30.90 -3.30
N TYR B 125 31.13 31.06 -4.21
CA TYR B 125 29.74 31.06 -3.85
C TYR B 125 29.29 29.67 -3.43
N VAL B 126 29.74 28.68 -4.18
CA VAL B 126 29.41 27.32 -3.89
C VAL B 126 29.92 26.96 -2.49
N ALA B 127 31.16 27.33 -2.21
CA ALA B 127 31.73 27.11 -0.88
C ALA B 127 30.88 27.85 0.22
N PHE B 128 30.56 29.12 0.01
CA PHE B 128 29.72 29.92 0.90
C PHE B 128 28.36 29.25 1.18
N ALA B 129 27.67 28.89 0.12
CA ALA B 129 26.43 28.15 0.26
C ALA B 129 26.67 26.86 1.08
N SER B 130 27.77 26.16 0.82
CA SER B 130 28.06 24.91 1.53
C SER B 130 28.34 25.16 3.02
N GLN B 131 29.13 26.18 3.34
CA GLN B 131 29.43 26.49 4.71
C GLN B 131 28.18 26.86 5.52
N ARG B 132 27.29 27.66 4.94
CA ARG B 132 26.00 28.00 5.55
C ARG B 132 25.11 26.78 5.81
N ALA B 133 25.07 25.86 4.84
CA ALA B 133 24.33 24.62 4.96
C ALA B 133 24.86 23.73 6.10
N ALA B 134 26.17 23.57 6.16
CA ALA B 134 26.78 22.77 7.19
C ALA B 134 26.57 23.40 8.59
N SER B 135 26.61 24.73 8.68
CA SER B 135 26.40 25.43 9.93
C SER B 135 24.99 25.16 10.38
N HIS B 136 24.10 25.21 9.42
CA HIS B 136 22.72 24.96 9.72
C HIS B 136 22.46 23.49 10.14
N LEU B 137 22.93 22.53 9.35
CA LEU B 137 22.74 21.12 9.69
C LEU B 137 23.32 20.80 11.07
N ASN B 138 24.43 21.45 11.41
CA ASN B 138 24.97 21.42 12.76
C ASN B 138 24.13 22.07 13.86
N ASP B 139 23.49 23.20 13.58
CA ASP B 139 22.51 23.78 14.51
C ASP B 139 21.43 22.75 14.82
N GLU B 140 20.88 22.15 13.77
CA GLU B 140 19.80 21.20 13.91
C GLU B 140 20.25 19.96 14.69
N LEU B 141 21.50 19.54 14.49
CA LEU B 141 22.01 18.40 15.22
C LEU B 141 22.12 18.68 16.73
N LYS B 142 22.65 19.85 17.10
CA LYS B 142 22.74 20.19 18.49
C LYS B 142 21.36 20.17 19.18
N GLY B 143 20.35 20.73 18.53
CA GLY B 143 19.01 20.77 19.09
C GLY B 143 18.20 19.55 18.72
N ALA B 144 18.86 18.49 18.27
CA ALA B 144 18.19 17.21 18.22
C ALA B 144 18.83 16.29 19.30
N TRP B 145 20.14 16.45 19.50
CA TRP B 145 20.88 15.74 20.51
C TRP B 145 20.47 16.11 21.92
N ALA B 146 20.43 17.42 22.18
CA ALA B 146 19.97 17.97 23.47
C ALA B 146 18.52 17.60 23.78
N ALA B 147 17.65 17.62 22.77
CA ALA B 147 16.26 17.21 22.95
C ALA B 147 16.16 15.73 23.27
N ARG B 148 16.98 14.89 22.61
CA ARG B 148 16.86 13.47 22.87
C ARG B 148 17.47 13.17 24.24
N THR B 149 18.46 13.95 24.64
CA THR B 149 19.03 13.86 25.98
C THR B 149 17.96 14.12 27.06
N ILE B 150 17.19 15.18 26.86
CA ILE B 150 16.17 15.62 27.80
C ILE B 150 15.04 14.58 27.91
N GLN B 151 14.62 14.09 26.75
CA GLN B 151 13.61 13.06 26.66
C GLN B 151 14.04 11.79 27.39
N LYS B 153 16.40 11.60 29.74
CA LYS B 153 16.41 11.87 31.17
C LYS B 153 15.04 11.67 31.83
N ALA B 154 13.97 12.06 31.15
CA ALA B 154 12.66 11.98 31.76
C ALA B 154 12.22 10.53 31.90
N GLN B 155 12.52 9.72 30.88
CA GLN B 155 12.15 8.31 30.80
C GLN B 155 12.83 7.53 31.90
N VAL B 156 14.12 7.80 32.08
CA VAL B 156 14.93 7.16 33.10
C VAL B 156 14.43 7.56 34.49
N LYS B 157 13.98 8.81 34.60
CA LYS B 157 13.46 9.35 35.85
C LYS B 157 12.12 8.68 36.19
N ARG B 158 11.24 8.54 35.20
CA ARG B 158 9.98 7.79 35.37
C ARG B 158 10.27 6.34 35.78
N GLN B 159 11.28 5.74 35.17
CA GLN B 159 11.65 4.36 35.49
C GLN B 159 12.10 4.19 36.95
N GLU B 160 12.91 5.12 37.45
CA GLU B 160 13.26 5.19 38.89
C GLU B 160 12.04 5.28 39.79
N GLU B 161 11.05 6.05 39.35
CA GLU B 161 9.86 6.32 40.15
C GLU B 161 8.85 5.18 40.15
N VAL B 162 8.79 4.44 39.06
CA VAL B 162 8.03 3.18 39.04
C VAL B 162 8.71 2.19 39.96
N ALA B 163 10.02 2.05 39.82
CA ALA B 163 10.77 1.08 40.60
C ALA B 163 10.58 1.29 42.11
N LYS B 164 10.68 2.55 42.52
CA LYS B 164 10.59 2.94 43.90
C LYS B 164 9.19 2.68 44.44
N ALA B 165 8.19 2.85 43.58
CA ALA B 165 6.81 2.61 43.98
C ALA B 165 6.51 1.13 44.10
N ILE B 166 7.20 0.31 43.32
CA ILE B 166 7.10 -1.16 43.45
C ILE B 166 7.79 -1.61 44.73
N TYR B 167 8.93 -0.97 44.99
CA TYR B 167 9.74 -1.22 46.17
C TYR B 167 8.96 -0.85 47.45
N ASP B 168 8.31 0.30 47.44
CA ASP B 168 7.58 0.76 48.62
C ASP B 168 6.39 -0.14 48.99
N ARG B 169 5.63 -0.53 47.97
CA ARG B 169 4.53 -1.49 48.10
C ARG B 169 5.00 -2.80 48.74
N ARG B 170 6.07 -3.36 48.17
CA ARG B 170 6.70 -4.59 48.66
C ARG B 170 7.26 -4.40 50.08
N ASN B 172 6.25 -2.14 52.39
CA ASN B 172 5.06 -2.19 53.19
C ASN B 172 4.65 -3.65 53.44
N SER B 173 4.46 -4.42 52.38
CA SER B 173 3.91 -5.76 52.51
C SER B 173 4.74 -6.74 53.34
N ILE B 174 6.05 -6.55 53.38
CA ILE B 174 6.91 -7.49 54.11
C ILE B 174 6.97 -7.19 55.62
N GLU B 175 6.84 -5.92 55.98
CA GLU B 175 6.74 -5.52 57.38
C GLU B 175 5.60 -6.28 58.10
N GLN B 176 4.46 -6.39 57.43
CA GLN B 176 3.22 -6.83 58.10
C GLN B 176 2.95 -8.34 58.07
N GLN B 212 13.65 -12.74 60.22
CA GLN B 212 13.46 -11.34 59.83
C GLN B 212 14.39 -10.87 58.69
N ALA B 213 14.81 -11.80 57.84
CA ALA B 213 15.89 -11.56 56.88
C ALA B 213 15.49 -10.64 55.74
N ARG B 214 14.24 -10.72 55.30
CA ARG B 214 13.85 -10.07 54.04
C ARG B 214 13.59 -8.57 54.10
N LEU B 215 13.27 -8.05 55.28
CA LEU B 215 13.12 -6.62 55.49
C LEU B 215 14.48 -5.95 55.29
N GLU B 216 15.43 -6.22 56.20
CA GLU B 216 16.78 -5.65 56.10
C GLU B 216 17.41 -5.79 54.69
N ASN B 217 17.37 -7.01 54.15
CA ASN B 217 17.81 -7.33 52.78
C ASN B 217 17.29 -6.36 51.71
N LEU B 218 15.97 -6.27 51.62
CA LEU B 218 15.30 -5.38 50.68
C LEU B 218 15.63 -3.91 50.96
N GLN B 219 15.78 -3.58 52.25
CA GLN B 219 16.07 -2.21 52.68
C GLN B 219 17.51 -1.78 52.32
N ALA B 220 18.40 -2.74 52.07
CA ALA B 220 19.81 -2.44 51.80
C ALA B 220 20.15 -2.48 50.31
N VAL B 221 19.24 -3.07 49.54
CA VAL B 221 19.44 -3.33 48.11
C VAL B 221 18.74 -2.25 47.26
N GLY B 222 17.53 -1.89 47.68
CA GLY B 222 16.80 -0.82 47.03
C GLY B 222 15.87 -1.33 45.95
N PRO B 223 15.28 -0.41 45.18
CA PRO B 223 14.40 -0.70 44.06
C PRO B 223 15.06 -1.63 43.04
N ALA B 224 14.27 -2.53 42.45
CA ALA B 224 14.81 -3.53 41.53
C ALA B 224 14.70 -3.05 40.09
N PHE B 225 15.84 -2.87 39.44
CA PHE B 225 15.88 -2.33 38.09
C PHE B 225 16.10 -3.43 37.08
N ASP B 226 15.37 -3.36 35.96
CA ASP B 226 15.55 -4.33 34.88
C ASP B 226 16.59 -3.83 33.87
N LEU B 227 16.90 -4.68 32.89
CA LEU B 227 17.93 -4.42 31.88
C LEU B 227 17.59 -3.20 31.02
N ASP B 228 16.30 -3.02 30.77
CA ASP B 228 15.80 -1.87 30.06
C ASP B 228 16.35 -0.59 30.69
N TYR B 229 16.20 -0.50 32.02
CA TYR B 229 16.69 0.63 32.79
C TYR B 229 18.20 0.84 32.62
N ASP B 230 18.96 -0.23 32.71
CA ASP B 230 20.41 -0.19 32.73
C ASP B 230 20.92 0.20 31.37
N GLN B 231 20.22 -0.27 30.33
CA GLN B 231 20.52 0.13 28.94
C GLN B 231 20.27 1.59 28.67
N ASN B 232 19.13 2.10 29.12
CA ASN B 232 18.81 3.53 28.93
C ASN B 232 19.82 4.41 29.63
N ARG B 233 20.25 3.95 30.79
CA ARG B 233 21.22 4.61 31.64
C ARG B 233 22.57 4.79 30.96
N ALA B 234 23.07 3.73 30.32
CA ALA B 234 24.33 3.80 29.59
C ALA B 234 24.24 4.70 28.34
N LEU B 236 22.19 7.39 28.04
CA LEU B 236 22.34 8.71 28.65
C LEU B 236 23.81 9.16 28.74
N ASN B 237 24.69 8.24 29.14
CA ASN B 237 26.10 8.54 29.37
C ASN B 237 26.83 9.00 28.14
N THR B 238 26.48 8.44 26.99
CA THR B 238 27.10 8.87 25.77
C THR B 238 26.43 10.14 25.28
N LEU B 239 25.10 10.18 25.40
CA LEU B 239 24.28 11.36 25.12
C LEU B 239 24.81 12.58 25.89
N ASN B 240 24.98 12.45 27.21
CA ASN B 240 25.61 13.50 28.05
C ASN B 240 26.99 13.97 27.63
N VAL B 241 27.70 13.17 26.85
CA VAL B 241 29.00 13.60 26.35
C VAL B 241 28.79 14.74 25.35
N GLY B 242 27.68 14.69 24.61
CA GLY B 242 27.32 15.77 23.70
C GLY B 242 27.92 15.55 22.33
N PRO B 243 27.30 16.14 21.29
CA PRO B 243 27.80 15.90 19.94
C PRO B 243 29.10 16.65 19.66
N THR B 244 29.86 16.16 18.67
CA THR B 244 31.02 16.83 18.12
C THR B 244 30.53 17.68 16.95
N LEU B 245 30.81 18.97 17.02
CA LEU B 245 30.30 19.91 16.04
C LEU B 245 31.44 20.42 15.18
N ASP B 246 31.70 19.73 14.09
CA ASP B 246 32.76 20.15 13.21
C ASP B 246 32.13 20.92 12.08
N PRO B 247 32.52 22.19 11.92
CA PRO B 247 31.94 23.09 10.92
C PRO B 247 32.49 22.93 9.50
N ARG B 248 33.46 22.04 9.30
CA ARG B 248 34.18 22.00 8.01
C ARG B 248 33.61 21.12 6.89
N PHE B 249 32.61 20.29 7.19
CA PHE B 249 32.17 19.28 6.20
C PHE B 249 31.50 19.84 4.91
N GLN B 250 31.66 19.11 3.82
CA GLN B 250 31.15 19.51 2.53
C GLN B 250 29.77 18.89 2.40
N THR B 251 28.91 19.53 1.64
CA THR B 251 27.49 19.31 1.70
C THR B 251 26.90 19.05 0.29
N TYR B 252 27.83 18.88 -0.65
CA TYR B 252 27.60 18.65 -2.07
C TYR B 252 28.84 17.98 -2.68
N ARG B 253 28.70 17.40 -3.87
CA ARG B 253 29.87 17.15 -4.70
C ARG B 253 29.62 17.74 -6.06
N TYR B 254 30.70 17.93 -6.82
CA TYR B 254 30.61 18.50 -8.17
C TYR B 254 30.52 17.41 -9.20
N LEU B 255 29.62 17.56 -10.16
CA LEU B 255 29.66 16.77 -11.37
C LEU B 255 30.32 17.68 -12.46
N ARG B 256 30.23 18.99 -12.24
CA ARG B 256 30.87 19.98 -13.06
C ARG B 256 31.38 21.08 -12.13
N THR B 257 32.70 21.20 -12.05
CA THR B 257 33.39 22.22 -11.26
C THR B 257 33.50 23.46 -12.14
N PRO B 258 33.38 24.65 -11.54
CA PRO B 258 33.46 25.78 -12.45
C PRO B 258 34.85 25.95 -13.06
N GLU B 259 34.89 26.51 -14.26
CA GLU B 259 36.14 26.81 -14.95
C GLU B 259 36.04 28.14 -15.69
N GLU B 260 37.21 28.72 -16.03
CA GLU B 260 37.30 29.94 -16.81
C GLU B 260 36.58 29.68 -18.13
N PRO B 261 35.52 30.45 -18.42
CA PRO B 261 34.88 30.29 -19.71
C PRO B 261 35.89 30.63 -20.81
N VAL B 262 35.70 30.09 -22.02
CA VAL B 262 36.60 30.38 -23.10
C VAL B 262 36.04 31.41 -24.07
N LYS B 263 34.72 31.58 -24.06
CA LYS B 263 34.13 32.68 -24.78
C LYS B 263 33.08 33.41 -23.96
N ARG B 264 32.91 34.69 -24.29
CA ARG B 264 31.88 35.55 -23.73
C ARG B 264 30.47 34.99 -23.90
N ASP B 265 29.53 35.55 -23.15
CA ASP B 265 28.13 35.14 -23.25
C ASP B 265 27.36 35.58 -24.52
N GLU C 1 2.62 52.63 -3.73
CA GLU C 1 3.84 53.02 -4.50
C GLU C 1 5.24 52.35 -4.26
N TRP C 2 5.50 51.78 -3.08
CA TRP C 2 6.74 50.99 -2.85
C TRP C 2 6.41 49.64 -2.23
N SER C 3 7.15 48.60 -2.60
CA SER C 3 6.74 47.25 -2.26
C SER C 3 7.93 46.42 -1.89
N SER C 4 7.73 45.56 -0.89
CA SER C 4 8.72 44.67 -0.40
C SER C 4 8.14 43.27 -0.59
N THR C 5 9.05 42.31 -0.61
CA THR C 5 8.81 40.90 -0.89
C THR C 5 9.56 40.04 0.10
N ALA C 6 8.92 38.93 0.47
CA ALA C 6 9.52 37.88 1.30
C ALA C 6 9.06 36.57 0.73
N ILE C 7 9.93 35.56 0.87
CA ILE C 7 9.67 34.19 0.43
C ILE C 7 9.99 33.36 1.64
N THR C 8 9.08 32.44 2.00
CA THR C 8 9.23 31.65 3.22
C THR C 8 9.19 30.17 2.98
N ASP C 9 9.60 29.40 3.97
CA ASP C 9 9.39 27.98 3.92
C ASP C 9 9.27 27.47 5.36
N ARG C 10 8.94 26.19 5.51
CA ARG C 10 8.77 25.58 6.84
C ARG C 10 9.95 25.81 7.76
N PRO C 11 9.69 26.01 9.06
CA PRO C 11 10.78 26.29 10.01
C PRO C 11 11.54 24.99 10.28
N THR C 12 12.65 25.07 11.00
CA THR C 12 13.41 23.88 11.31
C THR C 12 13.05 23.45 12.70
N VAL C 13 13.59 22.30 13.09
CA VAL C 13 13.34 21.69 14.39
C VAL C 13 13.76 22.59 15.54
N ASN C 14 14.96 23.17 15.49
CA ASN C 14 15.35 24.03 16.61
C ASN C 14 14.72 25.41 16.59
N LEU C 16 11.58 25.73 16.42
CA LEU C 16 10.38 25.46 17.23
C LEU C 16 10.61 25.37 18.73
N GLY C 17 11.87 25.41 19.16
CA GLY C 17 12.23 25.41 20.58
C GLY C 17 11.54 24.34 21.44
N GLY C 18 10.97 24.77 22.57
CA GLY C 18 10.26 23.85 23.47
C GLY C 18 9.00 23.22 22.90
N TYR C 19 8.37 23.87 21.94
CA TYR C 19 7.14 23.31 21.37
C TYR C 19 7.34 21.89 20.85
N TYR C 20 8.43 21.67 20.13
CA TYR C 20 8.62 20.40 19.41
C TYR C 20 8.67 19.16 20.33
N SER C 21 9.56 19.17 21.32
CA SER C 21 9.63 18.07 22.30
C SER C 21 8.28 17.75 23.00
N GLN C 22 7.46 18.76 23.22
CA GLN C 22 6.20 18.60 23.98
C GLN C 22 5.16 17.93 23.11
N GLN C 23 5.10 18.39 21.86
CA GLN C 23 4.18 17.85 20.88
C GLN C 23 4.58 16.41 20.53
N GLN C 24 5.88 16.17 20.44
CA GLN C 24 6.37 14.81 20.21
C GLN C 24 6.05 13.90 21.38
N PHE C 25 6.15 14.44 22.58
CA PHE C 25 5.78 13.71 23.77
C PHE C 25 4.31 13.27 23.77
N LEU C 26 3.41 14.13 23.26
CA LEU C 26 1.99 13.79 23.20
C LEU C 26 1.68 12.70 22.18
N ARG C 27 2.13 12.90 20.93
CA ARG C 27 1.99 11.92 19.85
C ARG C 27 2.45 10.54 20.26
N ASN C 28 3.44 10.49 21.15
CA ASN C 28 3.98 9.23 21.65
C ASN C 28 3.03 8.51 22.61
N LEU C 29 2.06 9.25 23.14
CA LEU C 29 1.09 8.66 24.05
C LEU C 29 -0.07 7.96 23.34
N ASP C 30 -0.57 8.57 22.26
CA ASP C 30 -1.77 8.04 21.59
C ASP C 30 -1.46 6.95 20.54
N VAL C 31 -0.50 6.09 20.88
CA VAL C 31 -0.10 4.98 20.01
C VAL C 31 -0.56 3.63 20.58
N PRO C 41 2.82 13.37 8.74
CA PRO C 41 2.83 14.84 8.58
C PRO C 41 3.62 15.50 9.71
N SER C 42 4.79 16.06 9.39
CA SER C 42 5.75 16.53 10.39
C SER C 42 5.18 17.64 11.28
N VAL C 43 5.79 17.81 12.44
CA VAL C 43 5.49 18.91 13.33
C VAL C 43 5.84 20.22 12.64
N ASP C 45 5.85 20.82 9.28
CA ASP C 45 4.79 20.98 8.30
C ASP C 45 3.53 21.62 8.91
N GLU C 46 3.04 21.05 10.02
CA GLU C 46 1.87 21.55 10.69
C GLU C 46 2.09 22.97 11.25
N ALA C 47 3.27 23.26 11.78
CA ALA C 47 3.61 24.63 12.15
C ALA C 47 3.60 25.61 10.96
N TYR C 48 4.28 25.24 9.89
CA TYR C 48 4.25 26.06 8.71
C TYR C 48 2.85 26.27 8.16
N LYS C 49 2.00 25.23 8.20
CA LYS C 49 0.64 25.37 7.73
C LYS C 49 -0.11 26.45 8.51
N GLU C 50 0.03 26.45 9.83
CA GLU C 50 -0.55 27.52 10.61
C GLU C 50 0.01 28.89 10.25
N PHE C 51 1.33 28.97 10.03
CA PHE C 51 1.96 30.25 9.72
C PHE C 51 1.36 30.84 8.46
N VAL C 52 1.30 29.99 7.44
CA VAL C 52 0.77 30.35 6.13
C VAL C 52 -0.69 30.81 6.25
N GLN C 54 -2.05 32.16 8.92
CA GLN C 54 -1.95 33.48 9.55
C GLN C 54 -1.53 34.54 8.56
N LEU C 55 -0.51 34.27 7.76
CA LEU C 55 0.01 35.29 6.86
C LEU C 55 -1.04 35.73 5.84
N ALA C 56 -1.82 34.78 5.34
CA ALA C 56 -2.83 35.07 4.33
C ALA C 56 -4.11 35.64 4.92
N SER C 57 -4.33 35.43 6.23
CA SER C 57 -5.61 35.76 6.87
C SER C 57 -5.93 37.28 6.80
N TRP C 58 -7.13 37.55 6.29
CA TRP C 58 -7.69 38.90 6.31
C TRP C 58 -7.70 39.49 7.72
N ASP C 59 -8.23 38.73 8.69
CA ASP C 59 -8.19 39.12 10.13
C ASP C 59 -6.79 39.48 10.60
N THR C 60 -5.80 38.65 10.31
CA THR C 60 -4.42 39.00 10.67
C THR C 60 -3.94 40.34 10.02
N ARG C 61 -4.26 40.57 8.76
CA ARG C 61 -3.82 41.81 8.15
C ARG C 61 -4.48 43.02 8.82
N ARG C 62 -5.77 42.86 9.08
CA ARG C 62 -6.60 43.87 9.68
C ARG C 62 -6.04 44.22 11.04
N GLU C 63 -5.83 43.21 11.87
CA GLU C 63 -5.28 43.43 13.18
C GLU C 63 -3.83 43.92 13.16
N PHE C 64 -3.05 43.54 12.16
CA PHE C 64 -1.69 44.11 12.08
C PHE C 64 -1.70 45.62 11.80
N TRP C 65 -2.48 46.07 10.82
CA TRP C 65 -2.54 47.52 10.58
C TRP C 65 -3.11 48.33 11.74
N LEU C 66 -4.13 47.81 12.42
CA LEU C 66 -4.68 48.49 13.60
C LEU C 66 -3.67 48.87 14.71
N GLN C 67 -2.57 48.15 14.78
CA GLN C 67 -1.64 48.21 15.89
C GLN C 67 -0.35 48.91 15.40
N THR C 68 -0.42 49.46 14.19
CA THR C 68 0.70 50.03 13.50
C THR C 68 0.63 51.56 13.65
N ASP C 69 1.76 52.19 14.00
CA ASP C 69 1.84 53.64 14.01
C ASP C 69 1.64 54.19 12.61
N TYR C 70 2.02 53.41 11.60
CA TYR C 70 1.89 53.83 10.21
C TYR C 70 0.43 54.14 9.83
N TYR C 71 -0.48 53.22 10.17
CA TYR C 71 -1.92 53.38 10.03
C TYR C 71 -2.44 54.48 10.94
N LYS C 72 -2.10 54.38 12.23
CA LYS C 72 -2.60 55.32 13.26
C LYS C 72 -2.30 56.79 12.95
N GLN C 73 -1.14 57.06 12.37
CA GLN C 73 -0.78 58.44 12.00
C GLN C 73 -1.47 58.91 10.71
N ARG C 74 -2.23 58.04 10.06
CA ARG C 74 -2.92 58.43 8.84
C ARG C 74 -4.43 58.44 9.07
N VAL C 76 -7.78 60.08 10.51
CA VAL C 76 -8.23 61.44 10.62
C VAL C 76 -9.37 61.54 11.65
N GLY C 77 -9.76 60.41 12.25
CA GLY C 77 -10.80 60.45 13.27
C GLY C 77 -12.22 60.59 12.71
N ASN C 78 -12.37 60.17 11.45
CA ASN C 78 -13.67 59.93 10.81
C ASN C 78 -13.78 58.42 10.64
N SER C 79 -14.83 57.86 11.22
CA SER C 79 -14.94 56.40 11.28
C SER C 79 -15.12 55.75 9.89
N LYS C 80 -15.92 56.34 9.01
CA LYS C 80 -16.01 55.92 7.60
C LYS C 80 -14.65 56.02 6.87
N ALA C 81 -14.02 57.20 6.86
CA ALA C 81 -12.74 57.39 6.17
C ALA C 81 -11.62 56.49 6.70
N ASP C 82 -11.57 56.32 8.03
CA ASP C 82 -10.60 55.42 8.65
C ASP C 82 -10.87 53.95 8.34
N ALA C 83 -12.14 53.57 8.19
CA ALA C 83 -12.46 52.18 7.81
C ALA C 83 -12.09 51.92 6.33
N ALA C 84 -12.20 52.95 5.50
CA ALA C 84 -11.86 52.86 4.10
C ALA C 84 -10.35 52.73 3.95
N LEU C 85 -9.59 53.50 4.75
CA LEU C 85 -8.13 53.42 4.69
C LEU C 85 -7.59 52.03 5.13
N LEU C 86 -8.09 51.55 6.26
CA LEU C 86 -7.79 50.23 6.76
C LEU C 86 -8.01 49.19 5.65
N ASP C 87 -9.15 49.28 4.99
CA ASP C 87 -9.42 48.42 3.84
C ASP C 87 -8.37 48.49 2.74
N GLU C 88 -8.05 49.69 2.25
CA GLU C 88 -6.95 49.85 1.28
C GLU C 88 -5.66 49.14 1.75
N ILE C 90 -5.31 46.56 4.18
CA ILE C 90 -5.47 45.13 4.13
C ILE C 90 -5.23 44.57 2.72
N ASN C 91 -5.80 45.21 1.70
CA ASN C 91 -5.51 44.82 0.34
C ASN C 91 -4.09 45.13 -0.13
N ASN C 92 -3.29 45.82 0.69
CA ASN C 92 -1.93 46.12 0.31
C ASN C 92 -0.92 45.07 0.81
N ILE C 93 -1.43 44.06 1.54
CA ILE C 93 -0.66 42.86 1.82
C ILE C 93 -1.21 41.69 1.03
N GLN C 94 -0.37 41.17 0.14
CA GLN C 94 -0.75 40.15 -0.82
C GLN C 94 0.08 38.87 -0.66
N PHE C 95 -0.62 37.79 -0.34
CA PHE C 95 -0.02 36.50 -0.19
C PHE C 95 -0.16 35.77 -1.49
N ILE C 96 0.89 35.10 -1.91
CA ILE C 96 0.88 34.41 -3.19
C ILE C 96 1.31 32.98 -2.92
N PRO C 97 0.32 32.06 -2.88
CA PRO C 97 0.58 30.64 -2.61
C PRO C 97 1.65 30.05 -3.54
N GLY C 98 2.59 29.30 -2.96
CA GLY C 98 3.54 28.51 -3.73
C GLY C 98 2.88 27.31 -4.43
N ASP C 99 3.70 26.54 -5.13
CA ASP C 99 3.25 25.47 -6.02
C ASP C 99 4.33 24.41 -5.95
N PHE C 100 4.03 23.26 -5.36
CA PHE C 100 5.02 22.15 -5.33
C PHE C 100 5.37 21.62 -6.72
N THR C 101 4.34 21.46 -7.56
CA THR C 101 4.53 20.92 -8.91
C THR C 101 5.71 21.56 -9.65
N ARG C 102 6.02 22.81 -9.31
CA ARG C 102 6.97 23.65 -10.07
C ARG C 102 8.04 24.37 -9.23
N ALA C 103 8.33 23.84 -8.04
CA ALA C 103 9.37 24.39 -7.15
C ALA C 103 9.28 25.92 -6.89
N VAL C 104 8.05 26.46 -6.94
CA VAL C 104 7.74 27.85 -6.49
C VAL C 104 7.41 27.86 -4.99
N ASN C 105 8.04 28.78 -4.26
CA ASN C 105 7.76 28.91 -2.85
C ASN C 105 6.72 29.97 -2.54
N ASP C 106 6.12 29.89 -1.35
CA ASP C 106 5.16 30.90 -0.92
C ASP C 106 5.85 32.24 -0.75
N SER C 107 5.10 33.29 -1.08
CA SER C 107 5.62 34.63 -0.99
C SER C 107 4.56 35.66 -0.68
N VAL C 108 5.03 36.76 -0.10
CA VAL C 108 4.15 37.80 0.32
C VAL C 108 4.77 39.12 -0.09
N LYS C 109 3.90 40.03 -0.49
CA LYS C 109 4.29 41.38 -0.86
C LYS C 109 3.48 42.34 0.00
N LEU C 110 4.13 43.40 0.47
CA LEU C 110 3.51 44.50 1.17
C LEU C 110 3.85 45.83 0.48
N ILE C 111 2.81 46.62 0.14
CA ILE C 111 2.94 47.97 -0.46
C ILE C 111 2.77 49.09 0.60
N ALA C 112 3.64 50.10 0.58
CA ALA C 112 3.55 51.26 1.48
C ALA C 112 4.00 52.54 0.77
N GLU C 113 3.85 53.68 1.43
CA GLU C 113 4.13 55.00 0.86
C GLU C 113 5.60 55.35 0.74
N THR C 114 6.48 54.61 1.41
CA THR C 114 7.93 54.80 1.24
C THR C 114 8.66 53.46 1.15
N ALA C 115 9.92 53.50 0.75
CA ALA C 115 10.75 52.30 0.67
C ALA C 115 11.09 51.75 2.06
N PRO C 116 11.59 52.61 2.97
CA PRO C 116 11.80 52.13 4.37
C PRO C 116 10.52 51.54 4.99
N ASP C 117 9.38 52.20 4.84
CA ASP C 117 8.16 51.62 5.39
C ASP C 117 7.85 50.23 4.85
N ALA C 118 8.01 50.03 3.53
CA ALA C 118 7.61 48.75 2.94
C ALA C 118 8.46 47.60 3.51
N ASN C 119 9.74 47.88 3.71
CA ASN C 119 10.65 46.97 4.39
C ASN C 119 10.27 46.74 5.83
N ASN C 120 10.37 47.75 6.68
CA ASN C 120 10.06 47.53 8.10
C ASN C 120 8.73 46.83 8.31
N LEU C 121 7.68 47.31 7.64
CA LEU C 121 6.32 46.84 7.87
C LEU C 121 6.16 45.38 7.49
N LEU C 122 6.77 44.95 6.38
CA LEU C 122 6.70 43.55 5.99
C LEU C 122 7.43 42.67 6.97
N ARG C 123 8.58 43.13 7.45
CA ARG C 123 9.30 42.42 8.50
C ARG C 123 8.43 42.30 9.76
N GLN C 124 7.71 43.37 10.07
CA GLN C 124 6.85 43.39 11.25
C GLN C 124 5.65 42.52 10.99
N TYR C 125 5.13 42.51 9.78
CA TYR C 125 3.96 41.69 9.52
C TYR C 125 4.28 40.19 9.58
N VAL C 126 5.43 39.79 9.02
CA VAL C 126 5.85 38.41 9.01
C VAL C 126 6.01 37.97 10.46
N ALA C 127 6.65 38.80 11.29
CA ALA C 127 6.86 38.44 12.70
C ALA C 127 5.52 38.34 13.47
N PHE C 128 4.59 39.24 13.15
CA PHE C 128 3.29 39.30 13.76
C PHE C 128 2.47 38.05 13.40
N ALA C 129 2.49 37.66 12.12
CA ALA C 129 1.78 36.45 11.70
C ALA C 129 2.37 35.20 12.39
N SER C 130 3.69 35.18 12.50
CA SER C 130 4.39 34.11 13.16
C SER C 130 4.10 34.02 14.66
N GLN C 131 3.96 35.14 15.36
CA GLN C 131 3.64 35.06 16.78
C GLN C 131 2.22 34.56 16.97
N ARG C 132 1.36 34.81 15.98
CA ARG C 132 -0.01 34.34 16.09
C ARG C 132 -0.05 32.84 15.83
N ALA C 133 0.76 32.39 14.89
CA ALA C 133 0.81 30.96 14.66
C ALA C 133 1.28 30.26 15.93
N ALA C 134 2.33 30.78 16.57
CA ALA C 134 2.86 30.13 17.76
C ALA C 134 1.85 30.13 18.89
N SER C 135 1.18 31.26 19.13
CA SER C 135 0.11 31.31 20.13
C SER C 135 -0.91 30.21 19.89
N HIS C 136 -1.31 30.05 18.63
CA HIS C 136 -2.29 29.04 18.25
C HIS C 136 -1.83 27.61 18.48
N LEU C 137 -0.60 27.32 18.10
CA LEU C 137 -0.05 25.98 18.24
C LEU C 137 0.05 25.59 19.71
N ASN C 138 0.53 26.51 20.53
CA ASN C 138 0.59 26.32 21.97
C ASN C 138 -0.80 26.06 22.55
N ASP C 139 -1.78 26.84 22.12
CA ASP C 139 -3.17 26.63 22.50
C ASP C 139 -3.62 25.23 22.18
N GLU C 140 -3.31 24.72 21.00
CA GLU C 140 -3.70 23.38 20.62
C GLU C 140 -3.01 22.39 21.57
N LEU C 141 -1.74 22.66 21.83
CA LEU C 141 -0.94 21.79 22.68
C LEU C 141 -1.57 21.73 24.07
N LYS C 142 -1.81 22.89 24.64
CA LYS C 142 -2.39 23.03 25.94
C LYS C 142 -3.69 22.21 26.08
N GLY C 143 -4.51 22.24 25.03
CA GLY C 143 -5.84 21.61 25.06
C GLY C 143 -5.78 20.12 24.83
N ALA C 144 -4.97 19.71 23.85
CA ALA C 144 -4.68 18.29 23.62
C ALA C 144 -4.02 17.60 24.83
N TRP C 145 -3.05 18.28 25.43
CA TRP C 145 -2.38 17.78 26.61
C TRP C 145 -3.37 17.59 27.78
N ALA C 146 -4.29 18.55 27.91
CA ALA C 146 -5.35 18.50 28.92
C ALA C 146 -6.32 17.33 28.77
N ALA C 147 -6.70 17.02 27.53
CA ALA C 147 -7.63 15.93 27.29
C ALA C 147 -6.88 14.66 27.56
N ARG C 148 -5.64 14.59 27.09
CA ARG C 148 -4.76 13.49 27.40
C ARG C 148 -4.71 13.20 28.91
N THR C 149 -4.69 14.28 29.69
CA THR C 149 -4.53 14.16 31.15
C THR C 149 -5.82 13.64 31.79
N ILE C 150 -6.95 14.23 31.43
CA ILE C 150 -8.26 13.71 31.84
C ILE C 150 -8.39 12.18 31.50
N GLN C 151 -8.13 11.84 30.23
CA GLN C 151 -8.11 10.46 29.77
C GLN C 151 -7.27 9.60 30.70
N LYS C 153 -6.20 10.08 33.73
CA LYS C 153 -6.79 9.96 35.08
C LYS C 153 -7.88 8.87 35.12
N ALA C 154 -8.81 8.94 34.19
CA ALA C 154 -9.88 7.94 34.07
C ALA C 154 -9.34 6.52 33.96
N GLN C 155 -8.30 6.33 33.16
CA GLN C 155 -7.66 5.03 32.96
C GLN C 155 -7.06 4.46 34.26
N VAL C 156 -6.53 5.34 35.09
CA VAL C 156 -5.87 4.97 36.32
C VAL C 156 -6.92 4.65 37.37
N LYS C 157 -7.89 5.55 37.47
CA LYS C 157 -9.12 5.34 38.20
C LYS C 157 -9.72 3.94 37.89
N ARG C 158 -9.95 3.64 36.61
CA ARG C 158 -10.48 2.34 36.21
C ARG C 158 -9.60 1.18 36.60
N GLN C 159 -8.29 1.33 36.48
CA GLN C 159 -7.40 0.25 36.86
C GLN C 159 -7.53 -0.04 38.36
N GLU C 160 -7.76 1.01 39.15
CA GLU C 160 -7.95 0.90 40.60
C GLU C 160 -9.32 0.33 40.96
N GLU C 161 -10.30 0.51 40.10
CA GLU C 161 -11.57 -0.15 40.31
C GLU C 161 -11.53 -1.63 39.95
N VAL C 162 -10.76 -1.97 38.94
CA VAL C 162 -10.50 -3.37 38.61
C VAL C 162 -9.73 -4.14 39.72
N ALA C 163 -8.75 -3.49 40.34
CA ALA C 163 -7.93 -4.13 41.34
C ALA C 163 -8.71 -4.32 42.65
N LYS C 164 -9.65 -3.42 42.91
CA LYS C 164 -10.49 -3.47 44.11
C LYS C 164 -11.52 -4.58 43.98
N ALA C 165 -12.11 -4.69 42.79
CA ALA C 165 -13.02 -5.80 42.50
C ALA C 165 -12.37 -7.16 42.71
N ILE C 166 -11.09 -7.30 42.31
CA ILE C 166 -10.38 -8.58 42.41
C ILE C 166 -10.07 -8.86 43.88
N TYR C 167 -9.80 -7.80 44.61
CA TYR C 167 -9.48 -7.82 46.02
C TYR C 167 -10.65 -8.40 46.81
N ASP C 168 -11.83 -7.81 46.64
CA ASP C 168 -13.05 -8.24 47.30
C ASP C 168 -13.37 -9.72 47.02
N ARG C 169 -13.35 -10.09 45.74
CA ARG C 169 -13.56 -11.47 45.30
C ARG C 169 -12.62 -12.46 46.00
N ARG C 170 -11.34 -12.10 46.08
CA ARG C 170 -10.34 -12.90 46.77
C ARG C 170 -10.55 -12.83 48.28
N ASN C 172 -13.41 -12.24 49.91
CA ASN C 172 -14.56 -13.04 50.23
C ASN C 172 -14.27 -14.54 50.11
N SER C 173 -13.62 -14.91 49.01
CA SER C 173 -13.35 -16.32 48.71
C SER C 173 -12.63 -17.03 49.85
N ILE C 174 -11.59 -16.40 50.36
CA ILE C 174 -10.66 -17.09 51.26
C ILE C 174 -11.20 -17.30 52.69
N GLU C 175 -12.19 -16.49 53.09
CA GLU C 175 -12.88 -16.69 54.37
C GLU C 175 -13.50 -18.08 54.56
N GLN C 176 -14.13 -18.58 53.50
CA GLN C 176 -15.14 -19.63 53.64
C GLN C 176 -14.69 -21.06 53.31
N GLN C 212 -4.76 -18.36 59.80
CA GLN C 212 -5.51 -17.19 59.33
C GLN C 212 -4.60 -16.10 58.73
N ALA C 213 -3.31 -16.43 58.59
CA ALA C 213 -2.31 -15.54 58.05
C ALA C 213 -2.75 -14.92 56.72
N ARG C 214 -3.11 -15.76 55.76
CA ARG C 214 -3.49 -15.25 54.45
C ARG C 214 -4.63 -14.24 54.50
N LEU C 215 -5.61 -14.48 55.37
CA LEU C 215 -6.70 -13.51 55.58
C LEU C 215 -6.20 -12.14 56.05
N GLU C 216 -5.42 -12.15 57.12
CA GLU C 216 -4.90 -10.91 57.70
C GLU C 216 -3.93 -10.17 56.76
N ASN C 217 -3.08 -10.90 56.00
CA ASN C 217 -2.18 -10.26 55.02
C ASN C 217 -2.96 -9.52 53.96
N LEU C 218 -3.88 -10.25 53.35
CA LEU C 218 -4.79 -9.73 52.36
C LEU C 218 -5.41 -8.42 52.88
N GLN C 219 -5.77 -8.44 54.16
CA GLN C 219 -6.32 -7.28 54.86
C GLN C 219 -5.29 -6.13 54.93
N ALA C 220 -4.02 -6.50 55.14
CA ALA C 220 -2.94 -5.51 55.24
C ALA C 220 -2.43 -4.95 53.91
N VAL C 221 -2.39 -5.78 52.87
CA VAL C 221 -1.66 -5.46 51.61
C VAL C 221 -2.38 -4.52 50.64
N GLY C 222 -3.71 -4.59 50.63
CA GLY C 222 -4.49 -3.87 49.63
C GLY C 222 -4.50 -4.60 48.29
N PRO C 223 -5.14 -3.99 47.28
CA PRO C 223 -5.18 -4.62 45.96
C PRO C 223 -3.79 -4.75 45.32
N ALA C 224 -3.63 -5.72 44.42
CA ALA C 224 -2.37 -5.95 43.72
C ALA C 224 -2.36 -5.23 42.38
N PHE C 225 -1.21 -4.63 42.06
CA PHE C 225 -1.12 -3.72 40.93
C PHE C 225 -0.02 -4.17 40.01
N ASP C 226 -0.32 -4.24 38.72
CA ASP C 226 0.70 -4.64 37.74
C ASP C 226 1.52 -3.46 37.27
N LEU C 227 2.64 -3.78 36.62
CA LEU C 227 3.57 -2.82 36.05
C LEU C 227 2.91 -1.71 35.23
N ASP C 228 1.88 -2.04 34.45
CA ASP C 228 1.23 -1.02 33.59
C ASP C 228 0.59 0.10 34.42
N TYR C 229 0.15 -0.23 35.61
CA TYR C 229 -0.47 0.74 36.50
C TYR C 229 0.54 1.76 37.05
N ASP C 230 1.72 1.28 37.43
CA ASP C 230 2.72 2.19 37.96
C ASP C 230 3.30 3.00 36.81
N GLN C 231 3.45 2.37 35.67
CA GLN C 231 3.88 3.08 34.50
C GLN C 231 2.94 4.20 34.14
N ASN C 232 1.63 3.93 34.12
CA ASN C 232 0.65 4.99 33.85
C ASN C 232 0.72 6.04 34.95
N ARG C 233 0.91 5.56 36.17
CA ARG C 233 0.95 6.43 37.33
C ARG C 233 2.06 7.47 37.21
N ALA C 234 3.25 6.98 36.89
CA ALA C 234 4.41 7.82 36.67
C ALA C 234 4.17 8.79 35.51
N LEU C 236 1.27 9.88 34.54
CA LEU C 236 0.25 10.82 35.02
C LEU C 236 0.89 11.98 35.79
N ASN C 237 1.92 11.70 36.58
CA ASN C 237 2.70 12.75 37.26
C ASN C 237 3.22 13.82 36.30
N THR C 238 3.69 13.41 35.12
CA THR C 238 4.37 14.35 34.21
C THR C 238 3.37 15.16 33.40
N LEU C 239 2.25 14.55 33.05
CA LEU C 239 1.07 15.25 32.51
C LEU C 239 0.50 16.28 33.51
N ASN C 240 0.45 15.94 34.79
CA ASN C 240 -0.01 16.88 35.82
C ASN C 240 0.84 18.13 35.95
N VAL C 241 2.16 17.97 35.84
CA VAL C 241 3.09 19.11 35.89
C VAL C 241 2.76 20.13 34.77
N GLY C 242 2.16 19.65 33.69
CA GLY C 242 1.63 20.52 32.65
C GLY C 242 2.73 20.93 31.68
N PRO C 243 2.34 21.21 30.43
CA PRO C 243 3.36 21.55 29.44
C PRO C 243 3.92 22.96 29.65
N THR C 244 5.21 23.14 29.34
CA THR C 244 5.86 24.44 29.35
C THR C 244 5.64 25.11 28.00
N LEU C 245 4.99 26.27 28.00
CA LEU C 245 4.69 26.96 26.76
C LEU C 245 5.78 27.98 26.46
N ASP C 246 6.58 27.63 25.45
CA ASP C 246 7.60 28.48 24.86
C ASP C 246 6.85 29.49 23.99
N PRO C 247 6.76 30.77 24.42
CA PRO C 247 5.98 31.69 23.56
C PRO C 247 6.85 32.42 22.52
N ARG C 248 8.11 32.01 22.44
CA ARG C 248 9.12 32.73 21.67
C ARG C 248 9.31 32.18 20.27
N PHE C 249 8.51 31.21 19.85
CA PHE C 249 9.05 30.39 18.78
C PHE C 249 8.72 30.80 17.35
N GLN C 250 9.53 30.30 16.42
CA GLN C 250 9.44 30.72 15.06
C GLN C 250 8.78 29.64 14.22
N THR C 251 7.98 30.07 13.28
CA THR C 251 7.00 29.19 12.71
C THR C 251 7.20 29.06 11.19
N TYR C 252 8.30 29.65 10.71
CA TYR C 252 8.62 29.73 9.30
C TYR C 252 10.14 29.97 9.17
N ARG C 253 10.70 29.87 7.97
CA ARG C 253 12.00 30.46 7.76
C ARG C 253 12.07 31.25 6.46
N TYR C 254 12.90 32.30 6.47
CA TYR C 254 13.13 33.13 5.28
C TYR C 254 14.00 32.44 4.25
N LEU C 255 13.52 32.37 3.02
CA LEU C 255 14.42 32.15 1.88
C LEU C 255 14.84 33.52 1.30
N ARG C 256 13.90 34.47 1.36
CA ARG C 256 14.14 35.85 0.97
C ARG C 256 13.53 36.82 1.96
N THR C 257 14.40 37.61 2.58
CA THR C 257 14.05 38.51 3.64
C THR C 257 13.70 39.84 2.97
N PRO C 258 12.71 40.59 3.52
CA PRO C 258 12.40 41.90 2.92
C PRO C 258 13.62 42.83 2.91
N GLU C 259 13.74 43.61 1.86
CA GLU C 259 14.69 44.69 1.82
C GLU C 259 13.92 45.92 1.32
N GLU C 260 14.51 47.11 1.51
CA GLU C 260 14.01 48.35 0.93
C GLU C 260 14.08 48.25 -0.58
N PRO C 261 12.94 48.39 -1.26
CA PRO C 261 12.97 48.34 -2.73
C PRO C 261 13.80 49.47 -3.29
N VAL C 262 14.27 49.32 -4.52
CA VAL C 262 15.12 50.31 -5.14
C VAL C 262 14.33 51.34 -5.96
N LYS C 263 13.27 50.90 -6.62
CA LYS C 263 12.38 51.83 -7.34
C LYS C 263 10.93 51.68 -6.91
N ARG C 264 10.11 52.68 -7.25
CA ARG C 264 8.66 52.70 -7.01
C ARG C 264 7.99 51.63 -7.85
N ASP C 265 6.77 51.24 -7.47
CA ASP C 265 5.99 50.32 -8.28
C ASP C 265 5.54 50.93 -9.59
N GLU D 1 -27.52 44.94 -2.62
CA GLU D 1 -26.87 46.25 -2.27
C GLU D 1 -25.49 46.15 -1.52
N TRP D 2 -25.44 45.58 -0.33
CA TRP D 2 -24.16 45.48 0.39
C TRP D 2 -23.93 44.04 0.81
N SER D 3 -22.68 43.64 0.91
CA SER D 3 -22.37 42.24 1.24
C SER D 3 -21.18 42.15 2.19
N SER D 4 -21.24 41.19 3.11
CA SER D 4 -20.12 40.83 3.97
C SER D 4 -19.59 39.48 3.57
N THR D 5 -18.39 39.17 3.99
CA THR D 5 -17.79 37.88 3.68
C THR D 5 -17.05 37.34 4.89
N ALA D 6 -17.15 36.02 5.08
CA ALA D 6 -16.42 35.31 6.07
C ALA D 6 -15.65 34.22 5.34
N ILE D 7 -14.51 33.87 5.93
CA ILE D 7 -13.70 32.73 5.53
C ILE D 7 -13.44 31.98 6.80
N THR D 8 -13.63 30.67 6.76
CA THR D 8 -13.53 29.84 7.97
C THR D 8 -12.63 28.65 7.80
N ASP D 9 -12.34 27.98 8.90
CA ASP D 9 -11.47 26.81 8.96
C ASP D 9 -11.86 26.01 10.20
N ARG D 10 -11.26 24.84 10.37
CA ARG D 10 -11.61 23.93 11.48
C ARG D 10 -11.39 24.55 12.85
N PRO D 11 -12.28 24.29 13.79
CA PRO D 11 -12.07 24.86 15.14
C PRO D 11 -10.85 24.27 15.83
N THR D 12 -10.28 25.03 16.75
CA THR D 12 -9.25 24.53 17.62
C THR D 12 -9.81 23.42 18.54
N VAL D 13 -8.91 22.63 19.12
CA VAL D 13 -9.24 21.63 20.15
C VAL D 13 -10.00 22.28 21.31
N ASN D 14 -9.52 23.43 21.78
CA ASN D 14 -10.15 24.18 22.86
C ASN D 14 -11.62 24.53 22.63
N LEU D 16 -13.86 23.09 21.23
CA LEU D 16 -14.73 21.91 21.27
C LEU D 16 -15.01 21.48 22.71
N GLY D 17 -14.31 22.10 23.66
CA GLY D 17 -14.49 21.83 25.08
C GLY D 17 -14.65 20.36 25.43
N GLY D 18 -15.72 20.05 26.15
CA GLY D 18 -15.95 18.70 26.65
C GLY D 18 -16.26 17.69 25.56
N TYR D 19 -16.55 18.16 24.35
CA TYR D 19 -16.93 17.29 23.27
C TYR D 19 -15.77 16.46 22.73
N TYR D 20 -14.58 17.06 22.71
CA TYR D 20 -13.43 16.41 22.09
C TYR D 20 -12.98 15.14 22.80
N SER D 21 -12.84 15.23 24.12
CA SER D 21 -12.27 14.14 24.87
C SER D 21 -13.28 12.99 24.95
N GLN D 22 -14.54 13.31 24.65
CA GLN D 22 -15.60 12.32 24.63
C GLN D 22 -15.72 11.61 23.28
N GLN D 23 -15.46 12.34 22.21
CA GLN D 23 -15.48 11.72 20.92
C GLN D 23 -14.24 10.83 20.81
N GLN D 24 -13.15 11.27 21.45
CA GLN D 24 -11.92 10.50 21.50
C GLN D 24 -12.06 9.22 22.30
N PHE D 25 -12.66 9.33 23.49
CA PHE D 25 -12.98 8.17 24.30
C PHE D 25 -13.76 7.14 23.50
N LEU D 26 -14.77 7.57 22.74
CA LEU D 26 -15.49 6.62 21.89
C LEU D 26 -14.63 6.09 20.74
N ARG D 27 -13.61 6.83 20.34
CA ARG D 27 -12.84 6.41 19.18
C ARG D 27 -11.89 5.28 19.48
N ASN D 28 -11.46 5.18 20.74
CA ASN D 28 -10.51 4.17 21.16
C ASN D 28 -11.20 2.89 21.57
N LEU D 29 -12.52 2.93 21.59
CA LEU D 29 -13.26 1.74 21.96
C LEU D 29 -13.60 0.85 20.77
N ASP D 30 -13.93 1.45 19.63
CA ASP D 30 -14.32 0.65 18.47
C ASP D 30 -13.14 -0.15 17.86
N VAL D 31 -12.01 0.52 17.64
CA VAL D 31 -10.77 -0.17 17.23
C VAL D 31 -10.05 -0.83 18.42
N PRO D 41 -9.04 10.82 10.18
CA PRO D 41 -9.73 12.13 10.15
C PRO D 41 -10.02 12.67 11.56
N SER D 42 -9.39 13.78 11.93
CA SER D 42 -9.43 14.23 13.32
C SER D 42 -10.83 14.65 13.77
N VAL D 43 -11.05 14.75 15.07
CA VAL D 43 -12.35 15.17 15.60
C VAL D 43 -12.71 16.57 15.08
N ASP D 45 -11.74 18.07 12.30
CA ASP D 45 -12.10 18.02 10.88
C ASP D 45 -13.55 17.57 10.76
N GLU D 46 -13.92 16.60 11.58
CA GLU D 46 -15.27 16.04 11.54
C GLU D 46 -16.29 17.06 11.99
N ALA D 47 -15.91 17.82 13.00
CA ALA D 47 -16.74 18.89 13.52
C ALA D 47 -16.92 19.95 12.46
N TYR D 48 -15.81 20.31 11.84
CA TYR D 48 -15.83 21.29 10.77
C TYR D 48 -16.66 20.84 9.57
N LYS D 49 -16.60 19.56 9.26
CA LYS D 49 -17.37 19.01 8.17
C LYS D 49 -18.91 19.24 8.33
N GLU D 50 -19.41 19.10 9.54
CA GLU D 50 -20.80 19.29 9.82
C GLU D 50 -21.13 20.78 9.73
N PHE D 51 -20.21 21.60 10.22
CA PHE D 51 -20.41 23.04 10.16
C PHE D 51 -20.57 23.51 8.71
N VAL D 52 -19.62 23.13 7.88
CA VAL D 52 -19.65 23.44 6.48
C VAL D 52 -20.96 22.95 5.85
N GLN D 54 -23.79 22.67 7.42
CA GLN D 54 -24.85 23.52 7.92
C GLN D 54 -24.85 24.87 7.26
N LEU D 55 -23.65 25.40 7.07
CA LEU D 55 -23.48 26.70 6.45
C LEU D 55 -24.05 26.75 5.04
N ALA D 56 -23.88 25.68 4.27
CA ALA D 56 -24.30 25.69 2.88
C ALA D 56 -25.75 25.24 2.68
N SER D 57 -26.34 24.63 3.70
CA SER D 57 -27.69 24.07 3.58
C SER D 57 -28.78 25.14 3.30
N TRP D 58 -29.63 24.82 2.35
CA TRP D 58 -30.85 25.58 2.07
C TRP D 58 -31.73 25.66 3.33
N ASP D 59 -31.95 24.52 3.99
CA ASP D 59 -32.72 24.52 5.22
C ASP D 59 -32.15 25.49 6.23
N THR D 60 -30.82 25.56 6.34
CA THR D 60 -30.26 26.38 7.37
C THR D 60 -30.45 27.86 7.07
N ARG D 61 -30.34 28.23 5.80
CA ARG D 61 -30.55 29.62 5.39
C ARG D 61 -32.00 30.05 5.58
N ARG D 62 -32.93 29.14 5.28
CA ARG D 62 -34.35 29.38 5.41
C ARG D 62 -34.73 29.55 6.88
N GLU D 63 -34.35 28.59 7.72
CA GLU D 63 -34.61 28.66 9.14
C GLU D 63 -34.01 29.95 9.74
N PHE D 64 -32.81 30.31 9.33
CA PHE D 64 -32.20 31.53 9.77
C PHE D 64 -33.03 32.81 9.51
N TRP D 65 -33.39 33.07 8.26
CA TRP D 65 -34.14 34.27 7.90
C TRP D 65 -35.51 34.30 8.54
N LEU D 66 -36.20 33.17 8.64
CA LEU D 66 -37.51 33.15 9.35
C LEU D 66 -37.43 33.64 10.81
N GLN D 67 -36.21 33.66 11.35
CA GLN D 67 -35.97 33.78 12.80
C GLN D 67 -35.37 35.18 13.03
N THR D 68 -35.31 35.94 11.94
CA THR D 68 -34.70 37.25 11.85
C THR D 68 -35.76 38.40 11.75
N ASP D 69 -35.54 39.47 12.53
CA ASP D 69 -36.39 40.67 12.47
C ASP D 69 -36.26 41.37 11.11
N TYR D 70 -35.08 41.27 10.53
CA TYR D 70 -34.82 41.82 9.23
C TYR D 70 -35.82 41.33 8.17
N TYR D 71 -35.98 40.00 8.10
CA TYR D 71 -37.05 39.35 7.33
C TYR D 71 -38.47 39.72 7.80
N LYS D 72 -38.79 39.55 9.08
CA LYS D 72 -40.14 39.84 9.58
C LYS D 72 -40.61 41.27 9.29
N GLN D 73 -39.67 42.22 9.36
CA GLN D 73 -39.98 43.61 9.02
C GLN D 73 -40.19 43.88 7.56
N ARG D 74 -39.84 42.94 6.67
CA ARG D 74 -40.07 43.14 5.24
C ARG D 74 -41.29 42.35 4.73
N VAL D 76 -45.24 41.62 4.19
CA VAL D 76 -46.37 42.52 3.88
C VAL D 76 -47.72 41.87 4.16
N GLY D 77 -47.68 40.61 4.60
CA GLY D 77 -48.87 39.84 4.94
C GLY D 77 -49.57 39.23 3.73
N ASN D 78 -48.83 39.03 2.66
CA ASN D 78 -49.32 38.28 1.50
C ASN D 78 -48.42 37.04 1.41
N SER D 79 -49.07 35.89 1.34
CA SER D 79 -48.38 34.61 1.38
C SER D 79 -47.37 34.43 0.26
N LYS D 80 -47.79 34.79 -0.95
CA LYS D 80 -46.98 34.68 -2.15
C LYS D 80 -45.83 35.66 -2.09
N ALA D 81 -46.12 36.95 -1.98
CA ALA D 81 -45.05 37.95 -1.78
C ALA D 81 -44.07 37.58 -0.64
N ASP D 82 -44.57 37.00 0.45
CA ASP D 82 -43.66 36.69 1.58
C ASP D 82 -42.80 35.42 1.37
N ALA D 83 -43.34 34.44 0.65
CA ALA D 83 -42.55 33.27 0.25
C ALA D 83 -41.44 33.65 -0.76
N ALA D 84 -41.77 34.55 -1.70
CA ALA D 84 -40.82 35.00 -2.72
C ALA D 84 -39.67 35.77 -2.08
N LEU D 85 -40.01 36.60 -1.11
CA LEU D 85 -39.02 37.36 -0.34
C LEU D 85 -38.10 36.42 0.43
N LEU D 86 -38.67 35.42 1.05
CA LEU D 86 -37.86 34.43 1.79
C LEU D 86 -36.84 33.75 0.88
N ASP D 87 -37.28 33.43 -0.34
CA ASP D 87 -36.47 32.79 -1.36
C ASP D 87 -35.32 33.64 -1.89
N GLU D 88 -35.61 34.91 -2.09
CA GLU D 88 -34.60 35.93 -2.35
C GLU D 88 -33.57 36.05 -1.20
N ILE D 90 -32.65 33.60 1.00
CA ILE D 90 -31.86 32.38 1.00
C ILE D 90 -30.77 32.46 -0.10
N ASN D 91 -31.18 32.94 -1.28
CA ASN D 91 -30.27 33.13 -2.39
C ASN D 91 -29.24 34.24 -2.16
N ASN D 92 -29.44 35.06 -1.14
CA ASN D 92 -28.50 36.11 -0.76
C ASN D 92 -27.43 35.64 0.22
N ILE D 93 -27.46 34.36 0.58
CA ILE D 93 -26.34 33.79 1.31
C ILE D 93 -25.69 32.74 0.39
N GLN D 94 -24.47 33.02 -0.06
CA GLN D 94 -23.73 32.20 -1.00
C GLN D 94 -22.50 31.60 -0.33
N PHE D 95 -22.40 30.28 -0.37
CA PHE D 95 -21.25 29.60 0.16
C PHE D 95 -20.38 29.03 -0.98
N ILE D 96 -19.06 29.26 -0.89
CA ILE D 96 -18.10 28.71 -1.85
C ILE D 96 -17.11 27.77 -1.16
N PRO D 97 -17.18 26.47 -1.48
CA PRO D 97 -16.20 25.51 -0.94
C PRO D 97 -14.81 25.90 -1.39
N GLY D 98 -13.87 25.78 -0.46
CA GLY D 98 -12.50 26.14 -0.74
C GLY D 98 -11.86 25.11 -1.62
N ASP D 99 -10.83 25.54 -2.36
CA ASP D 99 -9.91 24.67 -3.11
C ASP D 99 -8.53 24.75 -2.43
N PHE D 100 -8.23 23.74 -1.64
CA PHE D 100 -7.04 23.79 -0.80
C PHE D 100 -5.70 23.70 -1.55
N THR D 101 -5.72 23.05 -2.72
CA THR D 101 -4.58 23.01 -3.63
C THR D 101 -4.12 24.40 -4.15
N ARG D 102 -5.06 25.36 -4.15
CA ARG D 102 -4.84 26.73 -4.60
C ARG D 102 -4.80 27.72 -3.42
N ALA D 103 -4.59 27.19 -2.20
CA ALA D 103 -4.71 27.95 -0.93
C ALA D 103 -5.94 28.84 -0.82
N VAL D 104 -7.01 28.52 -1.56
CA VAL D 104 -8.25 29.25 -1.38
C VAL D 104 -9.15 28.48 -0.44
N ASN D 105 -9.55 29.13 0.66
CA ASN D 105 -10.36 28.53 1.72
C ASN D 105 -11.88 28.71 1.59
N ASP D 106 -12.64 27.98 2.42
CA ASP D 106 -14.12 28.07 2.49
C ASP D 106 -14.51 29.48 2.82
N SER D 107 -15.48 30.02 2.05
CA SER D 107 -16.04 31.33 2.32
C SER D 107 -17.53 31.44 2.05
N VAL D 108 -18.18 32.31 2.81
CA VAL D 108 -19.58 32.54 2.70
C VAL D 108 -19.76 34.04 2.58
N LYS D 109 -20.68 34.44 1.74
CA LYS D 109 -20.99 35.81 1.51
C LYS D 109 -22.47 36.03 1.85
N LEU D 110 -22.81 37.21 2.34
CA LEU D 110 -24.20 37.51 2.60
C LEU D 110 -24.56 38.92 2.12
N ILE D 111 -25.59 39.02 1.26
CA ILE D 111 -26.09 40.31 0.73
C ILE D 111 -27.24 40.91 1.53
N ALA D 112 -27.23 42.23 1.71
CA ALA D 112 -28.37 42.91 2.34
C ALA D 112 -28.45 44.41 1.98
N GLU D 113 -29.41 45.11 2.59
CA GLU D 113 -29.75 46.47 2.20
C GLU D 113 -28.90 47.55 2.83
N THR D 114 -28.30 47.24 3.97
CA THR D 114 -27.33 48.19 4.52
C THR D 114 -26.05 47.48 4.89
N ALA D 115 -24.97 48.24 4.94
CA ALA D 115 -23.68 47.70 5.35
C ALA D 115 -23.68 47.15 6.78
N PRO D 116 -24.27 47.86 7.77
CA PRO D 116 -24.32 47.22 9.10
C PRO D 116 -25.13 45.92 9.13
N ASP D 117 -26.25 45.89 8.38
CA ASP D 117 -27.05 44.67 8.30
C ASP D 117 -26.24 43.50 7.71
N ALA D 118 -25.45 43.75 6.67
CA ALA D 118 -24.68 42.66 6.04
C ALA D 118 -23.71 42.05 7.05
N ASN D 119 -22.98 42.92 7.74
CA ASN D 119 -22.08 42.54 8.84
C ASN D 119 -22.74 41.76 10.01
N ASN D 120 -23.77 42.32 10.62
CA ASN D 120 -24.38 41.70 11.78
C ASN D 120 -25.09 40.37 11.45
N LEU D 121 -25.77 40.31 10.31
CA LEU D 121 -26.51 39.11 9.91
C LEU D 121 -25.57 37.96 9.55
N LEU D 122 -24.46 38.25 8.83
CA LEU D 122 -23.47 37.20 8.55
C LEU D 122 -22.89 36.63 9.83
N ARG D 123 -22.53 37.50 10.76
CA ARG D 123 -22.15 37.04 12.11
C ARG D 123 -23.21 36.16 12.76
N GLN D 124 -24.48 36.58 12.71
CA GLN D 124 -25.50 35.82 13.41
C GLN D 124 -25.63 34.51 12.68
N TYR D 125 -25.53 34.55 11.35
CA TYR D 125 -25.77 33.40 10.55
C TYR D 125 -24.68 32.35 10.77
N VAL D 126 -23.42 32.79 10.76
CA VAL D 126 -22.32 31.91 11.06
C VAL D 126 -22.52 31.30 12.45
N ALA D 127 -22.93 32.10 13.44
CA ALA D 127 -23.19 31.52 14.79
C ALA D 127 -24.40 30.55 14.76
N PHE D 128 -25.40 30.85 13.96
CA PHE D 128 -26.58 30.01 13.85
C PHE D 128 -26.18 28.61 13.33
N ALA D 129 -25.40 28.60 12.26
CA ALA D 129 -24.98 27.36 11.65
C ALA D 129 -24.07 26.55 12.59
N SER D 130 -23.22 27.26 13.33
CA SER D 130 -22.30 26.60 14.27
C SER D 130 -23.06 25.83 15.36
N GLN D 131 -24.09 26.48 15.87
CA GLN D 131 -24.96 25.95 16.91
C GLN D 131 -25.78 24.77 16.36
N ARG D 132 -26.19 24.84 15.11
CA ARG D 132 -26.84 23.66 14.56
C ARG D 132 -25.83 22.49 14.44
N ALA D 133 -24.58 22.80 14.11
CA ALA D 133 -23.59 21.75 13.96
C ALA D 133 -23.30 21.13 15.32
N ALA D 134 -23.15 21.98 16.33
CA ALA D 134 -22.90 21.52 17.69
C ALA D 134 -24.00 20.59 18.20
N SER D 135 -25.27 20.96 18.05
CA SER D 135 -26.37 20.11 18.50
C SER D 135 -26.41 18.81 17.71
N HIS D 136 -26.07 18.89 16.43
CA HIS D 136 -26.09 17.68 15.63
C HIS D 136 -24.98 16.74 16.06
N LEU D 137 -23.76 17.24 16.19
CA LEU D 137 -22.65 16.44 16.69
C LEU D 137 -22.93 15.80 18.08
N ASN D 138 -23.56 16.56 18.98
CA ASN D 138 -24.03 15.99 20.23
C ASN D 138 -25.12 14.89 20.12
N ASP D 139 -25.99 14.96 19.13
CA ASP D 139 -26.90 13.86 18.81
C ASP D 139 -26.16 12.64 18.27
N GLU D 140 -25.12 12.84 17.46
CA GLU D 140 -24.35 11.71 17.01
C GLU D 140 -23.64 11.10 18.21
N LEU D 141 -23.06 11.95 19.07
CA LEU D 141 -22.37 11.47 20.29
C LEU D 141 -23.30 10.63 21.18
N LYS D 142 -24.33 11.25 21.76
CA LYS D 142 -25.33 10.59 22.58
C LYS D 142 -25.77 9.20 22.04
N GLY D 143 -25.90 9.11 20.73
CA GLY D 143 -26.29 7.87 20.07
C GLY D 143 -25.17 6.88 19.74
N ALA D 144 -23.93 7.37 19.69
CA ALA D 144 -22.81 6.49 19.41
C ALA D 144 -22.47 5.82 20.73
N TRP D 145 -22.62 6.61 21.77
CA TRP D 145 -22.39 6.20 23.10
C TRP D 145 -23.45 5.17 23.50
N ALA D 146 -24.70 5.45 23.17
CA ALA D 146 -25.77 4.51 23.47
C ALA D 146 -25.47 3.19 22.78
N ALA D 147 -25.06 3.23 21.52
CA ALA D 147 -24.69 2.01 20.81
C ALA D 147 -23.52 1.24 21.47
N ARG D 148 -22.44 1.94 21.83
CA ARG D 148 -21.33 1.30 22.48
C ARG D 148 -21.73 0.71 23.83
N THR D 149 -22.61 1.40 24.55
CA THR D 149 -23.00 0.98 25.91
C THR D 149 -23.88 -0.26 25.87
N ILE D 150 -24.72 -0.36 24.86
CA ILE D 150 -25.55 -1.55 24.73
C ILE D 150 -24.68 -2.74 24.38
N GLN D 151 -23.69 -2.51 23.52
CA GLN D 151 -22.88 -3.63 23.09
C GLN D 151 -22.03 -4.15 24.27
N LYS D 153 -22.71 -4.06 27.54
CA LYS D 153 -23.61 -4.81 28.42
C LYS D 153 -23.87 -6.22 27.96
N ALA D 154 -23.95 -6.40 26.64
CA ALA D 154 -24.26 -7.71 26.09
C ALA D 154 -23.01 -8.60 26.15
N GLN D 155 -21.85 -7.97 25.98
CA GLN D 155 -20.56 -8.63 26.01
C GLN D 155 -20.29 -9.15 27.42
N VAL D 156 -20.54 -8.29 28.40
CA VAL D 156 -20.43 -8.64 29.81
C VAL D 156 -21.43 -9.73 30.21
N LYS D 157 -22.70 -9.57 29.84
CA LYS D 157 -23.70 -10.60 30.09
C LYS D 157 -23.29 -11.94 29.46
N ARG D 158 -22.83 -11.93 28.20
CA ARG D 158 -22.23 -13.13 27.61
C ARG D 158 -21.08 -13.69 28.45
N GLN D 159 -20.25 -12.81 29.00
CA GLN D 159 -19.17 -13.27 29.84
C GLN D 159 -19.69 -13.98 31.12
N GLU D 160 -20.73 -13.43 31.75
CA GLU D 160 -21.34 -14.03 32.92
C GLU D 160 -21.93 -15.41 32.61
N GLU D 161 -22.49 -15.57 31.42
CA GLU D 161 -23.14 -16.81 31.06
C GLU D 161 -22.16 -17.92 30.64
N VAL D 162 -20.97 -17.52 30.18
CA VAL D 162 -19.86 -18.44 29.90
C VAL D 162 -19.22 -18.96 31.20
N ALA D 163 -18.94 -18.05 32.12
CA ALA D 163 -18.35 -18.44 33.40
C ALA D 163 -19.31 -19.34 34.18
N LYS D 164 -20.61 -19.09 34.04
CA LYS D 164 -21.67 -19.93 34.61
C LYS D 164 -21.67 -21.35 34.05
N ALA D 165 -21.50 -21.47 32.73
CA ALA D 165 -21.44 -22.77 32.10
C ALA D 165 -20.20 -23.53 32.58
N ILE D 166 -19.06 -22.85 32.62
CA ILE D 166 -17.80 -23.45 33.07
C ILE D 166 -17.89 -23.85 34.56
N TYR D 167 -18.59 -23.03 35.33
CA TYR D 167 -18.82 -23.28 36.73
C TYR D 167 -19.62 -24.57 36.97
N ASP D 168 -20.72 -24.72 36.24
CA ASP D 168 -21.61 -25.86 36.39
C ASP D 168 -20.91 -27.13 35.94
N ARG D 169 -20.15 -27.03 34.85
CA ARG D 169 -19.36 -28.13 34.33
C ARG D 169 -18.44 -28.64 35.44
N ARG D 170 -17.78 -27.70 36.11
CA ARG D 170 -16.85 -27.98 37.19
C ARG D 170 -17.56 -28.55 38.44
N ASN D 172 -20.54 -30.38 38.59
CA ASN D 172 -20.91 -31.77 38.42
C ASN D 172 -19.68 -32.64 38.60
N SER D 173 -18.67 -32.39 37.76
CA SER D 173 -17.44 -33.17 37.77
C SER D 173 -16.87 -33.45 39.19
N ILE D 174 -16.91 -32.44 40.07
CA ILE D 174 -16.36 -32.57 41.43
C ILE D 174 -17.20 -33.48 42.31
N GLU D 175 -18.52 -33.37 42.19
CA GLU D 175 -19.41 -34.24 42.97
C GLU D 175 -19.18 -35.70 42.61
N GLN D 176 -19.10 -35.95 41.30
CA GLN D 176 -19.09 -37.31 40.79
C GLN D 176 -17.75 -38.05 40.95
N GLN D 212 -13.70 -33.52 50.14
CA GLN D 212 -14.90 -32.80 49.65
C GLN D 212 -14.71 -31.29 49.86
N ALA D 213 -13.49 -30.89 50.24
CA ALA D 213 -13.21 -29.49 50.50
C ALA D 213 -13.63 -28.62 49.31
N ARG D 214 -13.07 -28.94 48.15
CA ARG D 214 -13.25 -28.16 46.94
C ARG D 214 -14.70 -28.05 46.42
N LEU D 215 -15.59 -28.90 46.94
CA LEU D 215 -17.01 -28.83 46.55
C LEU D 215 -17.73 -27.67 47.22
N GLU D 216 -17.57 -27.55 48.53
CA GLU D 216 -18.20 -26.45 49.24
C GLU D 216 -17.48 -25.15 48.91
N ASN D 217 -16.16 -25.27 48.70
CA ASN D 217 -15.31 -24.19 48.23
C ASN D 217 -15.91 -23.51 47.00
N LEU D 218 -16.04 -24.29 45.92
CA LEU D 218 -16.58 -23.86 44.64
C LEU D 218 -17.98 -23.27 44.78
N GLN D 219 -18.78 -23.92 45.62
CA GLN D 219 -20.16 -23.53 45.95
C GLN D 219 -20.18 -22.14 46.59
N ALA D 220 -19.27 -21.90 47.53
CA ALA D 220 -19.26 -20.63 48.28
C ALA D 220 -18.66 -19.42 47.54
N VAL D 221 -17.82 -19.65 46.54
CA VAL D 221 -17.19 -18.55 45.79
C VAL D 221 -17.98 -18.15 44.54
N GLY D 222 -18.19 -19.11 43.64
CA GLY D 222 -18.94 -18.88 42.42
C GLY D 222 -18.09 -19.01 41.17
N PRO D 223 -18.64 -18.56 40.03
CA PRO D 223 -17.96 -18.71 38.75
C PRO D 223 -16.71 -17.82 38.64
N ALA D 224 -15.70 -18.33 37.94
CA ALA D 224 -14.37 -17.72 37.86
C ALA D 224 -14.29 -16.65 36.76
N PHE D 225 -13.94 -15.44 37.16
CA PHE D 225 -13.92 -14.30 36.27
C PHE D 225 -12.52 -13.77 36.06
N ASP D 226 -12.07 -13.79 34.81
CA ASP D 226 -10.77 -13.25 34.46
C ASP D 226 -10.74 -11.71 34.39
N LEU D 227 -9.52 -11.18 34.26
CA LEU D 227 -9.27 -9.75 34.24
C LEU D 227 -10.03 -9.01 33.14
N ASP D 228 -10.15 -9.65 31.97
CA ASP D 228 -10.91 -9.03 30.86
C ASP D 228 -12.36 -8.81 31.23
N TYR D 229 -12.95 -9.73 32.00
CA TYR D 229 -14.28 -9.49 32.56
C TYR D 229 -14.33 -8.22 33.42
N ASP D 230 -13.36 -8.09 34.31
CA ASP D 230 -13.31 -7.01 35.28
C ASP D 230 -13.03 -5.67 34.63
N GLN D 231 -12.10 -5.64 33.69
CA GLN D 231 -11.92 -4.45 32.85
C GLN D 231 -13.20 -3.99 32.17
N ASN D 232 -13.98 -4.95 31.66
CA ASN D 232 -15.24 -4.60 31.02
C ASN D 232 -16.27 -4.09 32.01
N ARG D 233 -16.22 -4.59 33.24
CA ARG D 233 -17.09 -4.10 34.29
C ARG D 233 -16.87 -2.62 34.56
N ALA D 234 -15.63 -2.25 34.87
CA ALA D 234 -15.28 -0.84 35.05
C ALA D 234 -15.58 0.02 33.81
N LEU D 236 -17.85 -0.42 31.69
CA LEU D 236 -19.30 -0.27 31.71
C LEU D 236 -19.76 0.77 32.73
N ASN D 237 -19.07 0.84 33.86
CA ASN D 237 -19.37 1.83 34.89
C ASN D 237 -19.35 3.21 34.30
N THR D 238 -18.25 3.52 33.62
CA THR D 238 -18.06 4.86 33.10
C THR D 238 -18.99 5.13 31.91
N LEU D 239 -19.39 4.07 31.22
CA LEU D 239 -20.39 4.17 30.14
C LEU D 239 -21.79 4.53 30.64
N ASN D 240 -22.15 4.04 31.83
CA ASN D 240 -23.48 4.29 32.43
C ASN D 240 -23.69 5.70 32.95
N VAL D 241 -22.61 6.36 33.37
CA VAL D 241 -22.68 7.78 33.72
C VAL D 241 -23.33 8.53 32.54
N GLY D 242 -22.96 8.15 31.31
CA GLY D 242 -23.48 8.79 30.11
C GLY D 242 -22.71 10.06 29.77
N PRO D 243 -22.72 10.47 28.48
CA PRO D 243 -21.89 11.60 28.03
C PRO D 243 -22.39 12.93 28.57
N THR D 244 -21.54 13.94 28.57
CA THR D 244 -21.95 15.31 28.86
C THR D 244 -22.27 15.94 27.53
N LEU D 245 -23.40 16.62 27.45
CA LEU D 245 -23.80 17.21 26.19
C LEU D 245 -23.90 18.71 26.29
N ASP D 246 -22.75 19.37 26.17
CA ASP D 246 -22.67 20.81 26.18
C ASP D 246 -23.01 21.33 24.80
N PRO D 247 -24.09 22.14 24.69
CA PRO D 247 -24.45 22.66 23.38
C PRO D 247 -23.58 23.86 23.04
N ARG D 248 -22.84 24.34 24.03
CA ARG D 248 -22.15 25.62 23.86
C ARG D 248 -20.96 25.67 22.89
N PHE D 249 -20.38 24.53 22.52
CA PHE D 249 -19.12 24.61 21.83
C PHE D 249 -19.13 25.20 20.41
N GLN D 250 -17.98 25.69 19.97
CA GLN D 250 -17.89 26.33 18.68
C GLN D 250 -17.30 25.34 17.69
N THR D 251 -17.59 25.54 16.42
CA THR D 251 -17.46 24.48 15.46
C THR D 251 -16.70 24.94 14.17
N TYR D 252 -16.12 26.14 14.26
CA TYR D 252 -15.33 26.75 13.18
C TYR D 252 -14.42 27.73 13.88
N ARG D 253 -13.39 28.21 13.20
CA ARG D 253 -12.74 29.47 13.61
C ARG D 253 -12.71 30.33 12.38
N TYR D 254 -12.57 31.61 12.60
CA TYR D 254 -12.61 32.53 11.51
C TYR D 254 -11.19 32.76 11.06
N LEU D 255 -11.01 32.89 9.75
CA LEU D 255 -9.78 33.40 9.20
C LEU D 255 -10.09 34.78 8.67
N ARG D 256 -11.37 34.96 8.31
CA ARG D 256 -11.90 36.28 7.97
C ARG D 256 -13.27 36.47 8.60
N THR D 257 -13.32 37.43 9.52
CA THR D 257 -14.53 37.77 10.28
C THR D 257 -15.32 38.79 9.46
N PRO D 258 -16.66 38.65 9.41
CA PRO D 258 -17.45 39.69 8.74
C PRO D 258 -17.12 41.07 9.23
N GLU D 259 -17.10 42.04 8.33
CA GLU D 259 -16.96 43.43 8.70
C GLU D 259 -17.88 44.26 7.83
N GLU D 260 -18.23 45.47 8.29
CA GLU D 260 -19.01 46.39 7.47
C GLU D 260 -18.29 46.60 6.14
N PRO D 261 -18.97 46.33 5.02
CA PRO D 261 -18.36 46.60 3.72
C PRO D 261 -18.14 48.10 3.62
N VAL D 262 -17.09 48.52 2.90
CA VAL D 262 -16.83 49.96 2.80
C VAL D 262 -17.49 50.54 1.56
N LYS D 263 -18.06 49.66 0.73
CA LYS D 263 -18.74 50.08 -0.49
C LYS D 263 -19.76 49.09 -0.95
N ARG D 264 -20.76 49.59 -1.66
CA ARG D 264 -21.84 48.78 -2.21
C ARG D 264 -21.33 47.75 -3.19
N ASP D 265 -22.17 46.78 -3.49
CA ASP D 265 -21.85 45.67 -4.37
C ASP D 265 -21.71 46.00 -5.87
N GLU E 1 -45.36 22.21 -14.77
CA GLU E 1 -45.81 23.41 -13.98
C GLU E 1 -44.84 23.87 -12.87
N TRP E 2 -45.10 23.32 -11.70
CA TRP E 2 -44.49 23.66 -10.48
C TRP E 2 -43.58 22.51 -10.16
N SER E 3 -42.53 22.77 -9.40
CA SER E 3 -41.70 21.68 -8.89
C SER E 3 -41.12 21.96 -7.50
N SER E 4 -40.84 20.91 -6.76
CA SER E 4 -40.13 21.01 -5.54
C SER E 4 -38.81 20.36 -5.75
N THR E 5 -37.87 20.64 -4.85
CA THR E 5 -36.53 20.11 -4.89
C THR E 5 -36.18 19.61 -3.51
N ALA E 6 -35.46 18.50 -3.44
CA ALA E 6 -34.88 18.06 -2.19
C ALA E 6 -33.41 17.74 -2.44
N ILE E 7 -32.59 18.03 -1.42
CA ILE E 7 -31.17 17.69 -1.47
C ILE E 7 -30.92 16.78 -0.25
N THR E 8 -30.23 15.66 -0.44
CA THR E 8 -30.08 14.69 0.64
C THR E 8 -28.63 14.33 0.86
N ASP E 9 -28.36 13.73 2.01
CA ASP E 9 -27.08 13.06 2.27
C ASP E 9 -27.32 11.93 3.28
N ARG E 10 -26.29 11.10 3.44
CA ARG E 10 -26.24 9.95 4.34
C ARG E 10 -26.71 10.30 5.73
N PRO E 11 -27.44 9.36 6.39
CA PRO E 11 -28.08 9.64 7.67
C PRO E 11 -27.03 9.61 8.73
N THR E 12 -27.40 9.84 9.98
CA THR E 12 -26.48 9.77 11.10
C THR E 12 -26.81 8.56 11.96
N VAL E 13 -25.85 8.07 12.76
CA VAL E 13 -26.04 6.87 13.57
C VAL E 13 -27.39 6.81 14.29
N ASN E 14 -27.70 7.88 15.06
CA ASN E 14 -29.04 7.92 15.71
C ASN E 14 -30.22 7.66 14.76
N LEU E 16 -30.47 5.64 12.39
CA LEU E 16 -30.53 4.21 12.10
C LEU E 16 -31.15 3.36 13.20
N GLY E 17 -31.32 3.93 14.40
CA GLY E 17 -31.99 3.27 15.52
C GLY E 17 -31.36 1.91 15.80
N GLY E 18 -32.19 0.98 16.29
CA GLY E 18 -31.77 -0.40 16.51
C GLY E 18 -31.03 -1.07 15.36
N TYR E 19 -31.12 -0.52 14.15
CA TYR E 19 -30.45 -1.17 12.99
C TYR E 19 -28.93 -1.11 13.07
N TYR E 20 -28.38 0.02 13.52
CA TYR E 20 -26.93 0.18 13.57
C TYR E 20 -26.22 -0.86 14.45
N SER E 21 -26.62 -0.95 15.72
CA SER E 21 -25.96 -1.88 16.66
C SER E 21 -26.01 -3.35 16.21
N GLN E 22 -27.10 -3.71 15.52
CA GLN E 22 -27.31 -5.07 15.02
C GLN E 22 -26.41 -5.38 13.83
N GLN E 23 -26.29 -4.42 12.91
CA GLN E 23 -25.45 -4.59 11.76
C GLN E 23 -23.98 -4.61 12.18
N GLN E 24 -23.60 -3.81 13.18
CA GLN E 24 -22.26 -3.83 13.73
C GLN E 24 -21.98 -5.10 14.53
N PHE E 25 -23.02 -5.66 15.14
CA PHE E 25 -22.88 -6.93 15.86
C PHE E 25 -22.48 -8.05 14.88
N LEU E 26 -23.24 -8.18 13.80
CA LEU E 26 -22.92 -9.15 12.73
C LEU E 26 -21.57 -8.88 12.10
N ARG E 27 -21.30 -7.61 11.81
CA ARG E 27 -20.00 -7.21 11.28
C ARG E 27 -18.83 -7.65 12.15
N ASN E 28 -18.96 -7.60 13.48
CA ASN E 28 -17.83 -7.96 14.35
C ASN E 28 -17.66 -9.48 14.50
N LEU E 29 -18.34 -10.23 13.65
CA LEU E 29 -18.18 -11.68 13.63
C LEU E 29 -17.53 -12.12 12.32
N ASP E 30 -17.95 -11.51 11.21
CA ASP E 30 -17.57 -11.99 9.88
C ASP E 30 -16.06 -12.12 9.63
N VAL E 31 -15.26 -11.33 10.37
CA VAL E 31 -13.80 -11.48 10.38
C VAL E 31 -13.37 -12.45 11.47
N PRO E 41 -16.62 1.01 4.04
CA PRO E 41 -17.90 1.76 3.99
C PRO E 41 -18.63 1.62 5.34
N SER E 42 -19.04 2.73 5.94
CA SER E 42 -19.75 2.66 7.23
C SER E 42 -21.16 2.12 7.01
N VAL E 43 -21.90 1.93 8.09
CA VAL E 43 -23.24 1.43 7.99
C VAL E 43 -24.10 2.54 7.44
N ASP E 45 -23.21 4.87 5.31
CA ASP E 45 -22.93 4.97 3.88
C ASP E 45 -23.72 3.92 3.11
N GLU E 46 -23.74 2.70 3.64
CA GLU E 46 -24.44 1.59 3.00
C GLU E 46 -25.95 1.79 3.04
N ALA E 47 -26.47 2.24 4.18
CA ALA E 47 -27.86 2.71 4.28
C ALA E 47 -28.19 3.74 3.23
N TYR E 48 -27.33 4.75 3.11
CA TYR E 48 -27.52 5.79 2.12
C TYR E 48 -27.40 5.30 0.69
N LYS E 49 -26.55 4.32 0.45
CA LYS E 49 -26.40 3.76 -0.89
C LYS E 49 -27.75 3.19 -1.36
N GLU E 50 -28.42 2.48 -0.48
CA GLU E 50 -29.72 1.95 -0.76
C GLU E 50 -30.84 3.01 -0.92
N PHE E 51 -30.81 4.07 -0.11
CA PHE E 51 -31.85 5.11 -0.22
C PHE E 51 -31.83 5.71 -1.62
N VAL E 52 -30.63 6.08 -2.06
CA VAL E 52 -30.36 6.66 -3.34
C VAL E 52 -30.84 5.76 -4.48
N GLN E 54 -33.24 3.42 -4.20
CA GLN E 54 -34.69 3.49 -4.10
C GLN E 54 -35.23 4.80 -4.70
N LEU E 55 -34.63 5.93 -4.33
CA LEU E 55 -34.99 7.27 -4.84
C LEU E 55 -35.03 7.37 -6.37
N ALA E 56 -33.99 6.86 -7.01
CA ALA E 56 -33.85 6.96 -8.45
C ALA E 56 -34.66 5.87 -9.19
N SER E 57 -35.03 4.80 -8.48
CA SER E 57 -35.59 3.65 -9.16
C SER E 57 -36.95 3.91 -9.84
N TRP E 58 -37.05 3.42 -11.08
CA TRP E 58 -38.27 3.49 -11.85
C TRP E 58 -39.41 2.77 -11.11
N ASP E 59 -39.14 1.56 -10.65
CA ASP E 59 -40.13 0.78 -9.89
C ASP E 59 -40.63 1.59 -8.73
N THR E 60 -39.72 2.20 -7.97
CA THR E 60 -40.12 2.99 -6.81
C THR E 60 -41.00 4.16 -7.23
N ARG E 61 -40.67 4.77 -8.35
CA ARG E 61 -41.47 5.91 -8.80
C ARG E 61 -42.84 5.49 -9.28
N ARG E 62 -42.90 4.34 -9.95
CA ARG E 62 -44.16 3.79 -10.46
C ARG E 62 -45.14 3.44 -9.32
N GLU E 63 -44.64 2.70 -8.34
CA GLU E 63 -45.46 2.23 -7.24
C GLU E 63 -45.86 3.38 -6.36
N PHE E 64 -44.97 4.34 -6.13
CA PHE E 64 -45.35 5.57 -5.46
C PHE E 64 -46.63 6.21 -6.09
N TRP E 65 -46.62 6.46 -7.39
CA TRP E 65 -47.74 7.12 -8.01
C TRP E 65 -49.05 6.35 -7.87
N LEU E 66 -49.01 5.04 -8.10
CA LEU E 66 -50.21 4.15 -8.02
C LEU E 66 -50.90 4.23 -6.70
N GLN E 67 -50.17 4.56 -5.66
CA GLN E 67 -50.71 4.59 -4.27
C GLN E 67 -51.08 6.04 -3.85
N THR E 68 -51.17 6.93 -4.82
CA THR E 68 -51.38 8.35 -4.55
C THR E 68 -52.80 8.75 -4.96
N ASP E 69 -53.45 9.56 -4.13
CA ASP E 69 -54.74 10.17 -4.49
C ASP E 69 -54.60 11.11 -5.70
N TYR E 70 -53.49 11.83 -5.76
CA TYR E 70 -53.09 12.66 -6.93
C TYR E 70 -53.25 11.93 -8.30
N TYR E 71 -52.58 10.79 -8.49
CA TYR E 71 -52.77 9.89 -9.64
C TYR E 71 -54.18 9.30 -9.73
N LYS E 72 -54.68 8.72 -8.64
CA LYS E 72 -55.99 8.09 -8.71
C LYS E 72 -57.06 9.04 -9.26
N GLN E 73 -57.09 10.27 -8.76
CA GLN E 73 -58.11 11.24 -9.13
C GLN E 73 -57.97 11.67 -10.60
N ARG E 74 -56.84 11.37 -11.21
CA ARG E 74 -56.58 11.71 -12.60
C ARG E 74 -56.80 10.53 -13.60
N VAL E 76 -58.92 7.83 -15.78
CA VAL E 76 -60.23 7.94 -16.47
C VAL E 76 -60.95 6.59 -16.67
N GLY E 77 -60.42 5.51 -16.10
CA GLY E 77 -61.05 4.20 -16.20
C GLY E 77 -60.75 3.46 -17.49
N ASN E 78 -59.73 3.96 -18.23
CA ASN E 78 -59.24 3.31 -19.44
C ASN E 78 -57.80 2.95 -19.20
N SER E 79 -57.42 1.77 -19.65
CA SER E 79 -56.14 1.15 -19.28
C SER E 79 -54.93 1.81 -19.96
N LYS E 80 -55.11 2.16 -21.22
CA LYS E 80 -54.07 2.68 -22.08
C LYS E 80 -53.85 4.12 -21.64
N ALA E 81 -54.96 4.82 -21.42
CA ALA E 81 -54.89 6.19 -21.04
C ALA E 81 -54.31 6.36 -19.66
N ASP E 82 -54.72 5.50 -18.71
CA ASP E 82 -54.18 5.53 -17.33
C ASP E 82 -52.74 5.10 -17.24
N ALA E 83 -52.33 4.18 -18.14
CA ALA E 83 -50.92 3.79 -18.24
C ALA E 83 -50.01 4.92 -18.82
N ALA E 84 -50.52 5.62 -19.82
CA ALA E 84 -49.80 6.77 -20.35
C ALA E 84 -49.66 7.88 -19.29
N LEU E 85 -50.70 8.08 -18.50
CA LEU E 85 -50.61 9.04 -17.39
C LEU E 85 -49.54 8.68 -16.35
N LEU E 86 -49.52 7.42 -15.95
CA LEU E 86 -48.63 6.91 -14.96
C LEU E 86 -47.20 7.18 -15.41
N ASP E 87 -47.00 6.99 -16.72
CA ASP E 87 -45.69 7.08 -17.31
C ASP E 87 -45.19 8.52 -17.31
N GLU E 88 -46.05 9.45 -17.70
CA GLU E 88 -45.77 10.90 -17.67
C GLU E 88 -45.36 11.28 -16.23
N ILE E 90 -44.14 9.19 -13.91
CA ILE E 90 -42.89 8.60 -13.49
C ILE E 90 -41.75 9.54 -13.96
N ASN E 91 -41.87 10.06 -15.18
CA ASN E 91 -40.86 10.95 -15.71
C ASN E 91 -40.85 12.34 -15.10
N ASN E 92 -41.76 12.61 -14.19
CA ASN E 92 -41.82 13.87 -13.48
C ASN E 92 -41.06 13.88 -12.17
N ILE E 93 -40.53 12.73 -11.78
CA ILE E 93 -39.63 12.66 -10.64
C ILE E 93 -38.29 12.42 -11.27
N GLN E 94 -37.39 13.39 -11.10
CA GLN E 94 -36.09 13.37 -11.71
C GLN E 94 -35.05 13.30 -10.61
N PHE E 95 -34.26 12.24 -10.60
CA PHE E 95 -33.13 12.13 -9.66
C PHE E 95 -31.85 12.60 -10.33
N ILE E 96 -31.06 13.39 -9.59
CA ILE E 96 -29.79 13.90 -10.10
C ILE E 96 -28.65 13.54 -9.15
N PRO E 97 -27.80 12.60 -9.56
CA PRO E 97 -26.68 12.25 -8.66
C PRO E 97 -25.76 13.44 -8.44
N GLY E 98 -25.18 13.52 -7.26
CA GLY E 98 -24.13 14.49 -7.04
C GLY E 98 -22.80 14.07 -7.62
N ASP E 99 -21.84 14.99 -7.58
CA ASP E 99 -20.47 14.72 -7.97
C ASP E 99 -19.64 15.40 -6.87
N PHE E 100 -19.06 14.60 -5.98
CA PHE E 100 -18.32 15.21 -4.85
C PHE E 100 -16.96 15.84 -5.17
N THR E 101 -16.53 15.77 -6.43
CA THR E 101 -15.33 16.48 -6.87
C THR E 101 -15.67 17.96 -6.78
N ARG E 102 -16.91 18.29 -7.13
CA ARG E 102 -17.34 19.68 -7.14
C ARG E 102 -18.20 20.06 -5.91
N ALA E 103 -18.24 19.14 -4.93
CA ALA E 103 -19.10 19.28 -3.75
C ALA E 103 -20.57 19.43 -4.12
N VAL E 104 -21.03 18.61 -5.08
CA VAL E 104 -22.47 18.56 -5.45
C VAL E 104 -23.16 17.38 -4.77
N ASN E 105 -24.21 17.69 -4.04
CA ASN E 105 -25.00 16.67 -3.40
C ASN E 105 -26.06 16.14 -4.34
N ASP E 106 -26.53 14.91 -4.09
CA ASP E 106 -27.72 14.35 -4.76
C ASP E 106 -28.96 15.26 -4.55
N SER E 107 -29.81 15.33 -5.57
CA SER E 107 -31.03 16.11 -5.53
C SER E 107 -32.05 15.45 -6.42
N VAL E 108 -33.31 15.58 -6.01
CA VAL E 108 -34.44 15.01 -6.71
C VAL E 108 -35.44 16.16 -6.88
N LYS E 109 -36.05 16.24 -8.05
CA LYS E 109 -37.06 17.22 -8.38
C LYS E 109 -38.37 16.47 -8.66
N LEU E 110 -39.50 17.05 -8.25
CA LEU E 110 -40.79 16.47 -8.59
C LEU E 110 -41.68 17.56 -9.15
N ILE E 111 -42.24 17.33 -10.35
CA ILE E 111 -43.20 18.22 -11.01
C ILE E 111 -44.68 17.78 -10.81
N ALA E 112 -45.57 18.75 -10.65
CA ALA E 112 -47.02 18.58 -10.38
C ALA E 112 -47.83 19.83 -10.84
N GLU E 113 -49.16 19.71 -10.79
CA GLU E 113 -50.08 20.73 -11.29
C GLU E 113 -50.24 21.91 -10.40
N THR E 114 -49.95 21.73 -9.11
CA THR E 114 -50.03 22.85 -8.17
C THR E 114 -48.81 22.86 -7.30
N ALA E 115 -48.54 24.03 -6.75
CA ALA E 115 -47.46 24.21 -5.78
C ALA E 115 -47.65 23.34 -4.54
N PRO E 116 -48.81 23.45 -3.87
CA PRO E 116 -48.94 22.56 -2.69
C PRO E 116 -48.73 21.08 -3.02
N ASP E 117 -49.20 20.65 -4.19
CA ASP E 117 -49.00 19.27 -4.57
C ASP E 117 -47.53 18.93 -4.75
N ALA E 118 -46.77 19.83 -5.38
CA ALA E 118 -45.36 19.51 -5.66
C ALA E 118 -44.60 19.34 -4.35
N ASN E 119 -44.92 20.16 -3.37
CA ASN E 119 -44.30 20.01 -2.08
C ASN E 119 -44.70 18.74 -1.32
N ASN E 120 -46.00 18.52 -1.14
CA ASN E 120 -46.48 17.35 -0.39
C ASN E 120 -46.05 16.04 -1.06
N LEU E 121 -46.16 15.99 -2.38
CA LEU E 121 -45.77 14.79 -3.09
C LEU E 121 -44.28 14.53 -3.00
N LEU E 122 -43.45 15.55 -3.21
CA LEU E 122 -42.00 15.35 -2.99
C LEU E 122 -41.73 14.85 -1.55
N ARG E 123 -42.39 15.39 -0.53
CA ARG E 123 -42.11 14.94 0.82
C ARG E 123 -42.50 13.50 1.00
N GLN E 124 -43.60 13.10 0.34
CA GLN E 124 -44.17 11.78 0.57
C GLN E 124 -43.32 10.78 -0.21
N TYR E 125 -42.80 11.22 -1.34
CA TYR E 125 -42.02 10.36 -2.17
C TYR E 125 -40.69 10.03 -1.48
N VAL E 126 -40.05 11.05 -0.91
CA VAL E 126 -38.79 10.83 -0.22
C VAL E 126 -39.02 9.86 0.93
N ALA E 127 -40.10 10.03 1.70
CA ALA E 127 -40.31 9.13 2.83
C ALA E 127 -40.59 7.71 2.34
N PHE E 128 -41.28 7.62 1.22
CA PHE E 128 -41.65 6.35 0.64
C PHE E 128 -40.40 5.56 0.25
N ALA E 129 -39.49 6.25 -0.43
CA ALA E 129 -38.23 5.68 -0.85
C ALA E 129 -37.43 5.26 0.39
N SER E 130 -37.39 6.14 1.39
CA SER E 130 -36.65 5.83 2.61
C SER E 130 -37.21 4.55 3.27
N GLN E 131 -38.52 4.48 3.42
CA GLN E 131 -39.18 3.29 3.95
C GLN E 131 -38.80 2.00 3.18
N ARG E 132 -38.58 2.11 1.87
CA ARG E 132 -38.31 0.95 1.04
C ARG E 132 -36.88 0.49 1.31
N ALA E 133 -35.96 1.45 1.34
CA ALA E 133 -34.58 1.25 1.74
C ALA E 133 -34.45 0.57 3.09
N ALA E 134 -35.18 1.07 4.09
CA ALA E 134 -35.09 0.48 5.41
C ALA E 134 -35.60 -0.96 5.35
N SER E 135 -36.70 -1.22 4.64
CA SER E 135 -37.17 -2.60 4.57
C SER E 135 -36.14 -3.50 3.95
N HIS E 136 -35.50 -3.01 2.88
CA HIS E 136 -34.50 -3.80 2.18
C HIS E 136 -33.35 -4.07 3.12
N LEU E 137 -32.89 -3.06 3.87
CA LEU E 137 -31.73 -3.24 4.75
C LEU E 137 -32.07 -4.21 5.89
N ASN E 138 -33.27 -4.09 6.43
CA ASN E 138 -33.82 -5.05 7.34
C ASN E 138 -33.84 -6.48 6.78
N ASP E 139 -34.31 -6.66 5.54
CA ASP E 139 -34.31 -7.99 4.93
C ASP E 139 -32.89 -8.54 4.81
N GLU E 140 -31.95 -7.71 4.34
CA GLU E 140 -30.56 -8.15 4.24
C GLU E 140 -30.08 -8.62 5.60
N LEU E 141 -30.43 -7.85 6.63
CA LEU E 141 -29.91 -8.10 7.97
C LEU E 141 -30.46 -9.43 8.44
N LYS E 142 -31.75 -9.64 8.22
CA LYS E 142 -32.39 -10.90 8.53
C LYS E 142 -31.65 -12.08 7.87
N GLY E 143 -31.59 -12.08 6.55
CA GLY E 143 -30.88 -13.13 5.83
C GLY E 143 -29.47 -13.36 6.36
N ALA E 144 -28.71 -12.27 6.57
CA ALA E 144 -27.33 -12.39 7.02
C ALA E 144 -27.26 -12.97 8.43
N TRP E 145 -28.10 -12.45 9.32
CA TRP E 145 -28.23 -13.02 10.64
C TRP E 145 -28.54 -14.54 10.56
N ALA E 146 -29.64 -14.90 9.92
CA ALA E 146 -30.06 -16.31 9.77
C ALA E 146 -28.95 -17.24 9.32
N ALA E 147 -28.22 -16.82 8.29
CA ALA E 147 -27.16 -17.64 7.70
C ALA E 147 -26.06 -17.85 8.70
N ARG E 148 -25.74 -16.79 9.44
CA ARG E 148 -24.66 -16.81 10.41
C ARG E 148 -24.98 -17.74 11.61
N THR E 149 -26.24 -17.77 12.03
CA THR E 149 -26.73 -18.73 13.02
C THR E 149 -26.54 -20.18 12.58
N ILE E 150 -27.01 -20.49 11.36
CA ILE E 150 -26.79 -21.80 10.76
C ILE E 150 -25.30 -22.16 10.87
N GLN E 151 -24.46 -21.19 10.52
CA GLN E 151 -23.03 -21.37 10.48
C GLN E 151 -22.49 -21.71 11.84
N LYS E 153 -24.23 -22.78 14.41
CA LYS E 153 -24.85 -24.05 14.78
C LYS E 153 -24.02 -25.24 14.30
N ALA E 154 -23.48 -25.13 13.09
CA ALA E 154 -22.62 -26.16 12.49
C ALA E 154 -21.24 -26.16 13.16
N GLN E 155 -20.76 -24.98 13.51
CA GLN E 155 -19.47 -24.85 14.17
C GLN E 155 -19.45 -25.43 15.60
N VAL E 156 -20.57 -25.34 16.30
CA VAL E 156 -20.68 -25.89 17.64
C VAL E 156 -20.91 -27.41 17.56
N LYS E 157 -21.80 -27.82 16.66
CA LYS E 157 -22.01 -29.22 16.30
C LYS E 157 -20.68 -29.94 16.09
N ARG E 158 -19.80 -29.33 15.30
CA ARG E 158 -18.49 -29.91 15.03
C ARG E 158 -17.61 -29.91 16.26
N GLN E 159 -17.67 -28.85 17.05
CA GLN E 159 -16.82 -28.75 18.23
C GLN E 159 -17.10 -29.88 19.21
N GLU E 160 -18.39 -30.20 19.33
CA GLU E 160 -18.83 -31.34 20.16
C GLU E 160 -18.36 -32.68 19.60
N GLU E 161 -18.45 -32.87 18.28
CA GLU E 161 -17.98 -34.10 17.65
C GLU E 161 -16.47 -34.33 17.80
N VAL E 162 -15.69 -33.26 17.75
CA VAL E 162 -14.26 -33.34 18.08
C VAL E 162 -14.03 -33.87 19.52
N ALA E 163 -14.66 -33.21 20.49
CA ALA E 163 -14.49 -33.57 21.89
C ALA E 163 -14.95 -35.00 22.17
N LYS E 164 -15.98 -35.43 21.43
CA LYS E 164 -16.53 -36.78 21.52
C LYS E 164 -15.53 -37.85 21.04
N ALA E 165 -14.90 -37.61 19.89
CA ALA E 165 -13.81 -38.45 19.39
C ALA E 165 -12.62 -38.57 20.35
N ILE E 166 -12.26 -37.47 20.98
CA ILE E 166 -11.18 -37.42 21.98
C ILE E 166 -11.57 -38.22 23.23
N TYR E 167 -12.78 -37.96 23.73
CA TYR E 167 -13.38 -38.69 24.86
C TYR E 167 -13.30 -40.20 24.64
N ASP E 168 -13.74 -40.67 23.47
CA ASP E 168 -13.76 -42.10 23.16
C ASP E 168 -12.39 -42.72 23.20
N ARG E 169 -11.39 -41.97 22.71
CA ARG E 169 -9.98 -42.40 22.65
C ARG E 169 -9.33 -42.42 24.04
N ARG E 170 -9.62 -41.41 24.85
CA ARG E 170 -9.14 -41.39 26.24
C ARG E 170 -9.81 -42.50 27.06
N ASN E 172 -10.95 -45.43 25.64
CA ASN E 172 -10.40 -46.72 25.25
C ASN E 172 -9.03 -46.98 25.85
N SER E 173 -8.17 -45.97 25.84
CA SER E 173 -6.80 -46.13 26.37
C SER E 173 -6.84 -46.42 27.86
N ILE E 174 -7.85 -45.86 28.54
CA ILE E 174 -8.02 -46.10 29.98
C ILE E 174 -8.41 -47.56 30.25
N GLU E 175 -9.28 -48.11 29.43
CA GLU E 175 -9.74 -49.50 29.61
C GLU E 175 -8.58 -50.53 29.77
N GLN E 176 -7.62 -50.55 28.87
CA GLN E 176 -6.52 -51.53 28.99
C GLN E 176 -5.34 -50.96 29.74
N GLN E 212 -9.53 -48.35 39.34
CA GLN E 212 -10.55 -48.11 38.31
C GLN E 212 -11.21 -46.74 38.44
N ALA E 213 -10.58 -45.88 39.24
CA ALA E 213 -11.17 -44.62 39.68
C ALA E 213 -11.40 -43.65 38.53
N ARG E 214 -10.40 -43.50 37.68
CA ARG E 214 -10.50 -42.56 36.58
C ARG E 214 -11.43 -43.02 35.45
N LEU E 215 -11.57 -44.34 35.30
CA LEU E 215 -12.52 -44.89 34.34
C LEU E 215 -13.92 -44.44 34.65
N GLU E 216 -14.28 -44.42 35.94
CA GLU E 216 -15.61 -43.97 36.37
C GLU E 216 -15.75 -42.45 36.32
N ASN E 217 -14.69 -41.72 36.65
CA ASN E 217 -14.62 -40.29 36.43
C ASN E 217 -15.02 -39.96 35.01
N LEU E 218 -14.26 -40.48 34.05
CA LEU E 218 -14.52 -40.24 32.64
C LEU E 218 -15.87 -40.83 32.21
N GLN E 219 -16.23 -41.98 32.78
CA GLN E 219 -17.49 -42.65 32.47
C GLN E 219 -18.69 -41.88 33.02
N ALA E 220 -18.46 -41.09 34.07
CA ALA E 220 -19.52 -40.28 34.66
C ALA E 220 -19.53 -38.85 34.11
N VAL E 221 -18.40 -38.16 34.23
CA VAL E 221 -18.27 -36.76 33.79
C VAL E 221 -18.86 -36.57 32.40
N GLY E 222 -18.01 -36.53 31.36
CA GLY E 222 -18.39 -36.21 29.99
C GLY E 222 -17.17 -35.72 29.21
N PRO E 223 -17.35 -35.41 27.90
CA PRO E 223 -16.27 -34.85 27.07
C PRO E 223 -15.84 -33.45 27.52
N ALA E 224 -14.56 -33.13 27.32
CA ALA E 224 -13.96 -31.88 27.81
C ALA E 224 -14.18 -30.73 26.83
N PHE E 225 -14.32 -29.52 27.35
CA PHE E 225 -14.73 -28.40 26.50
C PHE E 225 -13.90 -27.14 26.69
N ASP E 226 -13.33 -26.64 25.59
CA ASP E 226 -12.51 -25.43 25.68
C ASP E 226 -13.33 -24.15 25.75
N LEU E 227 -12.71 -23.11 26.30
CA LEU E 227 -13.25 -21.77 26.36
C LEU E 227 -13.96 -21.38 25.08
N ASP E 228 -13.32 -21.70 23.96
CA ASP E 228 -13.85 -21.40 22.65
C ASP E 228 -15.27 -21.95 22.48
N TYR E 229 -15.51 -23.14 23.02
CA TYR E 229 -16.80 -23.80 22.94
C TYR E 229 -17.88 -23.04 23.69
N ASP E 230 -17.56 -22.65 24.92
CA ASP E 230 -18.56 -22.00 25.75
C ASP E 230 -18.85 -20.62 25.21
N GLN E 231 -17.81 -19.92 24.74
CA GLN E 231 -17.99 -18.61 24.14
C GLN E 231 -18.86 -18.71 22.90
N ASN E 232 -18.66 -19.75 22.10
CA ASN E 232 -19.46 -19.90 20.87
C ASN E 232 -20.92 -20.13 21.20
N ARG E 233 -21.13 -20.89 22.26
CA ARG E 233 -22.42 -21.29 22.75
C ARG E 233 -23.21 -20.08 23.22
N ALA E 234 -22.56 -19.26 24.05
CA ALA E 234 -23.13 -18.01 24.49
C ALA E 234 -23.51 -17.10 23.32
N LEU E 236 -24.19 -18.24 20.31
CA LEU E 236 -25.29 -18.93 19.65
C LEU E 236 -26.64 -18.55 20.25
N ASN E 237 -26.70 -18.37 21.59
CA ASN E 237 -27.95 -17.94 22.23
C ASN E 237 -28.42 -16.60 21.70
N THR E 238 -27.55 -15.60 21.75
CA THR E 238 -27.93 -14.26 21.34
C THR E 238 -28.35 -14.23 19.88
N LEU E 239 -27.67 -15.04 19.06
CA LEU E 239 -28.04 -15.25 17.67
C LEU E 239 -29.43 -15.86 17.54
N ASN E 240 -29.74 -16.87 18.38
CA ASN E 240 -31.06 -17.53 18.39
C ASN E 240 -32.21 -16.59 18.75
N VAL E 241 -31.93 -15.64 19.64
CA VAL E 241 -32.91 -14.64 20.05
C VAL E 241 -33.34 -13.89 18.81
N GLY E 242 -32.42 -13.68 17.89
CA GLY E 242 -32.78 -13.08 16.60
C GLY E 242 -32.69 -11.58 16.68
N PRO E 243 -32.59 -10.91 15.52
CA PRO E 243 -32.42 -9.47 15.46
C PRO E 243 -33.69 -8.68 15.77
N THR E 244 -33.54 -7.50 16.39
CA THR E 244 -34.65 -6.57 16.62
C THR E 244 -34.85 -5.76 15.36
N LEU E 245 -36.10 -5.57 14.97
CA LEU E 245 -36.39 -4.98 13.68
C LEU E 245 -37.07 -3.63 13.91
N ASP E 246 -36.35 -2.57 13.57
CA ASP E 246 -36.94 -1.25 13.49
C ASP E 246 -37.48 -1.15 12.08
N PRO E 247 -38.79 -1.04 11.91
CA PRO E 247 -39.31 -0.78 10.60
C PRO E 247 -39.35 0.73 10.48
N ARG E 248 -38.89 1.38 11.52
CA ARG E 248 -38.92 2.83 11.68
C ARG E 248 -37.94 3.71 10.93
N PHE E 249 -36.68 3.32 11.06
CA PHE E 249 -35.54 4.17 10.69
C PHE E 249 -35.45 4.87 9.34
N GLN E 250 -34.73 6.01 9.50
CA GLN E 250 -34.43 7.00 8.47
C GLN E 250 -33.10 6.70 7.84
N THR E 251 -33.07 6.86 6.53
CA THR E 251 -32.07 6.25 5.71
C THR E 251 -31.35 7.34 4.89
N TYR E 252 -31.60 8.59 5.25
CA TYR E 252 -31.03 9.76 4.60
C TYR E 252 -31.18 10.95 5.57
N ARG E 253 -30.49 12.04 5.30
CA ARG E 253 -30.95 13.30 5.87
C ARG E 253 -31.12 14.35 4.80
N TYR E 254 -31.92 15.37 5.13
CA TYR E 254 -32.18 16.52 4.27
C TYR E 254 -31.13 17.60 4.39
N LEU E 255 -30.58 18.06 3.28
CA LEU E 255 -29.85 19.34 3.28
C LEU E 255 -30.80 20.44 2.80
N ARG E 256 -31.84 20.01 2.07
CA ARG E 256 -32.88 20.87 1.56
C ARG E 256 -34.18 20.09 1.51
N THR E 257 -35.10 20.56 2.32
CA THR E 257 -36.37 19.94 2.50
C THR E 257 -37.21 20.54 1.40
N PRO E 258 -38.09 19.73 0.78
CA PRO E 258 -38.99 20.25 -0.23
C PRO E 258 -39.82 21.34 0.43
N GLU E 259 -40.07 22.42 -0.32
CA GLU E 259 -40.99 23.49 0.05
C GLU E 259 -41.93 23.81 -1.15
N GLU E 260 -42.96 24.62 -0.90
CA GLU E 260 -43.83 25.14 -1.96
C GLU E 260 -43.06 26.02 -2.90
N PRO E 261 -43.06 25.68 -4.18
CA PRO E 261 -42.41 26.59 -5.13
C PRO E 261 -43.11 27.95 -5.15
N VAL E 262 -42.32 29.00 -5.34
CA VAL E 262 -42.87 30.32 -5.38
C VAL E 262 -43.23 30.61 -6.82
N LYS E 263 -42.50 29.97 -7.74
CA LYS E 263 -42.69 30.23 -9.17
C LYS E 263 -42.61 28.92 -9.94
N ARG E 264 -43.17 28.91 -11.15
CA ARG E 264 -43.06 27.80 -12.10
C ARG E 264 -41.67 27.65 -12.79
N ASP E 265 -41.53 26.56 -13.54
CA ASP E 265 -40.26 26.11 -14.10
C ASP E 265 -39.85 26.94 -15.28
N GLU F 1 -40.27 -2.17 -33.67
CA GLU F 1 -41.50 -1.33 -33.40
C GLU F 1 -41.74 -0.95 -31.92
N TRP F 2 -41.64 -1.88 -30.96
CA TRP F 2 -41.92 -1.56 -29.54
C TRP F 2 -40.86 -2.09 -28.61
N SER F 3 -40.61 -1.47 -27.46
CA SER F 3 -39.52 -1.96 -26.58
C SER F 3 -39.69 -1.79 -25.06
N SER F 4 -39.21 -2.77 -24.29
CA SER F 4 -39.12 -2.71 -22.83
C SER F 4 -37.70 -2.54 -22.39
N THR F 5 -37.52 -1.95 -21.20
CA THR F 5 -36.23 -1.78 -20.53
C THR F 5 -36.34 -2.33 -19.12
N ALA F 6 -35.30 -3.06 -18.68
CA ALA F 6 -35.11 -3.41 -17.28
C ALA F 6 -33.79 -2.84 -16.77
N ILE F 7 -33.74 -2.54 -15.47
CA ILE F 7 -32.50 -2.08 -14.85
C ILE F 7 -32.35 -3.04 -13.73
N THR F 8 -31.16 -3.63 -13.57
CA THR F 8 -30.93 -4.61 -12.49
C THR F 8 -29.83 -4.22 -11.52
N ASP F 9 -29.68 -5.03 -10.47
CA ASP F 9 -28.64 -4.85 -9.48
C ASP F 9 -28.43 -6.19 -8.80
N ARG F 10 -27.35 -6.31 -8.04
CA ARG F 10 -26.98 -7.54 -7.38
C ARG F 10 -28.19 -8.06 -6.57
N PRO F 11 -28.31 -9.41 -6.40
CA PRO F 11 -29.45 -9.94 -5.60
C PRO F 11 -29.21 -9.70 -4.12
N THR F 12 -30.27 -9.78 -3.32
CA THR F 12 -30.19 -9.74 -1.86
C THR F 12 -29.63 -11.08 -1.36
N VAL F 13 -29.19 -11.12 -0.11
CA VAL F 13 -28.75 -12.35 0.55
C VAL F 13 -29.84 -13.43 0.55
N ASN F 14 -31.07 -12.99 0.81
CA ASN F 14 -32.25 -13.83 0.88
C ASN F 14 -32.59 -14.55 -0.41
N LEU F 16 -30.64 -15.53 -2.62
CA LEU F 16 -29.65 -16.55 -2.91
C LEU F 16 -29.98 -17.86 -2.21
N GLY F 17 -30.85 -17.80 -1.21
CA GLY F 17 -31.27 -19.00 -0.48
C GLY F 17 -30.09 -19.82 0.02
N GLY F 18 -30.10 -21.12 -0.25
CA GLY F 18 -29.08 -22.04 0.30
C GLY F 18 -27.67 -21.88 -0.24
N TYR F 19 -27.53 -21.31 -1.43
CA TYR F 19 -26.25 -21.04 -2.07
C TYR F 19 -25.34 -20.13 -1.28
N TYR F 20 -25.92 -19.21 -0.52
CA TYR F 20 -25.13 -18.17 0.12
C TYR F 20 -24.22 -18.72 1.21
N SER F 21 -24.79 -19.42 2.18
CA SER F 21 -24.04 -19.92 3.33
C SER F 21 -23.02 -20.98 2.94
N GLN F 22 -23.24 -21.62 1.80
CA GLN F 22 -22.32 -22.67 1.35
C GLN F 22 -21.09 -22.09 0.67
N GLN F 23 -21.29 -21.01 -0.06
CA GLN F 23 -20.19 -20.35 -0.73
C GLN F 23 -19.34 -19.62 0.31
N GLN F 24 -20.00 -19.03 1.31
CA GLN F 24 -19.30 -18.48 2.49
C GLN F 24 -18.47 -19.51 3.27
N PHE F 25 -18.96 -20.75 3.33
CA PHE F 25 -18.28 -21.80 4.06
C PHE F 25 -17.02 -22.22 3.32
N LEU F 26 -17.08 -22.24 1.99
CA LEU F 26 -15.89 -22.59 1.19
C LEU F 26 -14.90 -21.45 1.18
N ARG F 27 -15.42 -20.24 1.38
CA ARG F 27 -14.59 -19.07 1.47
C ARG F 27 -13.74 -19.11 2.72
N ASN F 28 -14.37 -19.47 3.84
CA ASN F 28 -13.69 -19.41 5.13
C ASN F 28 -12.76 -20.59 5.36
N LEU F 29 -12.67 -21.43 4.34
CA LEU F 29 -11.74 -22.55 4.34
C LEU F 29 -10.57 -22.30 3.39
N ASP F 30 -10.74 -21.39 2.44
CA ASP F 30 -9.61 -21.01 1.60
C ASP F 30 -8.73 -19.93 2.25
N VAL F 31 -8.46 -20.10 3.54
CA VAL F 31 -7.52 -19.27 4.29
C VAL F 31 -7.06 -19.96 5.58
N PRO F 41 -14.86 -8.93 -2.31
CA PRO F 41 -15.82 -9.33 -3.36
C PRO F 41 -16.94 -10.19 -2.79
N SER F 42 -18.09 -9.59 -2.49
CA SER F 42 -19.15 -10.35 -1.81
C SER F 42 -19.71 -11.53 -2.66
N VAL F 43 -20.41 -12.46 -2.03
CA VAL F 43 -21.05 -13.53 -2.77
C VAL F 43 -22.11 -12.93 -3.70
N ASP F 45 -22.33 -9.95 -5.14
CA ASP F 45 -21.58 -9.36 -6.25
C ASP F 45 -21.06 -10.44 -7.20
N GLU F 46 -20.47 -11.51 -6.68
CA GLU F 46 -19.99 -12.58 -7.55
C GLU F 46 -21.13 -13.20 -8.36
N ALA F 47 -22.28 -13.37 -7.72
CA ALA F 47 -23.43 -13.97 -8.40
C ALA F 47 -23.96 -13.06 -9.46
N TYR F 48 -23.97 -11.77 -9.14
CA TYR F 48 -24.50 -10.78 -10.08
C TYR F 48 -23.57 -10.72 -11.28
N LYS F 49 -22.26 -10.91 -11.06
CA LYS F 49 -21.30 -10.85 -12.15
C LYS F 49 -21.57 -11.96 -13.20
N GLU F 50 -21.97 -13.13 -12.73
CA GLU F 50 -22.39 -14.18 -13.62
C GLU F 50 -23.71 -13.82 -14.30
N PHE F 51 -24.64 -13.21 -13.56
CA PHE F 51 -25.90 -12.79 -14.19
C PHE F 51 -25.68 -11.86 -15.41
N VAL F 52 -24.91 -10.81 -15.19
CA VAL F 52 -24.62 -9.79 -16.17
C VAL F 52 -23.87 -10.40 -17.38
N GLN F 54 -24.33 -13.53 -18.40
CA GLN F 54 -25.40 -14.21 -19.10
C GLN F 54 -26.25 -13.26 -19.89
N LEU F 55 -26.64 -12.18 -19.24
CA LEU F 55 -27.54 -11.20 -19.82
C LEU F 55 -26.98 -10.60 -21.13
N ALA F 56 -25.67 -10.31 -21.14
CA ALA F 56 -24.99 -9.68 -22.30
C ALA F 56 -24.63 -10.69 -23.37
N SER F 57 -24.48 -11.95 -22.97
CA SER F 57 -24.04 -12.99 -23.86
C SER F 57 -24.90 -13.18 -25.14
N TRP F 58 -24.20 -13.25 -26.26
CA TRP F 58 -24.81 -13.57 -27.53
C TRP F 58 -25.41 -14.99 -27.54
N ASP F 59 -24.70 -15.97 -26.97
CA ASP F 59 -25.25 -17.34 -26.87
C ASP F 59 -26.55 -17.34 -26.08
N THR F 60 -26.57 -16.59 -24.99
CA THR F 60 -27.76 -16.55 -24.14
C THR F 60 -28.95 -15.98 -24.90
N ARG F 61 -28.71 -14.91 -25.67
CA ARG F 61 -29.78 -14.35 -26.48
C ARG F 61 -30.24 -15.30 -27.59
N ARG F 62 -29.30 -16.01 -28.21
CA ARG F 62 -29.60 -17.01 -29.23
C ARG F 62 -30.47 -18.14 -28.64
N GLU F 63 -30.05 -18.66 -27.50
CA GLU F 63 -30.68 -19.83 -26.97
C GLU F 63 -32.08 -19.43 -26.49
N PHE F 64 -32.18 -18.25 -25.89
CA PHE F 64 -33.50 -17.73 -25.54
C PHE F 64 -34.47 -17.71 -26.72
N TRP F 65 -34.09 -17.06 -27.84
CA TRP F 65 -35.04 -16.92 -28.95
C TRP F 65 -35.50 -18.25 -29.56
N LEU F 66 -34.56 -19.17 -29.78
CA LEU F 66 -34.81 -20.51 -30.31
C LEU F 66 -35.85 -21.27 -29.47
N GLN F 67 -36.01 -20.85 -28.24
CA GLN F 67 -36.81 -21.59 -27.28
C GLN F 67 -38.20 -20.89 -27.05
N THR F 68 -38.39 -19.81 -27.78
CA THR F 68 -39.57 -18.95 -27.75
C THR F 68 -40.62 -19.27 -28.87
N ASP F 69 -41.89 -19.32 -28.49
CA ASP F 69 -42.99 -19.44 -29.47
C ASP F 69 -42.97 -18.23 -30.42
N TYR F 70 -42.60 -17.09 -29.88
CA TYR F 70 -42.52 -15.91 -30.64
C TYR F 70 -41.60 -16.06 -31.86
N TYR F 71 -40.44 -16.65 -31.70
CA TYR F 71 -39.58 -16.90 -32.83
C TYR F 71 -40.13 -18.12 -33.60
N LYS F 72 -40.47 -19.18 -32.88
CA LYS F 72 -40.90 -20.39 -33.57
C LYS F 72 -42.03 -20.11 -34.54
N GLN F 73 -42.94 -19.23 -34.14
CA GLN F 73 -44.07 -18.88 -34.98
C GLN F 73 -43.77 -17.99 -36.18
N ARG F 74 -42.58 -17.40 -36.17
CA ARG F 74 -42.19 -16.48 -37.24
C ARG F 74 -41.35 -17.16 -38.31
N VAL F 76 -40.22 -19.42 -41.45
CA VAL F 76 -40.84 -19.68 -42.76
C VAL F 76 -40.27 -20.89 -43.49
N GLY F 77 -39.34 -21.61 -42.88
CA GLY F 77 -38.81 -22.81 -43.53
C GLY F 77 -37.85 -22.55 -44.68
N ASN F 78 -37.23 -21.38 -44.68
CA ASN F 78 -36.12 -21.08 -45.56
C ASN F 78 -34.97 -20.87 -44.55
N SER F 79 -33.90 -21.62 -44.72
CA SER F 79 -32.79 -21.60 -43.74
C SER F 79 -32.24 -20.20 -43.59
N LYS F 80 -31.97 -19.62 -44.73
CA LYS F 80 -31.40 -18.31 -44.82
C LYS F 80 -32.33 -17.31 -44.17
N ALA F 81 -33.61 -17.29 -44.53
CA ALA F 81 -34.53 -16.32 -43.92
C ALA F 81 -34.67 -16.53 -42.44
N ASP F 82 -34.63 -17.79 -42.01
CA ASP F 82 -34.86 -18.13 -40.60
C ASP F 82 -33.65 -17.74 -39.74
N ALA F 83 -32.46 -18.00 -40.26
CA ALA F 83 -31.23 -17.56 -39.62
C ALA F 83 -31.12 -16.02 -39.57
N ALA F 84 -31.56 -15.31 -40.60
CA ALA F 84 -31.48 -13.85 -40.61
C ALA F 84 -32.40 -13.26 -39.55
N LEU F 85 -33.59 -13.85 -39.44
CA LEU F 85 -34.58 -13.46 -38.45
C LEU F 85 -34.02 -13.70 -37.02
N LEU F 86 -33.43 -14.88 -36.79
CA LEU F 86 -32.77 -15.20 -35.52
C LEU F 86 -31.69 -14.11 -35.14
N ASP F 87 -30.85 -13.79 -36.11
CA ASP F 87 -29.83 -12.80 -35.94
C ASP F 87 -30.42 -11.43 -35.60
N GLU F 88 -31.45 -11.06 -36.35
CA GLU F 88 -32.11 -9.80 -36.15
C GLU F 88 -32.66 -9.74 -34.71
N ILE F 90 -31.63 -11.50 -31.96
CA ILE F 90 -30.48 -11.43 -31.07
C ILE F 90 -30.04 -9.94 -30.89
N ASN F 91 -29.91 -9.22 -32.01
CA ASN F 91 -29.57 -7.81 -31.96
C ASN F 91 -30.63 -6.91 -31.37
N ASN F 92 -31.85 -7.41 -31.23
CA ASN F 92 -32.91 -6.66 -30.57
C ASN F 92 -32.84 -6.79 -29.05
N ILE F 93 -31.94 -7.61 -28.54
CA ILE F 93 -31.68 -7.55 -27.11
C ILE F 93 -30.34 -6.81 -26.90
N GLN F 94 -30.39 -5.69 -26.19
CA GLN F 94 -29.25 -4.78 -26.06
C GLN F 94 -28.93 -4.59 -24.58
N PHE F 95 -27.71 -4.91 -24.20
CA PHE F 95 -27.33 -4.72 -22.81
C PHE F 95 -26.38 -3.55 -22.78
N ILE F 96 -26.61 -2.61 -21.88
CA ILE F 96 -25.70 -1.50 -21.63
C ILE F 96 -25.18 -1.56 -20.18
N PRO F 97 -23.89 -1.87 -20.01
CA PRO F 97 -23.19 -1.84 -18.71
C PRO F 97 -23.32 -0.52 -17.95
N GLY F 98 -23.56 -0.62 -16.64
CA GLY F 98 -23.60 0.53 -15.77
C GLY F 98 -22.31 1.35 -15.83
N ASP F 99 -22.44 2.63 -15.54
CA ASP F 99 -21.31 3.43 -15.19
C ASP F 99 -21.55 3.94 -13.76
N PHE F 100 -20.91 3.30 -12.80
CA PHE F 100 -21.26 3.56 -11.39
C PHE F 100 -20.69 4.84 -10.80
N THR F 101 -19.83 5.52 -11.56
CA THR F 101 -19.29 6.83 -11.18
C THR F 101 -20.36 7.92 -11.24
N ARG F 102 -21.29 7.77 -12.18
CA ARG F 102 -22.32 8.79 -12.43
C ARG F 102 -23.73 8.22 -12.24
N ALA F 103 -23.82 7.20 -11.39
CA ALA F 103 -25.08 6.55 -10.95
C ALA F 103 -25.96 6.01 -12.07
N VAL F 104 -25.32 5.48 -13.12
CA VAL F 104 -26.02 4.79 -14.19
C VAL F 104 -25.85 3.30 -13.96
N ASN F 105 -26.96 2.62 -13.77
CA ASN F 105 -26.97 1.20 -13.45
C ASN F 105 -27.02 0.34 -14.71
N ASP F 106 -26.79 -0.96 -14.59
CA ASP F 106 -26.90 -1.88 -15.72
C ASP F 106 -28.31 -1.92 -16.24
N SER F 107 -28.44 -1.93 -17.57
CA SER F 107 -29.74 -2.12 -18.19
C SER F 107 -29.72 -2.91 -19.48
N VAL F 108 -30.90 -3.44 -19.78
CA VAL F 108 -31.14 -4.25 -20.95
C VAL F 108 -32.43 -3.78 -21.59
N LYS F 109 -32.37 -3.66 -22.92
CA LYS F 109 -33.50 -3.28 -23.75
C LYS F 109 -33.91 -4.42 -24.73
N LEU F 110 -35.21 -4.63 -24.90
CA LEU F 110 -35.69 -5.63 -25.84
C LEU F 110 -36.76 -5.04 -26.75
N ILE F 111 -36.58 -5.25 -28.06
CA ILE F 111 -37.52 -4.79 -29.08
C ILE F 111 -38.33 -5.98 -29.61
N ALA F 112 -39.60 -5.75 -29.87
CA ALA F 112 -40.48 -6.75 -30.45
C ALA F 112 -41.58 -6.00 -31.23
N GLU F 113 -42.53 -6.75 -31.76
CA GLU F 113 -43.49 -6.22 -32.71
C GLU F 113 -44.75 -5.64 -32.08
N THR F 114 -44.95 -5.91 -30.79
CA THR F 114 -46.07 -5.32 -30.06
C THR F 114 -45.61 -4.99 -28.65
N ALA F 115 -46.43 -4.23 -27.94
CA ALA F 115 -46.11 -3.81 -26.60
C ALA F 115 -46.21 -4.97 -25.59
N PRO F 116 -47.28 -5.79 -25.64
CA PRO F 116 -47.31 -6.90 -24.66
C PRO F 116 -46.13 -7.84 -24.86
N ASP F 117 -45.80 -8.12 -26.13
CA ASP F 117 -44.65 -8.98 -26.40
C ASP F 117 -43.37 -8.38 -25.85
N ALA F 118 -43.19 -7.06 -25.98
CA ALA F 118 -41.92 -6.48 -25.51
C ALA F 118 -41.79 -6.66 -24.02
N ASN F 119 -42.84 -6.40 -23.26
CA ASN F 119 -42.84 -6.64 -21.79
C ASN F 119 -42.56 -8.10 -21.40
N ASN F 120 -43.45 -9.00 -21.86
CA ASN F 120 -43.38 -10.42 -21.55
C ASN F 120 -42.04 -11.06 -21.93
N LEU F 121 -41.58 -10.82 -23.15
CA LEU F 121 -40.35 -11.38 -23.57
C LEU F 121 -39.15 -10.90 -22.72
N LEU F 122 -39.12 -9.62 -22.34
CA LEU F 122 -38.00 -9.12 -21.52
C LEU F 122 -38.00 -9.75 -20.14
N ARG F 123 -39.16 -9.87 -19.52
CA ARG F 123 -39.31 -10.62 -18.24
C ARG F 123 -38.88 -12.10 -18.39
N GLN F 124 -39.14 -12.69 -19.56
CA GLN F 124 -38.75 -14.06 -19.77
C GLN F 124 -37.26 -14.11 -19.98
N TYR F 125 -36.74 -13.13 -20.70
CA TYR F 125 -35.36 -13.19 -21.03
C TYR F 125 -34.55 -13.04 -19.74
N VAL F 126 -34.97 -12.11 -18.89
CA VAL F 126 -34.31 -11.87 -17.60
C VAL F 126 -34.40 -13.09 -16.75
N ALA F 127 -35.57 -13.71 -16.69
CA ALA F 127 -35.66 -14.96 -15.91
C ALA F 127 -34.74 -16.09 -16.49
N PHE F 128 -34.71 -16.25 -17.82
CA PHE F 128 -33.85 -17.19 -18.50
C PHE F 128 -32.35 -16.95 -18.15
N ALA F 129 -31.89 -15.73 -18.37
CA ALA F 129 -30.52 -15.36 -17.97
C ALA F 129 -30.23 -15.67 -16.48
N SER F 130 -31.16 -15.36 -15.61
CA SER F 130 -30.95 -15.63 -14.19
C SER F 130 -30.82 -17.12 -13.86
N GLN F 131 -31.59 -17.96 -14.53
CA GLN F 131 -31.60 -19.40 -14.29
C GLN F 131 -30.29 -20.04 -14.79
N ARG F 132 -29.80 -19.59 -15.95
CA ARG F 132 -28.48 -20.01 -16.43
C ARG F 132 -27.36 -19.58 -15.48
N ALA F 133 -27.44 -18.36 -14.99
CA ALA F 133 -26.50 -17.93 -13.97
C ALA F 133 -26.49 -18.84 -12.73
N ALA F 134 -27.67 -19.10 -12.14
CA ALA F 134 -27.76 -20.00 -10.97
C ALA F 134 -27.21 -21.41 -11.27
N SER F 135 -27.56 -21.98 -12.42
CA SER F 135 -27.09 -23.32 -12.78
C SER F 135 -25.58 -23.35 -12.85
N HIS F 136 -25.00 -22.32 -13.49
CA HIS F 136 -23.57 -22.20 -13.58
C HIS F 136 -22.87 -22.03 -12.22
N LEU F 137 -23.44 -21.21 -11.35
CA LEU F 137 -22.82 -20.96 -10.06
C LEU F 137 -22.88 -22.21 -9.21
N ASN F 138 -23.98 -22.97 -9.35
CA ASN F 138 -24.09 -24.29 -8.77
C ASN F 138 -23.11 -25.32 -9.26
N ASP F 139 -22.76 -25.32 -10.54
CA ASP F 139 -21.68 -26.16 -11.05
C ASP F 139 -20.34 -25.73 -10.47
N GLU F 140 -20.12 -24.43 -10.40
CA GLU F 140 -18.89 -23.87 -9.86
C GLU F 140 -18.70 -24.35 -8.43
N LEU F 141 -19.77 -24.15 -7.64
CA LEU F 141 -19.84 -24.56 -6.24
C LEU F 141 -19.55 -26.05 -6.10
N LYS F 142 -20.36 -26.90 -6.74
CA LYS F 142 -20.20 -28.34 -6.69
C LYS F 142 -18.75 -28.78 -6.94
N GLY F 143 -18.06 -28.11 -7.85
CA GLY F 143 -16.69 -28.44 -8.18
C GLY F 143 -15.70 -27.86 -7.19
N ALA F 144 -16.04 -26.75 -6.56
CA ALA F 144 -15.15 -26.19 -5.56
C ALA F 144 -15.18 -27.08 -4.28
N TRP F 145 -16.39 -27.48 -3.87
CA TRP F 145 -16.63 -28.37 -2.74
C TRP F 145 -16.04 -29.80 -2.95
N ALA F 146 -15.75 -30.17 -4.20
CA ALA F 146 -15.11 -31.43 -4.46
C ALA F 146 -13.59 -31.21 -4.35
N ALA F 147 -13.08 -30.22 -5.05
CA ALA F 147 -11.68 -29.83 -4.93
C ALA F 147 -11.27 -29.77 -3.46
N ARG F 148 -12.20 -29.33 -2.61
CA ARG F 148 -11.91 -29.05 -1.23
C ARG F 148 -11.95 -30.33 -0.44
N THR F 149 -12.99 -31.13 -0.64
CA THR F 149 -13.09 -32.45 -0.03
C THR F 149 -11.86 -33.30 -0.31
N ILE F 150 -11.43 -33.34 -1.56
CA ILE F 150 -10.24 -34.09 -1.96
C ILE F 150 -8.98 -33.63 -1.22
N GLN F 151 -8.82 -32.31 -1.10
CA GLN F 151 -7.66 -31.72 -0.46
C GLN F 151 -7.62 -32.06 1.03
N LYS F 153 -9.16 -34.68 2.43
CA LYS F 153 -8.86 -36.09 2.45
C LYS F 153 -7.36 -36.40 2.45
N ALA F 154 -6.61 -35.63 1.66
CA ALA F 154 -5.20 -35.92 1.49
C ALA F 154 -4.45 -35.39 2.68
N GLN F 155 -4.89 -34.25 3.17
CA GLN F 155 -4.33 -33.59 4.32
C GLN F 155 -4.46 -34.48 5.54
N VAL F 156 -5.66 -35.03 5.74
CA VAL F 156 -5.95 -35.92 6.85
C VAL F 156 -5.14 -37.20 6.73
N LYS F 157 -4.86 -37.63 5.50
CA LYS F 157 -4.11 -38.84 5.26
C LYS F 157 -2.62 -38.65 5.55
N ARG F 158 -2.05 -37.54 5.09
CA ARG F 158 -0.68 -37.17 5.49
C ARG F 158 -0.53 -37.08 7.02
N GLN F 159 -1.51 -36.45 7.67
CA GLN F 159 -1.54 -36.39 9.13
C GLN F 159 -1.50 -37.80 9.74
N GLU F 160 -2.34 -38.71 9.23
CA GLU F 160 -2.36 -40.10 9.67
C GLU F 160 -0.99 -40.76 9.52
N GLU F 161 -0.27 -40.43 8.46
CA GLU F 161 1.00 -41.08 8.19
C GLU F 161 2.18 -40.51 8.96
N VAL F 162 2.13 -39.23 9.25
CA VAL F 162 3.09 -38.63 10.18
C VAL F 162 2.98 -39.30 11.55
N ALA F 163 1.76 -39.43 12.07
CA ALA F 163 1.55 -39.94 13.43
C ALA F 163 2.03 -41.39 13.59
N LYS F 164 1.87 -42.14 12.50
CA LYS F 164 2.30 -43.53 12.39
C LYS F 164 3.82 -43.64 12.42
N ALA F 165 4.50 -42.74 11.73
CA ALA F 165 5.94 -42.68 11.74
C ALA F 165 6.48 -42.35 13.13
N ILE F 166 5.86 -41.38 13.79
CA ILE F 166 6.21 -41.03 15.16
C ILE F 166 5.95 -42.19 16.12
N TYR F 167 4.81 -42.87 15.93
CA TYR F 167 4.45 -44.04 16.70
C TYR F 167 5.47 -45.17 16.48
N ASP F 168 5.76 -45.49 15.22
CA ASP F 168 6.70 -46.55 14.89
C ASP F 168 8.08 -46.31 15.51
N ARG F 169 8.57 -45.08 15.41
CA ARG F 169 9.84 -44.67 15.97
C ARG F 169 9.85 -44.85 17.49
N ARG F 170 8.79 -44.37 18.15
CA ARG F 170 8.64 -44.46 19.60
C ARG F 170 8.47 -45.92 20.06
N ASN F 172 9.75 -48.57 18.57
CA ASN F 172 11.05 -49.21 18.49
C ASN F 172 11.96 -48.87 19.68
N SER F 173 12.20 -47.57 19.86
CA SER F 173 13.03 -47.06 20.95
C SER F 173 12.75 -47.74 22.29
N ILE F 174 11.47 -48.02 22.56
CA ILE F 174 11.07 -48.59 23.84
C ILE F 174 11.50 -50.05 23.97
N GLU F 175 11.37 -50.81 22.89
CA GLU F 175 11.72 -52.23 22.88
C GLU F 175 13.03 -52.59 23.63
N GLN F 176 14.04 -51.72 23.50
CA GLN F 176 15.26 -51.87 24.31
C GLN F 176 15.18 -50.97 25.53
N GLN F 212 7.64 -53.24 31.98
CA GLN F 212 7.32 -53.46 30.57
C GLN F 212 6.00 -52.79 30.13
N ALA F 213 5.39 -52.03 31.04
CA ALA F 213 4.00 -51.60 30.89
C ALA F 213 3.77 -50.73 29.66
N ARG F 214 4.44 -49.58 29.63
CA ARG F 214 4.17 -48.57 28.61
C ARG F 214 4.39 -49.05 27.18
N LEU F 215 5.10 -50.16 27.02
CA LEU F 215 5.18 -50.85 25.73
C LEU F 215 3.80 -51.34 25.33
N GLU F 216 3.20 -52.18 26.18
CA GLU F 216 1.84 -52.67 25.93
C GLU F 216 0.80 -51.51 25.83
N ASN F 217 1.08 -50.38 26.51
CA ASN F 217 0.30 -49.14 26.33
C ASN F 217 0.26 -48.72 24.88
N LEU F 218 1.41 -48.27 24.41
CA LEU F 218 1.68 -48.00 23.01
C LEU F 218 1.05 -49.03 22.08
N GLN F 219 1.27 -50.32 22.37
CA GLN F 219 0.66 -51.43 21.63
C GLN F 219 -0.85 -51.22 21.40
N ALA F 220 -1.60 -50.92 22.47
CA ALA F 220 -3.07 -50.88 22.43
C ALA F 220 -3.72 -49.53 22.09
N VAL F 221 -2.99 -48.43 22.33
CA VAL F 221 -3.55 -47.09 22.14
C VAL F 221 -3.43 -46.65 20.67
N GLY F 222 -2.33 -47.03 20.03
CA GLY F 222 -2.05 -46.58 18.68
C GLY F 222 -1.45 -45.18 18.62
N PRO F 223 -1.34 -44.62 17.41
CA PRO F 223 -0.81 -43.28 17.11
C PRO F 223 -1.53 -42.14 17.86
N ALA F 224 -0.78 -41.08 18.15
CA ALA F 224 -1.28 -39.93 18.93
C ALA F 224 -1.67 -38.76 18.03
N PHE F 225 -2.97 -38.50 17.99
CA PHE F 225 -3.50 -37.51 17.10
C PHE F 225 -3.71 -36.20 17.84
N ASP F 226 -3.37 -35.07 17.21
CA ASP F 226 -3.60 -33.78 17.85
C ASP F 226 -5.04 -33.31 17.67
N LEU F 227 -5.37 -32.15 18.25
CA LEU F 227 -6.68 -31.58 18.16
C LEU F 227 -6.94 -31.16 16.72
N ASP F 228 -5.85 -30.77 16.07
CA ASP F 228 -5.87 -30.34 14.69
C ASP F 228 -6.43 -31.45 13.81
N TYR F 229 -5.89 -32.65 13.99
CA TYR F 229 -6.35 -33.82 13.29
C TYR F 229 -7.82 -34.04 13.50
N ASP F 230 -8.24 -34.07 14.77
CA ASP F 230 -9.64 -34.32 15.10
C ASP F 230 -10.60 -33.26 14.50
N GLN F 231 -10.20 -31.98 14.57
CA GLN F 231 -10.97 -30.88 13.93
C GLN F 231 -11.10 -31.11 12.44
N ASN F 232 -9.97 -31.41 11.78
CA ASN F 232 -9.97 -31.74 10.34
C ASN F 232 -10.82 -32.97 10.00
N ARG F 233 -10.88 -33.92 10.91
CA ARG F 233 -11.71 -35.11 10.76
C ARG F 233 -13.18 -34.75 10.73
N ALA F 234 -13.59 -33.95 11.70
CA ALA F 234 -14.96 -33.48 11.81
C ALA F 234 -15.34 -32.59 10.63
N LEU F 236 -14.01 -32.95 7.56
CA LEU F 236 -14.13 -33.96 6.51
C LEU F 236 -15.55 -34.48 6.41
N ASN F 237 -16.15 -34.77 7.56
CA ASN F 237 -17.52 -35.25 7.60
C ASN F 237 -18.52 -34.28 6.99
N THR F 238 -18.49 -33.01 7.37
CA THR F 238 -19.48 -32.08 6.79
C THR F 238 -19.28 -31.96 5.29
N LEU F 239 -18.03 -32.07 4.86
CA LEU F 239 -17.66 -32.09 3.44
C LEU F 239 -18.23 -33.29 2.68
N ASN F 240 -18.23 -34.47 3.30
CA ASN F 240 -18.69 -35.67 2.61
C ASN F 240 -20.18 -35.70 2.38
N VAL F 241 -20.92 -35.05 3.27
CA VAL F 241 -22.35 -34.91 3.08
C VAL F 241 -22.60 -34.39 1.68
N GLY F 242 -21.76 -33.44 1.24
CA GLY F 242 -21.89 -32.85 -0.10
C GLY F 242 -22.77 -31.60 -0.04
N PRO F 243 -22.58 -30.67 -0.98
CA PRO F 243 -23.35 -29.44 -0.97
C PRO F 243 -24.82 -29.69 -1.32
N THR F 244 -25.68 -28.72 -1.02
CA THR F 244 -27.03 -28.70 -1.59
C THR F 244 -27.01 -27.80 -2.81
N LEU F 245 -27.67 -28.25 -3.87
CA LEU F 245 -27.71 -27.49 -5.10
C LEU F 245 -29.15 -27.25 -5.57
N ASP F 246 -29.83 -26.32 -4.90
CA ASP F 246 -31.15 -25.89 -5.35
C ASP F 246 -30.87 -24.94 -6.47
N PRO F 247 -31.38 -25.25 -7.69
CA PRO F 247 -31.18 -24.43 -8.89
C PRO F 247 -32.17 -23.28 -9.01
N ARG F 248 -32.93 -23.03 -7.94
CA ARG F 248 -34.05 -22.10 -7.99
C ARG F 248 -33.71 -20.63 -7.66
N PHE F 249 -32.50 -20.35 -7.19
CA PHE F 249 -32.29 -19.03 -6.64
C PHE F 249 -32.20 -17.89 -7.68
N GLN F 250 -32.52 -16.68 -7.24
CA GLN F 250 -32.52 -15.53 -8.10
C GLN F 250 -31.17 -14.83 -7.97
N THR F 251 -30.68 -14.29 -9.06
CA THR F 251 -29.30 -13.83 -9.17
C THR F 251 -29.14 -12.32 -9.54
N TYR F 252 -30.24 -11.60 -9.41
CA TYR F 252 -30.35 -10.18 -9.69
C TYR F 252 -31.51 -9.73 -8.84
N ARG F 253 -31.66 -8.43 -8.65
CA ARG F 253 -32.97 -7.86 -8.32
C ARG F 253 -33.21 -6.76 -9.36
N TYR F 254 -34.46 -6.33 -9.50
CA TYR F 254 -34.83 -5.26 -10.40
C TYR F 254 -34.87 -3.93 -9.66
N LEU F 255 -34.41 -2.88 -10.34
CA LEU F 255 -34.63 -1.49 -10.00
C LEU F 255 -35.65 -0.89 -10.98
N ARG F 256 -35.68 -1.47 -12.17
CA ARG F 256 -36.70 -1.11 -13.15
C ARG F 256 -37.17 -2.42 -13.76
N THR F 257 -38.41 -2.78 -13.48
CA THR F 257 -39.04 -4.00 -14.04
C THR F 257 -39.63 -3.65 -15.42
N PRO F 258 -39.57 -4.57 -16.38
CA PRO F 258 -40.23 -4.26 -17.64
C PRO F 258 -41.72 -3.97 -17.51
N GLU F 259 -42.21 -3.14 -18.38
CA GLU F 259 -43.60 -2.82 -18.44
C GLU F 259 -43.97 -2.66 -19.93
N GLU F 260 -45.27 -2.62 -20.22
CA GLU F 260 -45.73 -2.43 -21.60
C GLU F 260 -45.40 -0.97 -21.99
N PRO F 261 -44.62 -0.77 -23.07
CA PRO F 261 -44.32 0.60 -23.51
C PRO F 261 -45.63 1.30 -23.85
N VAL F 262 -45.66 2.62 -23.71
CA VAL F 262 -46.89 3.32 -24.01
C VAL F 262 -46.88 3.94 -25.43
N LYS F 263 -45.71 3.96 -26.08
CA LYS F 263 -45.63 4.28 -27.53
C LYS F 263 -44.54 3.49 -28.27
N ARG F 264 -44.80 3.25 -29.56
CA ARG F 264 -43.83 2.78 -30.55
C ARG F 264 -42.44 3.37 -30.35
N ASP F 265 -41.44 2.63 -30.80
CA ASP F 265 -40.09 3.12 -30.80
C ASP F 265 -39.91 4.25 -31.83
N GLU G 1 -14.43 -14.15 -47.51
CA GLU G 1 -15.84 -14.20 -47.95
C GLU G 1 -16.93 -14.62 -46.93
N TRP G 2 -16.78 -15.76 -46.26
CA TRP G 2 -17.74 -16.13 -45.21
C TRP G 2 -17.03 -16.23 -43.87
N SER G 3 -17.50 -15.47 -42.89
CA SER G 3 -16.77 -15.38 -41.64
C SER G 3 -17.64 -15.68 -40.46
N SER G 4 -16.98 -16.17 -39.40
CA SER G 4 -17.59 -16.61 -38.18
C SER G 4 -16.84 -15.93 -37.02
N THR G 5 -17.52 -15.80 -35.87
CA THR G 5 -16.98 -15.05 -34.75
C THR G 5 -17.20 -15.78 -33.42
N ALA G 6 -16.19 -15.75 -32.57
CA ALA G 6 -16.27 -16.27 -31.23
C ALA G 6 -15.87 -15.14 -30.27
N ILE G 7 -16.40 -15.19 -29.06
CA ILE G 7 -16.00 -14.24 -28.02
C ILE G 7 -15.78 -15.10 -26.82
N THR G 8 -14.61 -14.92 -26.19
CA THR G 8 -14.20 -15.77 -25.09
C THR G 8 -13.90 -14.96 -23.85
N ASP G 9 -13.82 -15.67 -22.73
CA ASP G 9 -13.37 -15.10 -21.49
C ASP G 9 -12.74 -16.24 -20.67
N ARG G 10 -12.12 -15.89 -19.55
CA ARG G 10 -11.49 -16.89 -18.67
C ARG G 10 -12.42 -18.07 -18.32
N PRO G 11 -11.86 -19.27 -18.13
CA PRO G 11 -12.64 -20.44 -17.72
C PRO G 11 -12.94 -20.35 -16.22
N THR G 12 -13.87 -21.16 -15.72
CA THR G 12 -14.21 -21.16 -14.32
C THR G 12 -13.48 -22.33 -13.68
N VAL G 13 -13.56 -22.43 -12.34
CA VAL G 13 -12.84 -23.45 -11.58
C VAL G 13 -13.10 -24.87 -12.07
N ASN G 14 -14.38 -25.24 -12.20
CA ASN G 14 -14.74 -26.61 -12.59
C ASN G 14 -14.26 -26.94 -14.00
N LEU G 16 -11.50 -26.20 -15.32
CA LEU G 16 -10.09 -26.68 -15.37
C LEU G 16 -9.86 -28.12 -14.95
N GLY G 17 -10.94 -28.81 -14.54
CA GLY G 17 -10.85 -30.22 -14.17
C GLY G 17 -9.84 -30.50 -13.06
N GLY G 18 -9.00 -31.51 -13.28
CA GLY G 18 -8.04 -31.94 -12.25
C GLY G 18 -6.72 -31.19 -12.25
N TYR G 19 -6.63 -30.15 -13.05
CA TYR G 19 -5.40 -29.40 -13.16
C TYR G 19 -5.34 -28.41 -12.03
N TYR G 20 -6.51 -27.97 -11.63
CA TYR G 20 -6.64 -26.89 -10.68
C TYR G 20 -6.17 -27.27 -9.29
N SER G 21 -6.66 -28.38 -8.77
CA SER G 21 -6.22 -28.87 -7.46
C SER G 21 -4.72 -29.08 -7.42
N GLN G 22 -4.16 -29.54 -8.54
CA GLN G 22 -2.73 -29.79 -8.64
C GLN G 22 -1.91 -28.51 -8.56
N GLN G 23 -2.37 -27.46 -9.24
CA GLN G 23 -1.64 -26.18 -9.26
C GLN G 23 -1.74 -25.48 -7.90
N GLN G 24 -2.91 -25.57 -7.29
CA GLN G 24 -3.12 -25.06 -5.93
C GLN G 24 -2.24 -25.77 -4.93
N PHE G 25 -2.02 -27.06 -5.14
CA PHE G 25 -1.21 -27.85 -4.22
C PHE G 25 0.23 -27.33 -4.20
N LEU G 26 0.77 -27.06 -5.39
CA LEU G 26 2.14 -26.57 -5.54
C LEU G 26 2.28 -25.14 -5.10
N ARG G 27 1.22 -24.36 -5.26
CA ARG G 27 1.27 -22.96 -4.85
C ARG G 27 1.31 -22.89 -3.35
N ASN G 28 0.65 -23.85 -2.70
CA ASN G 28 0.63 -23.91 -1.23
C ASN G 28 1.92 -24.51 -0.66
N LEU G 29 2.93 -24.65 -1.52
CA LEU G 29 4.26 -25.04 -1.08
C LEU G 29 5.25 -23.86 -1.02
N ASP G 30 5.39 -23.13 -2.12
CA ASP G 30 6.19 -21.89 -2.10
C ASP G 30 5.44 -20.74 -1.44
N VAL G 31 5.38 -20.76 -0.10
CA VAL G 31 4.76 -19.62 0.64
C VAL G 31 4.66 -19.86 2.15
N PRO G 41 -2.56 -13.25 -9.41
CA PRO G 41 -3.22 -13.82 -10.59
C PRO G 41 -3.74 -15.23 -10.29
N SER G 42 -5.01 -15.47 -10.64
CA SER G 42 -5.68 -16.71 -10.31
C SER G 42 -5.23 -17.81 -11.27
N VAL G 43 -5.34 -19.05 -10.85
CA VAL G 43 -5.05 -20.17 -11.74
C VAL G 43 -5.85 -20.03 -13.04
N ASP G 45 -6.89 -17.20 -14.33
CA ASP G 45 -6.33 -16.08 -15.10
C ASP G 45 -5.13 -16.53 -15.95
N GLU G 46 -4.20 -17.24 -15.32
CA GLU G 46 -3.02 -17.80 -15.97
C GLU G 46 -3.38 -18.70 -17.15
N ALA G 47 -4.41 -19.53 -16.97
CA ALA G 47 -4.86 -20.42 -18.02
C ALA G 47 -5.38 -19.68 -19.24
N TYR G 48 -6.24 -18.69 -19.02
CA TYR G 48 -6.80 -17.88 -20.09
C TYR G 48 -5.72 -17.14 -20.82
N LYS G 49 -4.70 -16.68 -20.08
CA LYS G 49 -3.63 -15.98 -20.72
C LYS G 49 -2.92 -16.93 -21.70
N GLU G 50 -2.66 -18.17 -21.29
CA GLU G 50 -2.09 -19.13 -22.23
C GLU G 50 -3.02 -19.44 -23.41
N PHE G 51 -4.33 -19.43 -23.20
CA PHE G 51 -5.29 -19.70 -24.24
C PHE G 51 -5.26 -18.62 -25.31
N VAL G 52 -5.40 -17.40 -24.84
CA VAL G 52 -5.32 -16.20 -25.66
C VAL G 52 -4.00 -16.19 -26.45
N GLN G 54 -2.23 -18.82 -27.27
CA GLN G 54 -2.35 -19.87 -28.29
C GLN G 54 -3.23 -19.44 -29.43
N LEU G 55 -4.40 -18.89 -29.09
CA LEU G 55 -5.39 -18.43 -30.08
C LEU G 55 -4.77 -17.46 -31.09
N ALA G 56 -3.93 -16.56 -30.62
CA ALA G 56 -3.37 -15.48 -31.43
C ALA G 56 -2.10 -15.89 -32.20
N SER G 57 -1.42 -16.91 -31.71
CA SER G 57 -0.12 -17.33 -32.23
C SER G 57 -0.23 -17.74 -33.70
N TRP G 58 0.72 -17.23 -34.47
CA TRP G 58 0.96 -17.59 -35.87
C TRP G 58 1.23 -19.07 -36.05
N ASP G 59 2.17 -19.59 -35.27
CA ASP G 59 2.43 -21.02 -35.22
C ASP G 59 1.16 -21.83 -35.03
N THR G 60 0.32 -21.44 -34.07
CA THR G 60 -0.89 -22.20 -33.80
C THR G 60 -1.78 -22.20 -35.03
N ARG G 61 -1.91 -21.04 -35.68
CA ARG G 61 -2.78 -20.98 -36.85
C ARG G 61 -2.20 -21.85 -37.97
N ARG G 62 -0.88 -21.78 -38.18
CA ARG G 62 -0.21 -22.54 -39.21
C ARG G 62 -0.43 -24.03 -39.00
N GLU G 63 -0.17 -24.51 -37.78
CA GLU G 63 -0.32 -25.91 -37.46
C GLU G 63 -1.78 -26.36 -37.50
N PHE G 64 -2.70 -25.46 -37.23
CA PHE G 64 -4.12 -25.82 -37.31
C PHE G 64 -4.48 -26.14 -38.74
N TRP G 65 -4.06 -25.29 -39.66
CA TRP G 65 -4.48 -25.45 -41.03
C TRP G 65 -3.85 -26.67 -41.68
N LEU G 66 -2.60 -26.95 -41.31
CA LEU G 66 -1.87 -28.13 -41.83
C LEU G 66 -2.57 -29.48 -41.56
N GLN G 67 -3.45 -29.50 -40.58
CA GLN G 67 -3.93 -30.69 -39.92
C GLN G 67 -5.45 -30.74 -40.32
N THR G 68 -5.82 -29.76 -41.11
CA THR G 68 -7.17 -29.59 -41.60
C THR G 68 -7.45 -30.24 -42.97
N ASP G 69 -8.59 -30.93 -43.08
CA ASP G 69 -9.01 -31.49 -44.38
C ASP G 69 -9.39 -30.40 -45.37
N TYR G 70 -9.91 -29.30 -44.83
CA TYR G 70 -10.22 -28.13 -45.61
C TYR G 70 -8.99 -27.60 -46.37
N TYR G 71 -7.84 -27.59 -45.69
CA TYR G 71 -6.60 -27.21 -46.32
C TYR G 71 -6.06 -28.32 -47.21
N LYS G 72 -5.98 -29.55 -46.67
CA LYS G 72 -5.41 -30.65 -47.47
C LYS G 72 -6.10 -30.82 -48.83
N GLN G 73 -7.41 -30.58 -48.90
CA GLN G 73 -8.20 -30.72 -50.12
C GLN G 73 -7.98 -29.58 -51.09
N ARG G 74 -7.26 -28.55 -50.68
CA ARG G 74 -7.00 -27.42 -51.56
C ARG G 74 -5.55 -27.39 -52.00
N VAL G 76 -2.32 -28.52 -54.05
CA VAL G 76 -2.17 -28.93 -55.43
C VAL G 76 -0.89 -29.77 -55.60
N GLY G 77 -0.15 -29.97 -54.51
CA GLY G 77 1.11 -30.76 -54.57
C GLY G 77 2.33 -30.02 -55.12
N ASN G 78 2.24 -28.69 -55.12
CA ASN G 78 3.29 -27.77 -55.54
C ASN G 78 3.70 -26.92 -54.31
N SER G 79 4.93 -27.13 -53.87
CA SER G 79 5.37 -26.66 -52.54
C SER G 79 5.21 -25.14 -52.30
N LYS G 80 5.50 -24.37 -53.34
CA LYS G 80 5.37 -22.93 -53.34
C LYS G 80 3.89 -22.52 -53.35
N ALA G 81 3.10 -23.09 -54.26
CA ALA G 81 1.68 -22.79 -54.29
C ALA G 81 0.97 -23.19 -53.00
N ASP G 82 1.38 -24.29 -52.39
CA ASP G 82 0.76 -24.71 -51.12
C ASP G 82 1.11 -23.82 -49.96
N ALA G 83 2.37 -23.38 -49.92
CA ALA G 83 2.84 -22.48 -48.86
C ALA G 83 2.18 -21.08 -48.99
N ALA G 84 1.91 -20.64 -50.22
CA ALA G 84 1.16 -19.41 -50.40
C ALA G 84 -0.27 -19.56 -49.90
N LEU G 85 -0.87 -20.74 -50.09
CA LEU G 85 -2.26 -20.92 -49.71
C LEU G 85 -2.36 -20.96 -48.17
N LEU G 86 -1.36 -21.59 -47.58
CA LEU G 86 -1.27 -21.78 -46.16
C LEU G 86 -1.11 -20.43 -45.48
N ASP G 87 -0.24 -19.61 -46.05
CA ASP G 87 -0.09 -18.23 -45.60
C ASP G 87 -1.39 -17.42 -45.68
N GLU G 88 -2.16 -17.57 -46.75
CA GLU G 88 -3.43 -16.82 -46.85
C GLU G 88 -4.45 -17.31 -45.78
N ILE G 90 -3.54 -18.56 -42.75
CA ILE G 90 -3.11 -18.03 -41.48
C ILE G 90 -3.65 -16.60 -41.27
N ASN G 91 -3.66 -15.80 -42.33
CA ASN G 91 -4.18 -14.43 -42.23
C ASN G 91 -5.70 -14.32 -42.20
N ASN G 92 -6.40 -15.42 -42.50
CA ASN G 92 -7.85 -15.49 -42.48
C ASN G 92 -8.36 -15.81 -41.07
N ILE G 93 -7.46 -15.95 -40.12
CA ILE G 93 -7.87 -16.08 -38.72
C ILE G 93 -7.32 -14.88 -38.01
N GLN G 94 -8.18 -14.11 -37.36
CA GLN G 94 -7.87 -12.77 -36.87
C GLN G 94 -8.27 -12.63 -35.40
N PHE G 95 -7.29 -12.38 -34.56
CA PHE G 95 -7.51 -12.24 -33.15
C PHE G 95 -7.60 -10.77 -32.89
N ILE G 96 -8.59 -10.39 -32.11
CA ILE G 96 -8.86 -9.00 -31.82
C ILE G 96 -8.87 -8.91 -30.31
N PRO G 97 -7.73 -8.50 -29.72
CA PRO G 97 -7.65 -8.45 -28.26
C PRO G 97 -8.67 -7.48 -27.66
N GLY G 98 -9.19 -7.83 -26.49
CA GLY G 98 -10.11 -6.97 -25.79
C GLY G 98 -9.42 -5.84 -25.06
N ASP G 99 -10.22 -4.94 -24.53
CA ASP G 99 -9.74 -3.88 -23.68
C ASP G 99 -10.65 -3.88 -22.45
N PHE G 100 -10.08 -4.01 -21.28
CA PHE G 100 -10.91 -4.11 -20.08
C PHE G 100 -11.06 -2.75 -19.36
N THR G 101 -10.77 -1.70 -20.12
CA THR G 101 -11.12 -0.32 -19.78
C THR G 101 -12.53 -0.05 -20.29
N ARG G 102 -12.89 -0.68 -21.42
CA ARG G 102 -14.16 -0.43 -22.09
C ARG G 102 -15.10 -1.65 -22.14
N ALA G 103 -14.85 -2.61 -21.24
CA ALA G 103 -15.65 -3.85 -21.15
C ALA G 103 -15.77 -4.61 -22.48
N VAL G 104 -14.75 -4.51 -23.33
CA VAL G 104 -14.65 -5.31 -24.57
C VAL G 104 -13.91 -6.61 -24.25
N ASN G 105 -14.50 -7.75 -24.64
CA ASN G 105 -13.85 -9.04 -24.46
C ASN G 105 -13.07 -9.45 -25.69
N ASP G 106 -12.27 -10.51 -25.55
CA ASP G 106 -11.49 -11.03 -26.69
C ASP G 106 -12.38 -11.74 -27.69
N SER G 107 -12.11 -11.49 -28.97
CA SER G 107 -12.87 -12.10 -30.04
C SER G 107 -11.92 -12.58 -31.11
N VAL G 108 -12.44 -13.49 -31.94
CA VAL G 108 -11.61 -14.11 -32.94
C VAL G 108 -12.50 -14.39 -34.11
N LYS G 109 -11.97 -14.14 -35.31
CA LYS G 109 -12.72 -14.26 -36.55
C LYS G 109 -11.97 -15.22 -37.42
N LEU G 110 -12.70 -16.02 -38.17
CA LEU G 110 -12.13 -16.92 -39.16
C LEU G 110 -12.95 -16.84 -40.43
N ILE G 111 -12.29 -16.45 -41.52
CA ILE G 111 -12.85 -16.35 -42.86
C ILE G 111 -12.59 -17.63 -43.68
N ALA G 112 -13.62 -18.20 -44.30
CA ALA G 112 -13.49 -19.37 -45.18
C ALA G 112 -14.48 -19.32 -46.35
N GLU G 113 -14.42 -20.30 -47.22
CA GLU G 113 -15.13 -20.21 -48.49
C GLU G 113 -16.63 -20.50 -48.42
N THR G 114 -17.12 -20.99 -47.28
CA THR G 114 -18.55 -21.20 -47.11
C THR G 114 -18.86 -20.97 -45.66
N ALA G 115 -20.16 -20.80 -45.41
CA ALA G 115 -20.71 -20.55 -44.08
C ALA G 115 -20.56 -21.75 -43.18
N PRO G 116 -20.95 -22.97 -43.64
CA PRO G 116 -20.67 -24.17 -42.85
C PRO G 116 -19.20 -24.30 -42.48
N ASP G 117 -18.30 -24.09 -43.45
CA ASP G 117 -16.87 -24.19 -43.18
C ASP G 117 -16.45 -23.17 -42.15
N ALA G 118 -16.94 -21.93 -42.29
CA ALA G 118 -16.53 -20.86 -41.35
C ALA G 118 -16.94 -21.21 -39.93
N ASN G 119 -18.12 -21.79 -39.80
CA ASN G 119 -18.57 -22.26 -38.52
C ASN G 119 -17.76 -23.43 -37.98
N ASN G 120 -17.63 -24.51 -38.73
CA ASN G 120 -16.93 -25.69 -38.18
C ASN G 120 -15.45 -25.41 -37.87
N LEU G 121 -14.80 -24.70 -38.77
CA LEU G 121 -13.38 -24.46 -38.66
C LEU G 121 -13.05 -23.64 -37.43
N LEU G 122 -13.77 -22.54 -37.21
CA LEU G 122 -13.56 -21.73 -36.00
C LEU G 122 -13.77 -22.56 -34.74
N ARG G 123 -14.82 -23.40 -34.71
CA ARG G 123 -15.03 -24.27 -33.56
C ARG G 123 -13.85 -25.22 -33.38
N GLN G 124 -13.30 -25.68 -34.49
CA GLN G 124 -12.21 -26.62 -34.37
C GLN G 124 -10.96 -25.86 -33.95
N TYR G 125 -10.82 -24.63 -34.45
CA TYR G 125 -9.65 -23.85 -34.17
C TYR G 125 -9.59 -23.49 -32.70
N VAL G 126 -10.74 -23.10 -32.16
CA VAL G 126 -10.84 -22.77 -30.78
C VAL G 126 -10.49 -24.01 -29.94
N ALA G 127 -11.10 -25.15 -30.23
CA ALA G 127 -10.76 -26.36 -29.45
C ALA G 127 -9.23 -26.72 -29.49
N PHE G 128 -8.64 -26.61 -30.69
CA PHE G 128 -7.21 -26.81 -30.97
C PHE G 128 -6.31 -25.87 -30.16
N ALA G 129 -6.63 -24.58 -30.17
CA ALA G 129 -5.90 -23.62 -29.37
C ALA G 129 -6.02 -23.96 -27.85
N SER G 130 -7.23 -24.28 -27.40
CA SER G 130 -7.43 -24.65 -26.00
C SER G 130 -6.66 -25.91 -25.59
N GLN G 131 -6.66 -26.92 -26.44
CA GLN G 131 -5.89 -28.15 -26.16
C GLN G 131 -4.41 -27.86 -26.12
N ARG G 132 -3.92 -26.96 -26.95
CA ARG G 132 -2.50 -26.68 -26.94
C ARG G 132 -2.14 -25.92 -25.67
N ALA G 133 -3.03 -25.05 -25.24
CA ALA G 133 -2.83 -24.34 -24.01
C ALA G 133 -2.81 -25.32 -22.82
N ALA G 134 -3.78 -26.23 -22.77
CA ALA G 134 -3.86 -27.20 -21.69
C ALA G 134 -2.65 -28.12 -21.66
N SER G 135 -2.08 -28.45 -22.82
CA SER G 135 -0.80 -29.18 -22.78
C SER G 135 0.35 -28.37 -22.24
N HIS G 136 0.38 -27.09 -22.53
CA HIS G 136 1.44 -26.22 -22.10
C HIS G 136 1.35 -26.02 -20.60
N LEU G 137 0.13 -25.86 -20.10
CA LEU G 137 -0.10 -25.74 -18.65
C LEU G 137 0.34 -26.98 -17.85
N ASN G 138 0.01 -28.17 -18.35
CA ASN G 138 0.44 -29.43 -17.73
C ASN G 138 1.95 -29.54 -17.69
N ASP G 139 2.58 -29.31 -18.85
CA ASP G 139 4.03 -29.22 -18.96
C ASP G 139 4.66 -28.36 -17.89
N GLU G 140 4.16 -27.13 -17.75
CA GLU G 140 4.62 -26.24 -16.69
C GLU G 140 4.45 -26.91 -15.33
N LEU G 141 3.31 -27.59 -15.15
CA LEU G 141 2.99 -28.22 -13.90
C LEU G 141 4.02 -29.31 -13.66
N LYS G 142 4.10 -30.28 -14.56
CA LYS G 142 5.03 -31.37 -14.48
C LYS G 142 6.44 -30.91 -14.06
N GLY G 143 6.92 -29.85 -14.70
CA GLY G 143 8.26 -29.32 -14.46
C GLY G 143 8.36 -28.55 -13.15
N ALA G 144 7.40 -27.68 -12.85
CA ALA G 144 7.40 -26.96 -11.56
C ALA G 144 7.32 -27.96 -10.41
N TRP G 145 6.61 -29.07 -10.65
CA TRP G 145 6.39 -30.13 -9.67
C TRP G 145 7.68 -30.92 -9.40
N ALA G 146 8.34 -31.37 -10.46
CA ALA G 146 9.61 -32.07 -10.35
C ALA G 146 10.66 -31.24 -9.60
N ALA G 147 10.83 -29.99 -10.03
CA ALA G 147 11.74 -29.03 -9.39
C ALA G 147 11.46 -28.93 -7.89
N ARG G 148 10.20 -29.12 -7.52
CA ARG G 148 9.80 -29.01 -6.14
C ARG G 148 10.17 -30.28 -5.37
N THR G 149 10.13 -31.42 -6.04
CA THR G 149 10.42 -32.71 -5.43
C THR G 149 11.92 -32.84 -5.12
N ILE G 150 12.73 -32.53 -6.12
CA ILE G 150 14.17 -32.40 -5.98
C ILE G 150 14.51 -31.50 -4.76
N GLN G 151 13.95 -30.29 -4.76
CA GLN G 151 14.11 -29.37 -3.64
C GLN G 151 13.74 -30.04 -2.34
N LYS G 153 13.54 -33.19 -1.71
CA LYS G 153 14.45 -34.31 -1.42
C LYS G 153 15.69 -33.82 -0.72
N ALA G 154 16.23 -32.69 -1.20
CA ALA G 154 17.43 -32.09 -0.62
C ALA G 154 17.14 -31.63 0.81
N GLN G 155 15.99 -31.00 1.00
CA GLN G 155 15.58 -30.50 2.32
C GLN G 155 15.56 -31.61 3.39
N VAL G 156 14.99 -32.76 3.04
CA VAL G 156 14.94 -33.90 3.94
C VAL G 156 16.32 -34.50 4.16
N LYS G 157 17.04 -34.70 3.06
CA LYS G 157 18.41 -35.14 3.09
C LYS G 157 19.16 -34.31 4.12
N ARG G 158 19.16 -32.98 3.97
CA ARG G 158 19.83 -32.10 4.93
C ARG G 158 19.34 -32.30 6.37
N GLN G 159 18.03 -32.52 6.52
CA GLN G 159 17.47 -32.67 7.85
C GLN G 159 18.10 -33.84 8.56
N GLU G 160 18.47 -34.85 7.78
CA GLU G 160 19.11 -36.07 8.26
C GLU G 160 20.60 -35.88 8.60
N GLU G 161 21.24 -34.97 7.88
CA GLU G 161 22.63 -34.65 8.17
C GLU G 161 22.76 -33.83 9.45
N VAL G 162 21.83 -32.91 9.68
CA VAL G 162 21.78 -32.20 10.96
C VAL G 162 21.52 -33.20 12.08
N ALA G 163 20.49 -34.02 11.90
CA ALA G 163 20.11 -35.05 12.88
C ALA G 163 21.25 -35.98 13.24
N LYS G 164 22.12 -36.26 12.26
CA LYS G 164 23.25 -37.17 12.46
C LYS G 164 24.40 -36.49 13.17
N ALA G 165 24.63 -35.22 12.83
CA ALA G 165 25.66 -34.44 13.51
C ALA G 165 25.40 -34.30 15.02
N ILE G 166 24.13 -34.08 15.39
CA ILE G 166 23.72 -33.93 16.79
C ILE G 166 23.79 -35.28 17.46
N TYR G 167 23.56 -36.33 16.68
CA TYR G 167 23.66 -37.70 17.16
C TYR G 167 25.09 -38.00 17.59
N ASP G 168 26.03 -37.85 16.65
CA ASP G 168 27.44 -38.12 16.87
C ASP G 168 28.07 -37.29 17.99
N ARG G 169 27.58 -36.07 18.19
CA ARG G 169 28.10 -35.18 19.24
C ARG G 169 27.64 -35.63 20.64
N ARG G 170 26.39 -36.06 20.75
CA ARG G 170 25.84 -36.58 22.00
C ARG G 170 26.39 -37.99 22.31
N ASN G 172 29.49 -38.96 21.39
CA ASN G 172 30.81 -38.63 21.91
C ASN G 172 30.77 -38.10 23.36
N SER G 173 29.77 -37.25 23.65
CA SER G 173 29.62 -36.66 24.99
C SER G 173 29.30 -37.70 26.08
N ILE G 174 28.67 -38.82 25.64
CA ILE G 174 28.30 -39.85 26.62
C ILE G 174 29.48 -40.80 26.90
N GLU G 175 30.20 -41.16 25.82
CA GLU G 175 31.38 -42.03 25.92
C GLU G 175 32.36 -41.57 27.00
N GLN G 176 32.56 -40.25 27.10
CA GLN G 176 33.62 -39.72 27.96
C GLN G 176 33.12 -39.09 29.29
N GLN G 212 25.88 -46.97 32.49
CA GLN G 212 26.26 -46.83 31.08
C GLN G 212 25.07 -46.97 30.13
N ALA G 213 23.99 -47.58 30.64
CA ALA G 213 22.82 -47.95 29.84
C ALA G 213 22.36 -46.89 28.85
N ARG G 214 22.56 -45.62 29.22
CA ARG G 214 22.22 -44.50 28.34
C ARG G 214 23.01 -44.47 27.01
N LEU G 215 24.25 -44.97 27.02
CA LEU G 215 25.02 -45.15 25.78
C LEU G 215 24.33 -46.10 24.78
N GLU G 216 24.40 -47.40 25.04
CA GLU G 216 23.70 -48.42 24.25
C GLU G 216 22.31 -47.91 23.86
N ASN G 217 21.65 -47.28 24.83
CA ASN G 217 20.30 -46.74 24.64
C ASN G 217 20.26 -45.88 23.39
N LEU G 218 20.91 -44.71 23.47
CA LEU G 218 21.07 -43.79 22.34
C LEU G 218 21.52 -44.53 21.07
N GLN G 219 22.36 -45.53 21.25
CA GLN G 219 22.88 -46.36 20.15
C GLN G 219 21.79 -47.14 19.38
N ALA G 220 20.64 -47.38 20.03
CA ALA G 220 19.55 -48.14 19.41
C ALA G 220 18.49 -47.27 18.75
N VAL G 221 18.27 -46.07 19.30
CA VAL G 221 17.26 -45.12 18.78
C VAL G 221 17.66 -44.44 17.47
N GLY G 222 18.94 -44.09 17.35
CA GLY G 222 19.39 -43.22 16.27
C GLY G 222 19.04 -41.76 16.52
N PRO G 223 19.21 -40.91 15.49
CA PRO G 223 18.97 -39.47 15.56
C PRO G 223 17.52 -39.08 15.91
N ALA G 224 17.33 -38.00 16.65
CA ALA G 224 16.00 -37.51 17.02
C ALA G 224 15.44 -36.55 15.98
N PHE G 225 14.25 -36.85 15.46
CA PHE G 225 13.64 -36.10 14.37
C PHE G 225 12.43 -35.30 14.84
N ASP G 226 12.40 -34.00 14.54
CA ASP G 226 11.29 -33.18 15.00
C ASP G 226 10.04 -33.37 14.14
N LEU G 227 8.92 -32.81 14.61
CA LEU G 227 7.66 -32.86 13.87
C LEU G 227 7.86 -32.54 12.40
N ASP G 228 8.70 -31.54 12.13
CA ASP G 228 8.85 -30.99 10.78
C ASP G 228 9.52 -31.92 9.79
N TYR G 229 10.40 -32.78 10.26
CA TYR G 229 11.01 -33.77 9.38
C TYR G 229 9.97 -34.79 8.88
N ASP G 230 9.15 -35.28 9.80
CA ASP G 230 8.13 -36.25 9.45
C ASP G 230 7.08 -35.62 8.56
N GLN G 231 6.75 -34.34 8.80
CA GLN G 231 5.83 -33.64 7.91
C GLN G 231 6.37 -33.55 6.49
N ASN G 232 7.62 -33.10 6.34
CA ASN G 232 8.26 -33.06 5.03
C ASN G 232 8.28 -34.44 4.38
N ARG G 233 8.51 -35.46 5.20
CA ARG G 233 8.59 -36.84 4.76
C ARG G 233 7.31 -37.32 4.09
N ALA G 234 6.18 -37.00 4.72
CA ALA G 234 4.90 -37.43 4.23
C ALA G 234 4.50 -36.61 3.01
N LEU G 236 6.77 -35.50 0.89
CA LEU G 236 7.67 -36.06 -0.11
C LEU G 236 7.04 -37.28 -0.79
N ASN G 237 6.29 -38.07 -0.01
CA ASN G 237 5.52 -39.19 -0.55
C ASN G 237 4.51 -38.78 -1.62
N THR G 238 3.76 -37.71 -1.35
CA THR G 238 2.70 -37.23 -2.26
C THR G 238 3.29 -36.51 -3.48
N LEU G 239 4.44 -35.89 -3.30
CA LEU G 239 5.27 -35.36 -4.38
C LEU G 239 5.84 -36.43 -5.32
N ASN G 240 6.29 -37.56 -4.77
CA ASN G 240 6.85 -38.67 -5.56
C ASN G 240 5.84 -39.34 -6.48
N VAL G 241 4.58 -39.39 -6.02
CA VAL G 241 3.52 -40.11 -6.74
C VAL G 241 3.36 -39.46 -8.07
N GLY G 242 3.60 -38.14 -8.12
CA GLY G 242 3.52 -37.38 -9.36
C GLY G 242 2.16 -36.74 -9.50
N PRO G 243 2.09 -35.62 -10.23
CA PRO G 243 0.79 -34.98 -10.51
C PRO G 243 -0.09 -35.84 -11.43
N THR G 244 -1.40 -35.62 -11.41
CA THR G 244 -2.30 -36.18 -12.41
C THR G 244 -2.41 -35.18 -13.54
N LEU G 245 -2.17 -35.62 -14.76
CA LEU G 245 -2.27 -34.72 -15.87
C LEU G 245 -3.58 -35.04 -16.58
N ASP G 246 -4.62 -34.33 -16.18
CA ASP G 246 -5.88 -34.37 -16.91
C ASP G 246 -5.61 -33.72 -18.27
N PRO G 247 -5.73 -34.45 -19.36
CA PRO G 247 -5.56 -33.88 -20.66
C PRO G 247 -6.87 -33.32 -21.18
N ARG G 248 -7.90 -33.49 -20.37
CA ARG G 248 -9.27 -33.13 -20.72
C ARG G 248 -9.65 -31.69 -20.79
N PHE G 249 -9.09 -30.94 -19.88
CA PHE G 249 -9.57 -29.61 -19.59
C PHE G 249 -9.53 -28.46 -20.61
N GLN G 250 -10.52 -27.55 -20.39
CA GLN G 250 -10.79 -26.36 -21.19
C GLN G 250 -10.11 -25.16 -20.55
N THR G 251 -9.70 -24.27 -21.39
CA THR G 251 -8.84 -23.20 -20.99
C THR G 251 -9.48 -21.79 -21.17
N TYR G 252 -10.72 -21.76 -21.62
CA TYR G 252 -11.46 -20.55 -21.94
C TYR G 252 -12.95 -20.80 -21.65
N ARG G 253 -13.79 -19.79 -21.81
CA ARG G 253 -15.23 -20.06 -22.03
C ARG G 253 -15.85 -19.17 -23.08
N TYR G 254 -16.88 -19.71 -23.74
CA TYR G 254 -17.60 -18.96 -24.76
C TYR G 254 -18.59 -18.00 -24.15
N LEU G 255 -18.51 -16.73 -24.54
CA LEU G 255 -19.59 -15.78 -24.37
C LEU G 255 -20.40 -15.73 -25.69
N ARG G 256 -19.73 -16.10 -26.78
CA ARG G 256 -20.33 -16.16 -28.10
C ARG G 256 -19.74 -17.32 -28.87
N THR G 257 -20.54 -18.35 -29.10
CA THR G 257 -20.10 -19.53 -29.84
C THR G 257 -20.19 -19.21 -31.34
N PRO G 258 -19.27 -19.75 -32.17
CA PRO G 258 -19.41 -19.62 -33.61
C PRO G 258 -20.72 -20.17 -34.12
N GLU G 259 -21.28 -19.51 -35.13
CA GLU G 259 -22.44 -19.99 -35.84
C GLU G 259 -22.21 -19.66 -37.32
N GLU G 260 -22.99 -20.27 -38.20
CA GLU G 260 -22.84 -20.07 -39.64
C GLU G 260 -23.28 -18.66 -39.94
N PRO G 261 -22.45 -17.89 -40.65
CA PRO G 261 -22.91 -16.54 -40.98
C PRO G 261 -24.15 -16.60 -41.83
N VAL G 262 -24.91 -15.54 -41.80
CA VAL G 262 -26.12 -15.52 -42.57
C VAL G 262 -25.82 -15.01 -43.98
N LYS G 263 -24.86 -14.11 -44.09
CA LYS G 263 -24.47 -13.56 -45.39
C LYS G 263 -22.95 -13.45 -45.47
N ARG G 264 -22.43 -13.05 -46.63
CA ARG G 264 -21.00 -12.83 -46.80
C ARG G 264 -20.55 -11.48 -46.21
N ASP G 265 -19.25 -11.35 -45.97
CA ASP G 265 -18.64 -10.13 -45.43
C ASP G 265 -18.82 -8.89 -46.31
N GLU H 1 15.45 -7.46 -49.93
CA GLU H 1 14.46 -8.16 -50.81
C GLU H 1 13.50 -9.14 -50.09
N TRP H 2 13.96 -9.94 -49.13
CA TRP H 2 13.11 -10.94 -48.45
C TRP H 2 13.28 -10.96 -46.92
N SER H 3 12.20 -11.13 -46.17
CA SER H 3 12.33 -11.07 -44.71
C SER H 3 11.54 -12.17 -44.01
N SER H 4 12.06 -12.62 -42.86
CA SER H 4 11.33 -13.50 -41.96
C SER H 4 10.95 -12.73 -40.71
N THR H 5 9.97 -13.25 -39.98
CA THR H 5 9.60 -12.67 -38.71
C THR H 5 9.49 -13.76 -37.65
N ALA H 6 9.99 -13.45 -36.45
CA ALA H 6 9.78 -14.29 -35.29
C ALA H 6 9.07 -13.46 -34.26
N ILE H 7 8.21 -14.12 -33.49
CA ILE H 7 7.54 -13.54 -32.32
C ILE H 7 7.85 -14.46 -31.17
N THR H 8 8.36 -13.87 -30.08
CA THR H 8 8.83 -14.66 -28.95
C THR H 8 8.11 -14.36 -27.65
N ASP H 9 8.37 -15.21 -26.66
CA ASP H 9 7.86 -15.02 -25.33
C ASP H 9 8.74 -15.83 -24.38
N ARG H 10 8.45 -15.80 -23.09
CA ARG H 10 9.32 -16.39 -22.10
C ARG H 10 9.38 -17.92 -22.15
N PRO H 11 10.53 -18.47 -21.78
CA PRO H 11 10.70 -19.93 -21.81
C PRO H 11 9.79 -20.60 -20.78
N THR H 12 9.47 -21.87 -21.04
CA THR H 12 8.77 -22.70 -20.08
C THR H 12 9.77 -23.21 -19.06
N VAL H 13 9.28 -23.63 -17.91
CA VAL H 13 10.10 -24.19 -16.83
C VAL H 13 11.02 -25.30 -17.35
N ASN H 14 10.45 -26.22 -18.13
CA ASN H 14 11.18 -27.34 -18.70
C ASN H 14 12.36 -26.91 -19.57
N LEU H 16 14.52 -24.71 -19.17
CA LEU H 16 15.64 -24.11 -18.42
C LEU H 16 16.47 -25.20 -17.74
N GLY H 17 15.97 -26.43 -17.85
CA GLY H 17 16.59 -27.56 -17.20
C GLY H 17 16.98 -27.21 -15.78
N GLY H 18 18.21 -27.59 -15.43
CA GLY H 18 18.75 -27.41 -14.09
C GLY H 18 18.92 -25.97 -13.66
N TYR H 19 19.00 -25.04 -14.62
CA TYR H 19 19.19 -23.63 -14.27
C TYR H 19 18.07 -23.13 -13.33
N TYR H 20 16.87 -23.65 -13.54
CA TYR H 20 15.69 -23.17 -12.83
C TYR H 20 15.70 -23.47 -11.35
N SER H 21 15.86 -24.74 -10.99
CA SER H 21 15.79 -25.12 -9.57
C SER H 21 17.00 -24.58 -8.82
N GLN H 22 18.06 -24.29 -9.56
CA GLN H 22 19.23 -23.77 -8.91
C GLN H 22 19.08 -22.29 -8.59
N GLN H 23 18.45 -21.56 -9.49
CA GLN H 23 18.20 -20.14 -9.30
C GLN H 23 17.14 -20.00 -8.21
N GLN H 24 16.22 -20.97 -8.16
CA GLN H 24 15.24 -21.02 -7.10
C GLN H 24 15.89 -21.28 -5.75
N PHE H 25 16.79 -22.25 -5.71
CA PHE H 25 17.56 -22.53 -4.53
C PHE H 25 18.13 -21.24 -3.96
N LEU H 26 18.85 -20.48 -4.79
CA LEU H 26 19.51 -19.25 -4.34
C LEU H 26 18.54 -18.13 -3.98
N ARG H 27 17.40 -18.09 -4.65
CA ARG H 27 16.35 -17.13 -4.33
C ARG H 27 15.82 -17.33 -2.92
N ASN H 28 15.68 -18.59 -2.54
CA ASN H 28 15.00 -18.94 -1.31
C ASN H 28 15.99 -19.07 -0.17
N LEU H 29 17.10 -18.33 -0.32
CA LEU H 29 18.11 -18.15 0.71
C LEU H 29 18.29 -16.68 1.07
N ASP H 30 17.92 -15.78 0.14
CA ASP H 30 18.04 -14.33 0.40
C ASP H 30 16.88 -13.75 1.23
N VAL H 31 15.70 -14.36 1.14
CA VAL H 31 14.53 -13.90 1.91
C VAL H 31 14.29 -14.77 3.15
N PRO H 41 9.30 -11.22 -9.72
CA PRO H 41 9.66 -11.46 -11.14
C PRO H 41 10.20 -12.87 -11.35
N SER H 42 9.46 -13.68 -12.11
CA SER H 42 9.75 -15.10 -12.29
C SER H 42 11.16 -15.39 -12.84
N VAL H 43 11.72 -16.53 -12.46
CA VAL H 43 12.96 -17.02 -13.07
C VAL H 43 12.88 -17.00 -14.61
N ASP H 45 10.95 -15.10 -16.42
CA ASP H 45 10.92 -13.69 -16.82
C ASP H 45 12.32 -13.11 -16.90
N GLU H 46 13.12 -13.33 -15.86
CA GLU H 46 14.51 -12.89 -15.83
C GLU H 46 15.30 -13.46 -16.99
N ALA H 47 15.06 -14.73 -17.28
CA ALA H 47 15.75 -15.42 -18.36
C ALA H 47 15.43 -14.72 -19.67
N TYR H 48 14.14 -14.55 -19.92
CA TYR H 48 13.66 -13.88 -21.10
C TYR H 48 14.14 -12.43 -21.16
N LYS H 49 14.26 -11.77 -20.02
CA LYS H 49 14.82 -10.44 -19.97
C LYS H 49 16.21 -10.37 -20.67
N GLU H 50 17.06 -11.35 -20.39
CA GLU H 50 18.39 -11.36 -20.96
C GLU H 50 18.35 -11.70 -22.44
N PHE H 51 17.50 -12.65 -22.79
CA PHE H 51 17.31 -13.00 -24.17
C PHE H 51 16.91 -11.79 -25.01
N VAL H 52 15.92 -11.03 -24.53
CA VAL H 52 15.41 -9.90 -25.24
C VAL H 52 16.54 -8.88 -25.42
N GLN H 54 19.68 -9.57 -25.56
CA GLN H 54 20.63 -10.13 -26.50
C GLN H 54 20.14 -9.98 -27.92
N LEU H 55 18.87 -10.28 -28.08
CA LEU H 55 18.21 -10.22 -29.36
C LEU H 55 18.29 -8.82 -29.97
N ALA H 56 18.15 -7.78 -29.14
CA ALA H 56 18.15 -6.39 -29.64
C ALA H 56 19.56 -5.77 -29.82
N SER H 57 20.54 -6.35 -29.15
CA SER H 57 21.87 -5.76 -29.07
C SER H 57 22.54 -5.62 -30.44
N TRP H 58 23.13 -4.46 -30.65
CA TRP H 58 23.96 -4.21 -31.80
C TRP H 58 25.16 -5.16 -31.85
N ASP H 59 25.79 -5.38 -30.71
CA ASP H 59 26.92 -6.28 -30.68
C ASP H 59 26.49 -7.69 -31.10
N THR H 60 25.31 -8.14 -30.67
CA THR H 60 24.89 -9.50 -30.96
C THR H 60 24.70 -9.64 -32.48
N ARG H 61 24.04 -8.68 -33.07
CA ARG H 61 23.85 -8.70 -34.54
C ARG H 61 25.18 -8.66 -35.34
N ARG H 62 26.10 -7.81 -34.91
CA ARG H 62 27.41 -7.70 -35.51
C ARG H 62 28.16 -9.02 -35.42
N GLU H 63 28.23 -9.57 -34.21
CA GLU H 63 28.93 -10.83 -34.02
C GLU H 63 28.30 -11.94 -34.83
N PHE H 64 26.98 -11.98 -34.83
CA PHE H 64 26.26 -12.93 -35.66
C PHE H 64 26.69 -12.92 -37.14
N TRP H 65 26.63 -11.76 -37.78
CA TRP H 65 26.97 -11.68 -39.21
C TRP H 65 28.42 -12.04 -39.50
N LEU H 66 29.33 -11.63 -38.63
CA LEU H 66 30.75 -11.87 -38.83
C LEU H 66 31.08 -13.34 -38.88
N GLN H 67 30.19 -14.13 -38.32
CA GLN H 67 30.36 -15.55 -38.06
C GLN H 67 29.62 -16.35 -39.13
N THR H 68 28.94 -15.64 -40.01
CA THR H 68 28.02 -16.18 -41.02
C THR H 68 28.73 -16.35 -42.38
N ASP H 69 28.44 -17.41 -43.12
CA ASP H 69 29.02 -17.61 -44.45
C ASP H 69 28.40 -16.63 -45.43
N TYR H 70 27.14 -16.31 -45.18
CA TYR H 70 26.38 -15.35 -45.94
C TYR H 70 27.12 -14.01 -46.06
N TYR H 71 27.54 -13.44 -44.93
CA TYR H 71 28.36 -12.23 -44.92
C TYR H 71 29.69 -12.48 -45.59
N LYS H 72 30.36 -13.57 -45.25
CA LYS H 72 31.72 -13.82 -45.76
C LYS H 72 31.77 -13.90 -47.30
N GLN H 73 30.79 -14.57 -47.88
CA GLN H 73 30.65 -14.64 -49.33
C GLN H 73 30.35 -13.32 -50.04
N ARG H 74 29.94 -12.29 -49.30
CA ARG H 74 29.65 -10.99 -49.91
C ARG H 74 30.75 -9.93 -49.72
N VAL H 76 34.33 -8.16 -50.33
CA VAL H 76 35.06 -7.89 -51.55
C VAL H 76 36.55 -7.61 -51.32
N GLY H 77 36.98 -7.72 -50.06
CA GLY H 77 38.38 -7.46 -49.65
C GLY H 77 38.83 -6.01 -49.48
N ASN H 78 37.88 -5.08 -49.53
CA ASN H 78 38.13 -3.68 -49.23
C ASN H 78 37.58 -3.48 -47.79
N SER H 79 38.37 -2.87 -46.92
CA SER H 79 38.02 -2.78 -45.52
C SER H 79 36.76 -1.91 -45.28
N LYS H 80 36.69 -0.82 -46.03
CA LYS H 80 35.67 0.16 -45.94
C LYS H 80 34.36 -0.36 -46.53
N ALA H 81 34.42 -0.92 -47.75
CA ALA H 81 33.24 -1.54 -48.39
C ALA H 81 32.71 -2.70 -47.56
N ASP H 82 33.65 -3.46 -46.99
CA ASP H 82 33.27 -4.60 -46.15
C ASP H 82 32.60 -4.20 -44.83
N ALA H 83 32.98 -3.05 -44.28
CA ALA H 83 32.42 -2.53 -43.04
C ALA H 83 31.09 -1.86 -43.31
N ALA H 84 30.96 -1.22 -44.47
CA ALA H 84 29.66 -0.72 -44.88
C ALA H 84 28.65 -1.86 -45.02
N LEU H 85 29.02 -2.95 -45.70
CA LEU H 85 28.11 -4.06 -45.89
C LEU H 85 27.69 -4.66 -44.55
N LEU H 86 28.64 -4.87 -43.68
CA LEU H 86 28.35 -5.38 -42.35
C LEU H 86 27.35 -4.47 -41.58
N ASP H 87 27.57 -3.17 -41.64
CA ASP H 87 26.68 -2.21 -40.99
C ASP H 87 25.24 -2.26 -41.54
N GLU H 88 25.14 -2.32 -42.85
CA GLU H 88 23.88 -2.51 -43.52
C GLU H 88 23.15 -3.78 -43.03
N ILE H 90 23.63 -5.50 -40.00
CA ILE H 90 23.18 -5.27 -38.63
C ILE H 90 21.84 -4.47 -38.62
N ASN H 91 21.72 -3.49 -39.50
CA ASN H 91 20.48 -2.77 -39.60
C ASN H 91 19.37 -3.62 -40.20
N ASN H 92 19.71 -4.69 -40.90
CA ASN H 92 18.67 -5.61 -41.45
C ASN H 92 18.10 -6.57 -40.43
N ILE H 93 18.53 -6.49 -39.19
CA ILE H 93 17.84 -7.23 -38.14
C ILE H 93 17.17 -6.19 -37.26
N GLN H 94 15.84 -6.24 -37.18
CA GLN H 94 15.04 -5.20 -36.52
C GLN H 94 14.20 -5.86 -35.43
N PHE H 95 14.51 -5.50 -34.19
CA PHE H 95 13.73 -5.91 -33.06
C PHE H 95 12.69 -4.80 -32.74
N ILE H 96 11.43 -5.20 -32.51
CA ILE H 96 10.37 -4.31 -32.08
C ILE H 96 9.79 -4.77 -30.72
N PRO H 97 10.10 -4.03 -29.64
CA PRO H 97 9.61 -4.44 -28.29
C PRO H 97 8.10 -4.56 -28.26
N GLY H 98 7.57 -5.57 -27.60
CA GLY H 98 6.12 -5.74 -27.50
C GLY H 98 5.45 -4.65 -26.69
N ASP H 99 4.17 -4.42 -26.98
CA ASP H 99 3.27 -3.63 -26.14
C ASP H 99 2.25 -4.58 -25.53
N PHE H 100 2.50 -5.00 -24.29
CA PHE H 100 1.66 -6.01 -23.65
C PHE H 100 0.34 -5.47 -23.06
N THR H 101 0.02 -4.21 -23.38
CA THR H 101 -1.26 -3.55 -23.06
C THR H 101 -2.23 -3.88 -24.18
N ARG H 102 -1.68 -4.32 -25.29
CA ARG H 102 -2.32 -4.33 -26.60
C ARG H 102 -2.35 -5.76 -27.17
N ALA H 103 -1.85 -6.71 -26.37
CA ALA H 103 -1.52 -8.08 -26.82
C ALA H 103 -0.56 -8.11 -28.01
N VAL H 104 0.28 -7.08 -28.12
CA VAL H 104 1.39 -7.05 -29.09
C VAL H 104 2.62 -7.61 -28.42
N ASN H 105 3.19 -8.67 -29.01
CA ASN H 105 4.34 -9.34 -28.43
C ASN H 105 5.65 -8.91 -29.05
N ASP H 106 6.76 -9.30 -28.40
CA ASP H 106 8.12 -9.05 -28.88
C ASP H 106 8.29 -9.73 -30.22
N SER H 107 8.92 -9.05 -31.16
CA SER H 107 9.12 -9.59 -32.51
C SER H 107 10.40 -9.12 -33.23
N VAL H 108 10.91 -9.97 -34.12
CA VAL H 108 12.18 -9.69 -34.75
C VAL H 108 12.05 -10.02 -36.21
N LYS H 109 12.55 -9.12 -37.05
CA LYS H 109 12.53 -9.27 -38.49
C LYS H 109 13.97 -9.27 -39.02
N LEU H 110 14.22 -10.10 -40.03
CA LEU H 110 15.51 -10.19 -40.68
C LEU H 110 15.33 -10.12 -42.20
N ILE H 111 15.98 -9.12 -42.84
CA ILE H 111 15.95 -8.97 -44.28
C ILE H 111 17.17 -9.69 -44.88
N ALA H 112 16.95 -10.41 -45.99
CA ALA H 112 18.04 -11.01 -46.78
C ALA H 112 17.68 -11.04 -48.28
N GLU H 113 18.61 -11.57 -49.10
CA GLU H 113 18.50 -11.55 -50.55
C GLU H 113 17.72 -12.72 -51.14
N THR H 114 17.49 -13.76 -50.34
CA THR H 114 16.59 -14.85 -50.75
C THR H 114 15.71 -15.33 -49.63
N ALA H 115 14.58 -15.90 -50.00
CA ALA H 115 13.64 -16.44 -49.04
C ALA H 115 14.22 -17.52 -48.10
N PRO H 116 14.92 -18.55 -48.63
CA PRO H 116 15.53 -19.52 -47.69
C PRO H 116 16.55 -18.88 -46.74
N ASP H 117 17.30 -17.91 -47.25
CA ASP H 117 18.28 -17.20 -46.44
C ASP H 117 17.60 -16.42 -45.32
N ALA H 118 16.50 -15.74 -45.64
CA ALA H 118 15.82 -14.93 -44.61
C ALA H 118 15.40 -15.84 -43.47
N ASN H 119 14.90 -17.02 -43.81
CA ASN H 119 14.39 -17.98 -42.81
C ASN H 119 15.50 -18.67 -42.00
N ASN H 120 16.47 -19.26 -42.70
CA ASN H 120 17.53 -19.98 -42.04
C ASN H 120 18.30 -19.01 -41.14
N LEU H 121 18.59 -17.82 -41.67
CA LEU H 121 19.39 -16.84 -40.91
C LEU H 121 18.67 -16.40 -39.63
N LEU H 122 17.37 -16.15 -39.70
CA LEU H 122 16.65 -15.65 -38.53
C LEU H 122 16.63 -16.73 -37.48
N ARG H 123 16.44 -17.98 -37.93
CA ARG H 123 16.48 -19.13 -37.05
C ARG H 123 17.82 -19.20 -36.36
N GLN H 124 18.89 -18.99 -37.13
CA GLN H 124 20.21 -19.10 -36.58
C GLN H 124 20.45 -17.95 -35.64
N TYR H 125 19.96 -16.76 -36.02
CA TYR H 125 20.07 -15.57 -35.17
C TYR H 125 19.38 -15.75 -33.82
N VAL H 126 18.15 -16.26 -33.85
CA VAL H 126 17.40 -16.43 -32.61
C VAL H 126 18.15 -17.39 -31.68
N ALA H 127 18.62 -18.52 -32.23
CA ALA H 127 19.46 -19.48 -31.48
C ALA H 127 20.80 -18.88 -30.99
N PHE H 128 21.43 -18.03 -31.80
CA PHE H 128 22.68 -17.40 -31.42
C PHE H 128 22.38 -16.50 -30.20
N ALA H 129 21.36 -15.64 -30.30
CA ALA H 129 21.06 -14.74 -29.19
C ALA H 129 20.74 -15.54 -27.92
N SER H 130 19.97 -16.60 -28.07
CA SER H 130 19.53 -17.39 -26.94
C SER H 130 20.68 -18.10 -26.27
N GLN H 131 21.64 -18.59 -27.04
CA GLN H 131 22.87 -19.19 -26.52
C GLN H 131 23.70 -18.19 -25.69
N ARG H 132 23.79 -16.95 -26.14
CA ARG H 132 24.50 -15.92 -25.42
C ARG H 132 23.80 -15.59 -24.08
N ALA H 133 22.46 -15.58 -24.11
CA ALA H 133 21.66 -15.38 -22.91
C ALA H 133 21.87 -16.48 -21.88
N ALA H 134 21.80 -17.73 -22.33
CA ALA H 134 22.14 -18.86 -21.49
C ALA H 134 23.56 -18.77 -20.87
N SER H 135 24.60 -18.52 -21.67
CA SER H 135 25.96 -18.40 -21.12
C SER H 135 26.05 -17.34 -20.02
N HIS H 136 25.32 -16.25 -20.24
CA HIS H 136 25.39 -15.14 -19.36
C HIS H 136 24.61 -15.39 -18.07
N LEU H 137 23.44 -16.02 -18.18
CA LEU H 137 22.66 -16.41 -17.01
C LEU H 137 23.42 -17.40 -16.16
N ASN H 138 24.22 -18.23 -16.83
CA ASN H 138 25.15 -19.10 -16.12
C ASN H 138 26.34 -18.40 -15.42
N ASP H 139 27.02 -17.45 -16.06
CA ASP H 139 28.04 -16.66 -15.38
C ASP H 139 27.44 -16.03 -14.12
N GLU H 140 26.23 -15.45 -14.26
CA GLU H 140 25.51 -14.87 -13.12
C GLU H 140 25.27 -15.86 -12.02
N LEU H 141 24.78 -17.04 -12.41
CA LEU H 141 24.51 -18.09 -11.44
C LEU H 141 25.80 -18.45 -10.71
N LYS H 142 26.84 -18.80 -11.45
CA LYS H 142 28.13 -19.14 -10.88
C LYS H 142 28.62 -18.06 -9.91
N GLY H 143 28.43 -16.80 -10.27
CA GLY H 143 28.87 -15.69 -9.42
C GLY H 143 27.92 -15.40 -8.26
N ALA H 144 26.72 -15.98 -8.28
CA ALA H 144 25.74 -15.72 -7.22
C ALA H 144 25.90 -16.81 -6.14
N TRP H 145 26.18 -18.02 -6.62
CA TRP H 145 26.46 -19.15 -5.79
C TRP H 145 27.75 -18.90 -5.02
N ALA H 146 28.79 -18.50 -5.75
CA ALA H 146 30.09 -18.22 -5.15
C ALA H 146 29.98 -17.22 -4.02
N ALA H 147 29.30 -16.10 -4.27
CA ALA H 147 29.10 -15.09 -3.24
C ALA H 147 28.35 -15.67 -2.02
N ARG H 148 27.29 -16.43 -2.28
CA ARG H 148 26.50 -16.99 -1.22
C ARG H 148 27.33 -17.97 -0.39
N THR H 149 28.18 -18.76 -1.04
CA THR H 149 29.06 -19.70 -0.35
C THR H 149 30.06 -19.03 0.58
N ILE H 150 30.50 -17.84 0.19
CA ILE H 150 31.49 -17.08 0.94
C ILE H 150 30.80 -16.48 2.17
N GLN H 151 29.60 -15.95 1.96
CA GLN H 151 28.83 -15.38 3.06
C GLN H 151 28.46 -16.48 4.05
N LYS H 153 30.13 -19.46 4.70
CA LYS H 153 31.35 -19.84 5.41
C LYS H 153 31.69 -18.90 6.56
N ALA H 154 31.59 -17.60 6.30
CA ALA H 154 31.94 -16.59 7.30
C ALA H 154 30.92 -16.57 8.46
N GLN H 155 29.65 -16.70 8.13
CA GLN H 155 28.59 -16.81 9.13
C GLN H 155 28.87 -17.95 10.11
N VAL H 156 29.09 -19.14 9.57
CA VAL H 156 29.52 -20.31 10.34
C VAL H 156 30.79 -20.04 11.14
N LYS H 157 31.77 -19.39 10.52
CA LYS H 157 33.01 -19.02 11.21
C LYS H 157 32.78 -18.06 12.40
N ARG H 158 31.94 -17.05 12.20
CA ARG H 158 31.52 -16.18 13.33
C ARG H 158 30.76 -16.97 14.39
N GLN H 159 29.98 -17.97 13.98
CA GLN H 159 29.25 -18.80 14.93
C GLN H 159 30.19 -19.64 15.78
N GLU H 160 31.23 -20.20 15.16
CA GLU H 160 32.27 -20.95 15.88
C GLU H 160 33.07 -20.06 16.83
N GLU H 161 33.35 -18.83 16.43
CA GLU H 161 34.07 -17.92 17.32
C GLU H 161 33.21 -17.49 18.51
N VAL H 162 31.91 -17.35 18.31
CA VAL H 162 30.95 -17.07 19.38
C VAL H 162 30.87 -18.24 20.37
N ALA H 163 30.76 -19.45 19.85
CA ALA H 163 30.73 -20.61 20.71
C ALA H 163 32.04 -20.76 21.50
N LYS H 164 33.14 -20.27 20.92
CA LYS H 164 34.46 -20.41 21.53
C LYS H 164 34.65 -19.45 22.70
N ALA H 165 34.22 -18.21 22.52
CA ALA H 165 34.28 -17.23 23.59
C ALA H 165 33.43 -17.65 24.79
N ILE H 166 32.26 -18.24 24.52
CA ILE H 166 31.32 -18.67 25.57
C ILE H 166 31.91 -19.84 26.34
N TYR H 167 32.37 -20.83 25.59
CA TYR H 167 33.09 -21.96 26.13
C TYR H 167 34.24 -21.53 27.06
N ASP H 168 35.14 -20.67 26.57
CA ASP H 168 36.25 -20.18 27.39
C ASP H 168 35.73 -19.50 28.66
N ARG H 169 34.69 -18.68 28.52
CA ARG H 169 34.14 -17.96 29.66
C ARG H 169 33.61 -18.95 30.69
N ARG H 170 32.82 -19.93 30.23
CA ARG H 170 32.31 -20.98 31.12
C ARG H 170 33.43 -21.81 31.76
N ASN H 172 36.48 -20.97 32.29
CA ASN H 172 37.17 -20.17 33.27
C ASN H 172 36.33 -19.99 34.52
N SER H 173 35.02 -20.16 34.37
CA SER H 173 34.12 -20.02 35.49
C SER H 173 33.94 -21.32 36.29
N ILE H 174 34.16 -22.48 35.66
CA ILE H 174 34.04 -23.76 36.37
C ILE H 174 35.29 -24.01 37.19
N GLU H 175 36.37 -23.32 36.82
CA GLU H 175 37.65 -23.49 37.50
C GLU H 175 37.64 -23.04 38.97
N GLN H 176 37.07 -21.86 39.23
CA GLN H 176 37.27 -21.24 40.55
C GLN H 176 36.06 -21.38 41.47
N GLN H 212 35.20 -32.05 40.69
CA GLN H 212 35.96 -31.47 39.57
C GLN H 212 35.52 -32.04 38.23
N ALA H 213 34.56 -32.96 38.29
CA ALA H 213 34.15 -33.73 37.11
C ALA H 213 33.67 -32.84 35.97
N ARG H 214 32.89 -31.82 36.31
CA ARG H 214 32.21 -31.00 35.30
C ARG H 214 33.19 -30.11 34.52
N LEU H 215 34.40 -29.97 35.06
CA LEU H 215 35.51 -29.34 34.34
C LEU H 215 36.00 -30.27 33.26
N GLU H 216 36.08 -31.57 33.58
CA GLU H 216 36.54 -32.53 32.60
C GLU H 216 35.48 -32.78 31.54
N ASN H 217 34.21 -32.78 31.97
CA ASN H 217 33.08 -32.83 31.05
C ASN H 217 33.15 -31.75 29.99
N LEU H 218 33.21 -30.50 30.45
CA LEU H 218 33.31 -29.36 29.57
C LEU H 218 34.55 -29.46 28.68
N GLN H 219 35.66 -29.83 29.28
CA GLN H 219 36.94 -29.93 28.60
C GLN H 219 36.92 -30.90 27.41
N ALA H 220 36.13 -31.97 27.50
CA ALA H 220 36.12 -32.99 26.45
C ALA H 220 34.96 -32.90 25.43
N VAL H 221 33.97 -32.05 25.70
CA VAL H 221 32.77 -31.93 24.87
C VAL H 221 32.88 -30.78 23.85
N GLY H 222 33.84 -29.88 24.09
CA GLY H 222 34.02 -28.70 23.27
C GLY H 222 32.87 -27.72 23.43
N PRO H 223 32.86 -26.68 22.58
CA PRO H 223 31.81 -25.66 22.58
C PRO H 223 30.41 -26.20 22.25
N ALA H 224 29.39 -25.50 22.72
CA ALA H 224 28.00 -25.91 22.52
C ALA H 224 27.47 -25.27 21.25
N PHE H 225 26.98 -26.10 20.34
CA PHE H 225 26.50 -25.60 19.06
C PHE H 225 25.00 -25.72 18.95
N ASP H 226 24.36 -24.62 18.55
CA ASP H 226 22.90 -24.61 18.41
C ASP H 226 22.46 -25.29 17.13
N LEU H 227 21.15 -25.56 17.03
CA LEU H 227 20.60 -26.19 15.85
C LEU H 227 20.91 -25.31 14.64
N ASP H 228 20.72 -24.00 14.79
CA ASP H 228 21.02 -23.05 13.72
C ASP H 228 22.40 -23.30 13.09
N TYR H 229 23.44 -23.47 13.91
CA TYR H 229 24.78 -23.81 13.44
C TYR H 229 24.81 -25.10 12.62
N ASP H 230 24.13 -26.13 13.10
CA ASP H 230 24.14 -27.40 12.41
C ASP H 230 23.44 -27.33 11.06
N GLN H 231 22.35 -26.57 10.98
CA GLN H 231 21.65 -26.29 9.71
C GLN H 231 22.54 -25.59 8.71
N ASN H 232 23.21 -24.54 9.19
CA ASN H 232 24.20 -23.81 8.41
C ASN H 232 25.34 -24.69 7.89
N ARG H 233 25.81 -25.62 8.72
CA ARG H 233 26.84 -26.58 8.32
C ARG H 233 26.45 -27.46 7.15
N ALA H 234 25.22 -27.97 7.16
CA ALA H 234 24.74 -28.87 6.12
C ALA H 234 24.40 -28.10 4.84
N LEU H 236 25.96 -25.52 3.95
CA LEU H 236 27.28 -25.21 3.45
C LEU H 236 27.79 -26.34 2.57
N ASN H 237 27.50 -27.58 2.98
CA ASN H 237 27.97 -28.75 2.25
C ASN H 237 27.45 -28.76 0.83
N THR H 238 26.15 -28.52 0.70
CA THR H 238 25.51 -28.52 -0.62
C THR H 238 26.06 -27.37 -1.45
N LEU H 239 26.34 -26.25 -0.80
CA LEU H 239 26.92 -25.08 -1.49
C LEU H 239 28.31 -25.40 -2.04
N ASN H 240 29.13 -26.07 -1.25
CA ASN H 240 30.45 -26.50 -1.70
C ASN H 240 30.46 -27.47 -2.88
N VAL H 241 29.33 -28.07 -3.18
CA VAL H 241 29.27 -28.88 -4.40
C VAL H 241 29.35 -27.96 -5.61
N GLY H 242 28.72 -26.79 -5.51
CA GLY H 242 28.75 -25.80 -6.58
C GLY H 242 27.85 -26.18 -7.74
N PRO H 243 27.29 -25.17 -8.42
CA PRO H 243 26.20 -25.33 -9.37
C PRO H 243 26.62 -26.10 -10.61
N THR H 244 25.71 -26.82 -11.23
CA THR H 244 25.93 -27.42 -12.55
C THR H 244 25.57 -26.37 -13.60
N LEU H 245 26.52 -26.06 -14.47
CA LEU H 245 26.33 -24.99 -15.46
C LEU H 245 26.13 -25.59 -16.85
N ASP H 246 24.88 -25.93 -17.14
CA ASP H 246 24.54 -26.54 -18.39
C ASP H 246 24.37 -25.41 -19.38
N PRO H 247 25.20 -25.38 -20.44
CA PRO H 247 25.14 -24.29 -21.43
C PRO H 247 23.97 -24.45 -22.38
N ARG H 248 23.46 -25.67 -22.50
CA ARG H 248 22.38 -25.95 -23.43
C ARG H 248 21.27 -24.92 -23.30
N PHE H 249 20.52 -24.98 -22.19
CA PHE H 249 19.15 -24.46 -22.08
C PHE H 249 18.67 -23.32 -23.01
N GLN H 250 17.36 -23.29 -23.20
CA GLN H 250 16.77 -22.36 -24.16
C GLN H 250 16.16 -21.23 -23.35
N THR H 251 15.98 -20.08 -23.98
CA THR H 251 15.73 -18.86 -23.22
C THR H 251 14.53 -18.00 -23.68
N TYR H 252 13.73 -18.58 -24.57
CA TYR H 252 12.55 -17.97 -25.18
C TYR H 252 11.72 -19.15 -25.65
N ARG H 253 10.45 -18.92 -25.93
CA ARG H 253 9.69 -19.85 -26.78
C ARG H 253 9.17 -19.06 -27.97
N TYR H 254 8.86 -19.74 -29.05
CA TYR H 254 8.31 -19.10 -30.22
C TYR H 254 6.77 -19.10 -30.13
N LEU H 255 6.20 -17.95 -30.46
CA LEU H 255 4.80 -17.79 -30.74
C LEU H 255 4.67 -17.72 -32.27
N ARG H 256 5.73 -17.24 -32.92
CA ARG H 256 5.84 -17.30 -34.36
C ARG H 256 7.24 -17.68 -34.71
N THR H 257 7.36 -18.85 -35.34
CA THR H 257 8.62 -19.39 -35.79
C THR H 257 8.88 -18.83 -37.18
N PRO H 258 10.15 -18.47 -37.49
CA PRO H 258 10.44 -18.03 -38.87
C PRO H 258 10.05 -19.08 -39.89
N GLU H 259 9.55 -18.60 -41.03
CA GLU H 259 9.27 -19.45 -42.16
C GLU H 259 9.71 -18.71 -43.42
N GLU H 260 9.85 -19.44 -44.53
CA GLU H 260 10.22 -18.85 -45.79
C GLU H 260 9.11 -17.90 -46.26
N PRO H 261 9.42 -16.62 -46.46
CA PRO H 261 8.37 -15.69 -46.85
C PRO H 261 7.89 -16.07 -48.24
N VAL H 262 6.60 -15.86 -48.53
CA VAL H 262 6.05 -16.26 -49.84
C VAL H 262 6.22 -15.18 -50.90
N LYS H 263 6.63 -13.98 -50.47
CA LYS H 263 6.82 -12.87 -51.42
C LYS H 263 7.93 -11.93 -50.96
N ARG H 264 8.45 -11.15 -51.91
CA ARG H 264 9.48 -10.12 -51.66
C ARG H 264 9.00 -9.03 -50.71
N ASP H 265 9.94 -8.35 -50.07
CA ASP H 265 9.64 -7.16 -49.27
C ASP H 265 9.19 -5.98 -50.15
#